data_2XZR
# 
_entry.id   2XZR 
# 
_audit_conform.dict_name       mmcif_pdbx.dic 
_audit_conform.dict_version    5.383 
_audit_conform.dict_location   http://mmcif.pdb.org/dictionaries/ascii/mmcif_pdbx.dic 
# 
loop_
_database_2.database_id 
_database_2.database_code 
_database_2.pdbx_database_accession 
_database_2.pdbx_DOI 
PDB   2XZR         pdb_00002xzr 10.2210/pdb2xzr/pdb 
PDBE  EBI-46417    ?            ?                   
WWPDB D_1290046417 ?            ?                   
# 
_pdbx_database_related.db_name        PDB 
_pdbx_database_related.db_id          2XQH 
_pdbx_database_related.content_type   unspecified 
_pdbx_database_related.details        
'CRYSTAL STRUCTURE OF AN IMMUNOGLOBULIN-BINDING FRAGMENT OF THE TRIMERIC AUTOTRANSPORTER ADHESIN EIBD' 
# 
_pdbx_database_status.status_code                     REL 
_pdbx_database_status.entry_id                        2XZR 
_pdbx_database_status.deposit_site                    PDBE 
_pdbx_database_status.process_site                    PDBE 
_pdbx_database_status.SG_entry                        . 
_pdbx_database_status.recvd_initial_deposition_date   2010-11-28 
_pdbx_database_status.pdb_format_compatible           Y 
_pdbx_database_status.status_code_sf                  REL 
_pdbx_database_status.status_code_mr                  ? 
_pdbx_database_status.status_code_cs                  ? 
_pdbx_database_status.methods_development_category    ? 
_pdbx_database_status.status_code_nmr_data            ? 
# 
loop_
_audit_author.name 
_audit_author.pdbx_ordinal 
'Hartmann, M.D.'        1 
'Hernandez Alvarez, B.' 2 
'Ridderbusch, O.'       3 
'Deiss, S.'             4 
'Lupas, A.N.'           5 
# 
_citation.id                        primary 
_citation.title                     
;The Structure of E. Coli Igg-Binding Protein D Suggests a General Model for Bending and Binding in Trimeric Autotransporter Adhesins.
;
_citation.journal_abbrev            Structure 
_citation.journal_volume            19 
_citation.page_first                1021 
_citation.page_last                 ? 
_citation.year                      2011 
_citation.journal_id_ASTM           STRUE6 
_citation.country                   UK 
_citation.journal_id_ISSN           0969-2126 
_citation.journal_id_CSD            2005 
_citation.book_publisher            ? 
_citation.pdbx_database_id_PubMed   21742268 
_citation.pdbx_database_id_DOI      10.1016/J.STR.2011.03.021 
# 
loop_
_citation_author.citation_id 
_citation_author.name 
_citation_author.ordinal 
_citation_author.identifier_ORCID 
primary 'Leo, J.C.'      1 ? 
primary 'Lyskowski, A.'  2 ? 
primary 'Hattula, K.'    3 ? 
primary 'Hartmann, M.D.' 4 ? 
primary 'Schwarz, H.'    5 ? 
primary 'Butcher, S.J.'  6 ? 
primary 'Linke, D.'      7 ? 
primary 'Lupas, A.N.'    8 ? 
primary 'Goldman, A.'    9 ? 
# 
_cell.entry_id           2XZR 
_cell.length_a           36.670 
_cell.length_b           36.670 
_cell.length_c           228.580 
_cell.angle_alpha        90.00 
_cell.angle_beta         90.00 
_cell.angle_gamma        120.00 
_cell.Z_PDB              6 
_cell.pdbx_unique_axis   ? 
# 
_symmetry.entry_id                         2XZR 
_symmetry.space_group_name_H-M             'P 3 2 1' 
_symmetry.pdbx_full_space_group_name_H-M   ? 
_symmetry.cell_setting                     ? 
_symmetry.Int_Tables_number                150 
# 
loop_
_entity.id 
_entity.type 
_entity.src_method 
_entity.pdbx_description 
_entity.formula_weight 
_entity.pdbx_number_of_molecules 
_entity.pdbx_ec 
_entity.pdbx_mutation 
_entity.pdbx_fragment 
_entity.details 
1 polymer     man 'IMMUNOGLOBULIN-BINDING PROTEIN EIBD' 13552.596 1 ? ? 'RESIDUES 391-438' 
'N- AND C-TERMINAL IN-REGISTER FUSION TO GCN4 ADAPTORS' 
2 non-polymer syn 'CHLORIDE ION'                        35.453    4 ? ? ?                  ? 
3 water       nat water                                 18.015    6 ? ? ?                  ? 
# 
_entity_poly.entity_id                      1 
_entity_poly.type                           'polypeptide(L)' 
_entity_poly.nstd_linkage                   no 
_entity_poly.nstd_monomer                   no 
_entity_poly.pdbx_seq_one_letter_code       
;MKQIEDKIEEILSKIYHIENEIARIKKLIGAIDGRVTRNTQSIEKNSKAIAANTRTLQQHSARLDSQQRQINENHKEMKQ
IEDKIEEILSKIYHIENEIARIKKLIKLHHHHHH
;
_entity_poly.pdbx_seq_one_letter_code_can   
;MKQIEDKIEEILSKIYHIENEIARIKKLIGAIDGRVTRNTQSIEKNSKAIAANTRTLQQHSARLDSQQRQINENHKEMKQ
IEDKIEEILSKIYHIENEIARIKKLIKLHHHHHH
;
_entity_poly.pdbx_strand_id                 A 
_entity_poly.pdbx_target_identifier         ? 
# 
loop_
_entity_poly_seq.entity_id 
_entity_poly_seq.num 
_entity_poly_seq.mon_id 
_entity_poly_seq.hetero 
1 1   MET n 
1 2   LYS n 
1 3   GLN n 
1 4   ILE n 
1 5   GLU n 
1 6   ASP n 
1 7   LYS n 
1 8   ILE n 
1 9   GLU n 
1 10  GLU n 
1 11  ILE n 
1 12  LEU n 
1 13  SER n 
1 14  LYS n 
1 15  ILE n 
1 16  TYR n 
1 17  HIS n 
1 18  ILE n 
1 19  GLU n 
1 20  ASN n 
1 21  GLU n 
1 22  ILE n 
1 23  ALA n 
1 24  ARG n 
1 25  ILE n 
1 26  LYS n 
1 27  LYS n 
1 28  LEU n 
1 29  ILE n 
1 30  GLY n 
1 31  ALA n 
1 32  ILE n 
1 33  ASP n 
1 34  GLY n 
1 35  ARG n 
1 36  VAL n 
1 37  THR n 
1 38  ARG n 
1 39  ASN n 
1 40  THR n 
1 41  GLN n 
1 42  SER n 
1 43  ILE n 
1 44  GLU n 
1 45  LYS n 
1 46  ASN n 
1 47  SER n 
1 48  LYS n 
1 49  ALA n 
1 50  ILE n 
1 51  ALA n 
1 52  ALA n 
1 53  ASN n 
1 54  THR n 
1 55  ARG n 
1 56  THR n 
1 57  LEU n 
1 58  GLN n 
1 59  GLN n 
1 60  HIS n 
1 61  SER n 
1 62  ALA n 
1 63  ARG n 
1 64  LEU n 
1 65  ASP n 
1 66  SER n 
1 67  GLN n 
1 68  GLN n 
1 69  ARG n 
1 70  GLN n 
1 71  ILE n 
1 72  ASN n 
1 73  GLU n 
1 74  ASN n 
1 75  HIS n 
1 76  LYS n 
1 77  GLU n 
1 78  MET n 
1 79  LYS n 
1 80  GLN n 
1 81  ILE n 
1 82  GLU n 
1 83  ASP n 
1 84  LYS n 
1 85  ILE n 
1 86  GLU n 
1 87  GLU n 
1 88  ILE n 
1 89  LEU n 
1 90  SER n 
1 91  LYS n 
1 92  ILE n 
1 93  TYR n 
1 94  HIS n 
1 95  ILE n 
1 96  GLU n 
1 97  ASN n 
1 98  GLU n 
1 99  ILE n 
1 100 ALA n 
1 101 ARG n 
1 102 ILE n 
1 103 LYS n 
1 104 LYS n 
1 105 LEU n 
1 106 ILE n 
1 107 LYS n 
1 108 LEU n 
1 109 HIS n 
1 110 HIS n 
1 111 HIS n 
1 112 HIS n 
1 113 HIS n 
1 114 HIS n 
# 
_entity_src_gen.entity_id                          1 
_entity_src_gen.pdbx_src_id                        1 
_entity_src_gen.pdbx_alt_source_flag               sample 
_entity_src_gen.pdbx_seq_type                      ? 
_entity_src_gen.pdbx_beg_seq_num                   ? 
_entity_src_gen.pdbx_end_seq_num                   ? 
_entity_src_gen.gene_src_common_name               ? 
_entity_src_gen.gene_src_genus                     ? 
_entity_src_gen.pdbx_gene_src_gene                 ? 
_entity_src_gen.gene_src_species                   ? 
_entity_src_gen.gene_src_strain                    ? 
_entity_src_gen.gene_src_tissue                    ? 
_entity_src_gen.gene_src_tissue_fraction           ? 
_entity_src_gen.gene_src_details                   ? 
_entity_src_gen.pdbx_gene_src_fragment             ? 
_entity_src_gen.pdbx_gene_src_scientific_name      'ENTEROBACTERIA PHAGE P-EIBD' 
_entity_src_gen.pdbx_gene_src_ncbi_taxonomy_id     120163 
_entity_src_gen.pdbx_gene_src_variant              ? 
_entity_src_gen.pdbx_gene_src_cell_line            ? 
_entity_src_gen.pdbx_gene_src_atcc                 ? 
_entity_src_gen.pdbx_gene_src_organ                ? 
_entity_src_gen.pdbx_gene_src_organelle            ? 
_entity_src_gen.pdbx_gene_src_cell                 ? 
_entity_src_gen.pdbx_gene_src_cellular_location    ? 
_entity_src_gen.host_org_common_name               ? 
_entity_src_gen.pdbx_host_org_scientific_name      'ESCHERICHIA COLI' 
_entity_src_gen.pdbx_host_org_ncbi_taxonomy_id     562 
_entity_src_gen.host_org_genus                     ? 
_entity_src_gen.pdbx_host_org_gene                 ? 
_entity_src_gen.pdbx_host_org_organ                ? 
_entity_src_gen.host_org_species                   ? 
_entity_src_gen.pdbx_host_org_tissue               ? 
_entity_src_gen.pdbx_host_org_tissue_fraction      ? 
_entity_src_gen.pdbx_host_org_strain               ? 
_entity_src_gen.pdbx_host_org_variant              ? 
_entity_src_gen.pdbx_host_org_cell_line            ? 
_entity_src_gen.pdbx_host_org_atcc                 ? 
_entity_src_gen.pdbx_host_org_culture_collection   ? 
_entity_src_gen.pdbx_host_org_cell                 ? 
_entity_src_gen.pdbx_host_org_organelle            ? 
_entity_src_gen.pdbx_host_org_cellular_location    ? 
_entity_src_gen.pdbx_host_org_vector_type          ? 
_entity_src_gen.pdbx_host_org_vector               ? 
_entity_src_gen.host_org_details                   ? 
_entity_src_gen.expression_system_id               ? 
_entity_src_gen.plasmid_name                       ? 
_entity_src_gen.plasmid_details                    ? 
_entity_src_gen.pdbx_description                   ? 
# 
loop_
_struct_ref.id 
_struct_ref.db_name 
_struct_ref.db_code 
_struct_ref.entity_id 
_struct_ref.pdbx_seq_one_letter_code 
_struct_ref.pdbx_align_begin 
_struct_ref.pdbx_db_accession 
_struct_ref.pdbx_db_isoform 
1 PDB 2XZR         1 ? ? 2XZR   ? 
2 UNP Q9MCI8_9CAUD 1 ? ? Q9MCI8 ? 
# 
loop_
_struct_ref_seq.align_id 
_struct_ref_seq.ref_id 
_struct_ref_seq.pdbx_PDB_id_code 
_struct_ref_seq.pdbx_strand_id 
_struct_ref_seq.seq_align_beg 
_struct_ref_seq.pdbx_seq_align_beg_ins_code 
_struct_ref_seq.seq_align_end 
_struct_ref_seq.pdbx_seq_align_end_ins_code 
_struct_ref_seq.pdbx_db_accession 
_struct_ref_seq.db_align_beg 
_struct_ref_seq.pdbx_db_align_beg_ins_code 
_struct_ref_seq.db_align_end 
_struct_ref_seq.pdbx_db_align_end_ins_code 
_struct_ref_seq.pdbx_auth_seq_align_beg 
_struct_ref_seq.pdbx_auth_seq_align_end 
1 1 2XZR A 1  ? 29  ? 2XZR   362 ? 390 ? 362 390 
2 2 2XZR A 30 ? 79  ? Q9MCI8 391 ? 440 ? 391 440 
3 1 2XZR A 80 ? 114 ? 2XZR   441 ? 475 ? 441 475 
# 
loop_
_chem_comp.id 
_chem_comp.type 
_chem_comp.mon_nstd_flag 
_chem_comp.name 
_chem_comp.pdbx_synonyms 
_chem_comp.formula 
_chem_comp.formula_weight 
ALA 'L-peptide linking' y ALANINE         ? 'C3 H7 N O2'     89.093  
ARG 'L-peptide linking' y ARGININE        ? 'C6 H15 N4 O2 1' 175.209 
ASN 'L-peptide linking' y ASPARAGINE      ? 'C4 H8 N2 O3'    132.118 
ASP 'L-peptide linking' y 'ASPARTIC ACID' ? 'C4 H7 N O4'     133.103 
CL  non-polymer         . 'CHLORIDE ION'  ? 'Cl -1'          35.453  
GLN 'L-peptide linking' y GLUTAMINE       ? 'C5 H10 N2 O3'   146.144 
GLU 'L-peptide linking' y 'GLUTAMIC ACID' ? 'C5 H9 N O4'     147.129 
GLY 'peptide linking'   y GLYCINE         ? 'C2 H5 N O2'     75.067  
HIS 'L-peptide linking' y HISTIDINE       ? 'C6 H10 N3 O2 1' 156.162 
HOH non-polymer         . WATER           ? 'H2 O'           18.015  
ILE 'L-peptide linking' y ISOLEUCINE      ? 'C6 H13 N O2'    131.173 
LEU 'L-peptide linking' y LEUCINE         ? 'C6 H13 N O2'    131.173 
LYS 'L-peptide linking' y LYSINE          ? 'C6 H15 N2 O2 1' 147.195 
MET 'L-peptide linking' y METHIONINE      ? 'C5 H11 N O2 S'  149.211 
SER 'L-peptide linking' y SERINE          ? 'C3 H7 N O3'     105.093 
THR 'L-peptide linking' y THREONINE       ? 'C4 H9 N O3'     119.119 
TYR 'L-peptide linking' y TYROSINE        ? 'C9 H11 N O3'    181.189 
VAL 'L-peptide linking' y VALINE          ? 'C5 H11 N O2'    117.146 
# 
_exptl.entry_id          2XZR 
_exptl.method            'X-RAY DIFFRACTION' 
_exptl.crystals_number   1 
# 
_exptl_crystal.id                    1 
_exptl_crystal.density_meas          ? 
_exptl_crystal.density_Matthews      3.5 
_exptl_crystal.density_percent_sol   64 
_exptl_crystal.description           NONE 
# 
_exptl_crystal_grow.crystal_id      1 
_exptl_crystal_grow.method          ? 
_exptl_crystal_grow.temp            ? 
_exptl_crystal_grow.temp_details    ? 
_exptl_crystal_grow.pH              7.5 
_exptl_crystal_grow.pdbx_pH_range   ? 
_exptl_crystal_grow.pdbx_details    '20% (V/V) 2-PROPANOL, 200 MM SODIUM CITRATE, 100 MM HEPES PH 7.5.' 
# 
_diffrn.id                     1 
_diffrn.ambient_temp           100 
_diffrn.ambient_temp_details   ? 
_diffrn.crystal_id             1 
# 
_diffrn_detector.diffrn_id              1 
_diffrn_detector.detector               CCD 
_diffrn_detector.type                   MARRESEARCH 
_diffrn_detector.pdbx_collection_date   ? 
_diffrn_detector.details                ? 
# 
_diffrn_radiation.diffrn_id                        1 
_diffrn_radiation.wavelength_id                    1 
_diffrn_radiation.pdbx_monochromatic_or_laue_m_l   M 
_diffrn_radiation.monochromator                    ? 
_diffrn_radiation.pdbx_diffrn_protocol             'SINGLE WAVELENGTH' 
_diffrn_radiation.pdbx_scattering_type             x-ray 
# 
_diffrn_radiation_wavelength.id           1 
_diffrn_radiation_wavelength.wavelength   1 
_diffrn_radiation_wavelength.wt           1.0 
# 
_diffrn_source.diffrn_id                   1 
_diffrn_source.source                      SYNCHROTRON 
_diffrn_source.type                        'SLS BEAMLINE X06DA' 
_diffrn_source.pdbx_synchrotron_site       SLS 
_diffrn_source.pdbx_synchrotron_beamline   X06DA 
_diffrn_source.pdbx_wavelength             1 
_diffrn_source.pdbx_wavelength_list        ? 
# 
_reflns.pdbx_diffrn_id               1 
_reflns.pdbx_ordinal                 1 
_reflns.entry_id                     2XZR 
_reflns.observed_criterion_sigma_I   -3.0 
_reflns.observed_criterion_sigma_F   ? 
_reflns.d_resolution_low             38.10 
_reflns.d_resolution_high            2.80 
_reflns.number_obs                   4931 
_reflns.number_all                   ? 
_reflns.percent_possible_obs         98.8 
_reflns.pdbx_Rmerge_I_obs            0.07 
_reflns.pdbx_Rsym_value              ? 
_reflns.pdbx_netI_over_sigmaI        9.77 
_reflns.B_iso_Wilson_estimate        49.2 
_reflns.pdbx_redundancy              2.81 
# 
_reflns_shell.pdbx_diffrn_id         1 
_reflns_shell.pdbx_ordinal           1 
_reflns_shell.d_res_high             2.80 
_reflns_shell.d_res_low              2.97 
_reflns_shell.percent_possible_all   99.1 
_reflns_shell.Rmerge_I_obs           0.25 
_reflns_shell.pdbx_Rsym_value        ? 
_reflns_shell.meanI_over_sigI_obs    4.09 
_reflns_shell.pdbx_redundancy        2.92 
# 
_refine.pdbx_refine_id                           'X-RAY DIFFRACTION' 
_refine.entry_id                                 2XZR 
_refine.pdbx_diffrn_id                           1 
_refine.pdbx_TLS_residual_ADP_flag               ? 
_refine.ls_number_reflns_obs                     4374 
_refine.ls_number_reflns_all                     ? 
_refine.pdbx_ls_sigma_I                          ? 
_refine.pdbx_ls_sigma_F                          . 
_refine.pdbx_data_cutoff_high_absF               ? 
_refine.pdbx_data_cutoff_low_absF                ? 
_refine.pdbx_data_cutoff_high_rms_absF           ? 
_refine.ls_d_res_low                             38.10 
_refine.ls_d_res_high                            2.80 
_refine.ls_percent_reflns_obs                    100.00 
_refine.ls_R_factor_obs                          0.26509 
_refine.ls_R_factor_all                          ? 
_refine.ls_R_factor_R_work                       0.25967 
_refine.ls_R_factor_R_free                       0.30775 
_refine.ls_R_factor_R_free_error                 ? 
_refine.ls_R_factor_R_free_error_details         ? 
_refine.ls_percent_reflns_R_free                 11.0 
_refine.ls_number_reflns_R_free                  541 
_refine.ls_number_parameters                     ? 
_refine.ls_number_restraints                     ? 
_refine.occupancy_min                            ? 
_refine.occupancy_max                            ? 
_refine.correlation_coeff_Fo_to_Fc               0.937 
_refine.correlation_coeff_Fo_to_Fc_free          0.913 
_refine.B_iso_mean                               45.006 
_refine.aniso_B[1][1]                            6.51 
_refine.aniso_B[2][2]                            6.51 
_refine.aniso_B[3][3]                            -9.77 
_refine.aniso_B[1][2]                            3.26 
_refine.aniso_B[1][3]                            0.00 
_refine.aniso_B[2][3]                            0.00 
_refine.solvent_model_details                    'BABINET MODEL WITH MASK' 
_refine.solvent_model_param_ksol                 ? 
_refine.solvent_model_param_bsol                 ? 
_refine.pdbx_solvent_vdw_probe_radii             1.40 
_refine.pdbx_solvent_ion_probe_radii             0.80 
_refine.pdbx_solvent_shrinkage_radii             0.80 
_refine.pdbx_ls_cross_valid_method               THROUGHOUT 
_refine.details                                  'HYDROGENS HAVE BEEN ADDED IN THE RIDING POSITIONS.' 
_refine.pdbx_starting_model                      'PDB ENTRY 2WPQ' 
_refine.pdbx_method_to_determine_struct          'MOLECULAR REPLACEMENT' 
_refine.pdbx_isotropic_thermal_model             ? 
_refine.pdbx_stereochemistry_target_values       'MAXIMUM LIKELIHOOD' 
_refine.pdbx_stereochem_target_val_spec_case     ? 
_refine.pdbx_R_Free_selection_details            RANDOM 
_refine.pdbx_overall_ESU_R                       0.765 
_refine.pdbx_overall_ESU_R_Free                  0.402 
_refine.overall_SU_ML                            0.308 
_refine.pdbx_overall_phase_error                 ? 
_refine.overall_SU_B                             36.008 
_refine.overall_SU_R_Cruickshank_DPI             ? 
_refine.pdbx_overall_SU_R_free_Cruickshank_DPI   ? 
_refine.pdbx_overall_SU_R_Blow_DPI               ? 
_refine.pdbx_overall_SU_R_free_Blow_DPI          ? 
# 
_refine_hist.pdbx_refine_id                   'X-RAY DIFFRACTION' 
_refine_hist.cycle_id                         LAST 
_refine_hist.pdbx_number_atoms_protein        869 
_refine_hist.pdbx_number_atoms_nucleic_acid   0 
_refine_hist.pdbx_number_atoms_ligand         4 
_refine_hist.number_atoms_solvent             6 
_refine_hist.number_atoms_total               879 
_refine_hist.d_res_high                       2.80 
_refine_hist.d_res_low                        38.10 
# 
loop_
_refine_ls_restr.type 
_refine_ls_restr.dev_ideal 
_refine_ls_restr.dev_ideal_target 
_refine_ls_restr.weight 
_refine_ls_restr.number 
_refine_ls_restr.pdbx_refine_id 
_refine_ls_restr.pdbx_restraint_function 
r_bond_refined_d             0.013  0.022  ? 875  'X-RAY DIFFRACTION' ? 
r_bond_other_d               0.001  0.020  ? 605  'X-RAY DIFFRACTION' ? 
r_angle_refined_deg          1.060  1.952  ? 1172 'X-RAY DIFFRACTION' ? 
r_angle_other_deg            0.791  3.000  ? 1492 'X-RAY DIFFRACTION' ? 
r_dihedral_angle_1_deg       2.905  5.000  ? 107  'X-RAY DIFFRACTION' ? 
r_dihedral_angle_2_deg       37.714 25.682 ? 44   'X-RAY DIFFRACTION' ? 
r_dihedral_angle_3_deg       22.194 15.000 ? 187  'X-RAY DIFFRACTION' ? 
r_dihedral_angle_4_deg       23.557 15.000 ? 6    'X-RAY DIFFRACTION' ? 
r_chiral_restr               0.051  0.200  ? 138  'X-RAY DIFFRACTION' ? 
r_gen_planes_refined         0.003  0.020  ? 949  'X-RAY DIFFRACTION' ? 
r_gen_planes_other           0.001  0.020  ? 149  'X-RAY DIFFRACTION' ? 
r_nbd_refined                ?      ?      ? ?    'X-RAY DIFFRACTION' ? 
r_nbd_other                  ?      ?      ? ?    'X-RAY DIFFRACTION' ? 
r_nbtor_refined              ?      ?      ? ?    'X-RAY DIFFRACTION' ? 
r_nbtor_other                ?      ?      ? ?    'X-RAY DIFFRACTION' ? 
r_xyhbond_nbd_refined        ?      ?      ? ?    'X-RAY DIFFRACTION' ? 
r_xyhbond_nbd_other          ?      ?      ? ?    'X-RAY DIFFRACTION' ? 
r_metal_ion_refined          ?      ?      ? ?    'X-RAY DIFFRACTION' ? 
r_metal_ion_other            ?      ?      ? ?    'X-RAY DIFFRACTION' ? 
r_symmetry_vdw_refined       ?      ?      ? ?    'X-RAY DIFFRACTION' ? 
r_symmetry_vdw_other         ?      ?      ? ?    'X-RAY DIFFRACTION' ? 
r_symmetry_hbond_refined     ?      ?      ? ?    'X-RAY DIFFRACTION' ? 
r_symmetry_hbond_other       ?      ?      ? ?    'X-RAY DIFFRACTION' ? 
r_symmetry_metal_ion_refined ?      ?      ? ?    'X-RAY DIFFRACTION' ? 
r_symmetry_metal_ion_other   ?      ?      ? ?    'X-RAY DIFFRACTION' ? 
r_mcbond_it                  0.751  1.500  ? 537  'X-RAY DIFFRACTION' ? 
r_mcbond_other               0.091  1.500  ? 217  'X-RAY DIFFRACTION' ? 
r_mcangle_it                 1.489  2.000  ? 870  'X-RAY DIFFRACTION' ? 
r_mcangle_other              ?      ?      ? ?    'X-RAY DIFFRACTION' ? 
r_scbond_it                  1.969  3.000  ? 338  'X-RAY DIFFRACTION' ? 
r_scbond_other               ?      ?      ? ?    'X-RAY DIFFRACTION' ? 
r_scangle_it                 3.608  4.500  ? 302  'X-RAY DIFFRACTION' ? 
r_scangle_other              ?      ?      ? ?    'X-RAY DIFFRACTION' ? 
r_long_range_B_refined       ?      ?      ? ?    'X-RAY DIFFRACTION' ? 
r_long_range_B_other         ?      ?      ? ?    'X-RAY DIFFRACTION' ? 
r_rigid_bond_restr           ?      ?      ? ?    'X-RAY DIFFRACTION' ? 
r_sphericity_free            ?      ?      ? ?    'X-RAY DIFFRACTION' ? 
r_sphericity_bonded          ?      ?      ? ?    'X-RAY DIFFRACTION' ? 
# 
_refine_ls_shell.pdbx_refine_id                   'X-RAY DIFFRACTION' 
_refine_ls_shell.pdbx_total_number_of_bins_used   20 
_refine_ls_shell.d_res_high                       2.800 
_refine_ls_shell.d_res_low                        2.872 
_refine_ls_shell.number_reflns_R_work             304 
_refine_ls_shell.R_factor_R_work                  0.312 
_refine_ls_shell.percent_reflns_obs               100.00 
_refine_ls_shell.R_factor_R_free                  0.318 
_refine_ls_shell.R_factor_R_free_error            ? 
_refine_ls_shell.percent_reflns_R_free            ? 
_refine_ls_shell.number_reflns_R_free             37 
_refine_ls_shell.number_reflns_all                ? 
_refine_ls_shell.R_factor_all                     ? 
# 
_struct.entry_id                  2XZR 
_struct.title                     'Escherichia coli Immunoglobulin-binding protein EibD 391-438 FUSED TO GCN4 ADAPTORS' 
_struct.pdbx_model_details        ? 
_struct.pdbx_CASP_flag            ? 
_struct.pdbx_model_type_details   ? 
# 
_struct_keywords.entry_id        2XZR 
_struct_keywords.pdbx_keywords   'CELL ADHESION' 
_struct_keywords.text            'CELL ADHESION, TRIMERIC AUTOTRANSPORTER ADHESIN, TAA, PROTEIN EXPORT' 
# 
loop_
_struct_asym.id 
_struct_asym.pdbx_blank_PDB_chainid_flag 
_struct_asym.pdbx_modified 
_struct_asym.entity_id 
_struct_asym.details 
A N N 1 ? 
B N N 2 ? 
C N N 2 ? 
D N N 2 ? 
E N N 2 ? 
F N N 3 ? 
# 
_struct_biol.id   1 
# 
_struct_conf.conf_type_id            HELX_P 
_struct_conf.id                      HELX_P1 
_struct_conf.pdbx_PDB_helix_id       1 
_struct_conf.beg_label_comp_id       LYS 
_struct_conf.beg_label_asym_id       A 
_struct_conf.beg_label_seq_id        2 
_struct_conf.pdbx_beg_PDB_ins_code   ? 
_struct_conf.end_label_comp_id       HIS 
_struct_conf.end_label_asym_id       A 
_struct_conf.end_label_seq_id        109 
_struct_conf.pdbx_end_PDB_ins_code   ? 
_struct_conf.beg_auth_comp_id        LYS 
_struct_conf.beg_auth_asym_id        A 
_struct_conf.beg_auth_seq_id         363 
_struct_conf.end_auth_comp_id        HIS 
_struct_conf.end_auth_asym_id        A 
_struct_conf.end_auth_seq_id         470 
_struct_conf.pdbx_PDB_helix_class    1 
_struct_conf.details                 ? 
_struct_conf.pdbx_PDB_helix_length   108 
# 
_struct_conf_type.id          HELX_P 
_struct_conf_type.criteria    ? 
_struct_conf_type.reference   ? 
# 
loop_
_struct_site.id 
_struct_site.pdbx_evidence_code 
_struct_site.pdbx_auth_asym_id 
_struct_site.pdbx_auth_comp_id 
_struct_site.pdbx_auth_seq_id 
_struct_site.pdbx_auth_ins_code 
_struct_site.pdbx_num_residues 
_struct_site.details 
AC1 Software A CL 1001 ? 3 'BINDING SITE FOR RESIDUE CL A 1001' 
AC2 Software A CL 1002 ? 3 'BINDING SITE FOR RESIDUE CL A 1002' 
AC3 Software A CL 1003 ? 2 'BINDING SITE FOR RESIDUE CL A 1003' 
AC4 Software A CL 1004 ? 3 'BINDING SITE FOR RESIDUE CL A 1004' 
# 
loop_
_struct_site_gen.id 
_struct_site_gen.site_id 
_struct_site_gen.pdbx_num_res 
_struct_site_gen.label_comp_id 
_struct_site_gen.label_asym_id 
_struct_site_gen.label_seq_id 
_struct_site_gen.pdbx_auth_ins_code 
_struct_site_gen.auth_comp_id 
_struct_site_gen.auth_asym_id 
_struct_site_gen.auth_seq_id 
_struct_site_gen.label_atom_id 
_struct_site_gen.label_alt_id 
_struct_site_gen.symmetry 
_struct_site_gen.details 
1  AC1 3 ASN A 39 ? ASN A 400 . ? 3_655 ? 
2  AC1 3 ASN A 39 ? ASN A 400 . ? 2_545 ? 
3  AC1 3 ASN A 39 ? ASN A 400 . ? 1_555 ? 
4  AC2 3 ASN A 46 ? ASN A 407 . ? 3_655 ? 
5  AC2 3 ASN A 46 ? ASN A 407 . ? 1_555 ? 
6  AC2 3 ASN A 46 ? ASN A 407 . ? 2_545 ? 
7  AC3 2 ASN A 53 ? ASN A 414 . ? 1_555 ? 
8  AC3 2 ASN A 53 ? ASN A 414 . ? 2_545 ? 
9  AC4 3 ASN A 74 ? ASN A 435 . ? 1_555 ? 
10 AC4 3 ASN A 74 ? ASN A 435 . ? 3_655 ? 
11 AC4 3 ASN A 74 ? ASN A 435 . ? 2_545 ? 
# 
_atom_sites.entry_id                    2XZR 
_atom_sites.fract_transf_matrix[1][1]   0.02478176 
_atom_sites.fract_transf_matrix[1][2]   -0.00563336 
_atom_sites.fract_transf_matrix[1][3]   -0.01859183 
_atom_sites.fract_transf_matrix[2][1]   -0.00171932 
_atom_sites.fract_transf_matrix[2][2]   0.00617757 
_atom_sites.fract_transf_matrix[2][3]   -0.03082918 
_atom_sites.fract_transf_matrix[3][1]   0.00147000 
_atom_sites.fract_transf_matrix[3][2]   0.00405536 
_atom_sites.fract_transf_matrix[3][3]   0.00073063 
_atom_sites.fract_transf_vector[1]      0.327735 
_atom_sites.fract_transf_vector[2]      -0.328073 
_atom_sites.fract_transf_vector[3]      0.283471 
# 
loop_
_atom_type.symbol 
C  
CL 
N  
O  
S  
# 
loop_
_atom_site.group_PDB 
_atom_site.id 
_atom_site.type_symbol 
_atom_site.label_atom_id 
_atom_site.label_alt_id 
_atom_site.label_comp_id 
_atom_site.label_asym_id 
_atom_site.label_entity_id 
_atom_site.label_seq_id 
_atom_site.pdbx_PDB_ins_code 
_atom_site.Cartn_x 
_atom_site.Cartn_y 
_atom_site.Cartn_z 
_atom_site.occupancy 
_atom_site.B_iso_or_equiv 
_atom_site.pdbx_formal_charge 
_atom_site.auth_seq_id 
_atom_site.auth_comp_id 
_atom_site.auth_asym_id 
_atom_site.auth_atom_id 
_atom_site.pdbx_PDB_model_num 
ATOM   1   N  N   . LYS A 1 2   ? -20.763 -75.322 -15.933 1.00 125.56 ? 363  LYS A N   1 
ATOM   2   C  CA  . LYS A 1 2   ? -19.455 -75.186 -16.626 1.00 125.92 ? 363  LYS A CA  1 
ATOM   3   C  C   . LYS A 1 2   ? -19.310 -73.790 -17.212 1.00 114.34 ? 363  LYS A C   1 
ATOM   4   O  O   . LYS A 1 2   ? -18.784 -72.908 -16.554 1.00 104.98 ? 363  LYS A O   1 
ATOM   5   C  CB  . LYS A 1 2   ? -19.314 -76.247 -17.716 1.00 144.03 ? 363  LYS A CB  1 
ATOM   6   N  N   . GLN A 1 3   ? -19.787 -73.577 -18.437 1.00 118.53 ? 364  GLN A N   1 
ATOM   7   C  CA  . GLN A 1 3   ? -19.737 -72.256 -19.063 1.00 112.63 ? 364  GLN A CA  1 
ATOM   8   C  C   . GLN A 1 3   ? -20.192 -71.159 -18.092 1.00 97.50  ? 364  GLN A C   1 
ATOM   9   O  O   . GLN A 1 3   ? -19.656 -70.058 -18.114 1.00 92.12  ? 364  GLN A O   1 
ATOM   10  C  CB  . GLN A 1 3   ? -20.583 -72.230 -20.340 1.00 120.31 ? 364  GLN A CB  1 
ATOM   11  N  N   . ILE A 1 4   ? -21.168 -71.472 -17.238 1.00 93.64  ? 365  ILE A N   1 
ATOM   12  C  CA  . ILE A 1 4   ? -21.644 -70.545 -16.199 1.00 83.57  ? 365  ILE A CA  1 
ATOM   13  C  C   . ILE A 1 4   ? -20.560 -70.236 -15.168 1.00 74.04  ? 365  ILE A C   1 
ATOM   14  O  O   . ILE A 1 4   ? -20.384 -69.094 -14.757 1.00 67.73  ? 365  ILE A O   1 
ATOM   15  C  CB  . ILE A 1 4   ? -22.879 -71.104 -15.471 1.00 89.03  ? 365  ILE A CB  1 
ATOM   16  C  CG1 . ILE A 1 4   ? -24.068 -71.176 -16.433 1.00 99.89  ? 365  ILE A CG1 1 
ATOM   17  C  CG2 . ILE A 1 4   ? -23.220 -70.268 -14.273 1.00 83.69  ? 365  ILE A CG2 1 
ATOM   18  C  CD1 . ILE A 1 4   ? -25.422 -70.961 -15.784 1.00 107.44 ? 365  ILE A CD1 1 
ATOM   19  N  N   . GLU A 1 5   ? -19.828 -71.256 -14.754 1.00 75.54  ? 366  GLU A N   1 
ATOM   20  C  CA  . GLU A 1 5   ? -18.722 -71.072 -13.831 1.00 71.02  ? 366  GLU A CA  1 
ATOM   21  C  C   . GLU A 1 5   ? -17.621 -70.209 -14.429 1.00 65.38  ? 366  GLU A C   1 
ATOM   22  O  O   . GLU A 1 5   ? -17.017 -69.417 -13.727 1.00 61.06  ? 366  GLU A O   1 
ATOM   23  C  CB  . GLU A 1 5   ? -18.167 -72.423 -13.391 1.00 81.10  ? 366  GLU A CB  1 
ATOM   24  C  CG  . GLU A 1 5   ? -19.064 -73.106 -12.374 1.00 90.28  ? 366  GLU A CG  1 
ATOM   25  C  CD  . GLU A 1 5   ? -18.890 -74.609 -12.314 1.00 107.72 ? 366  GLU A CD  1 
ATOM   26  O  OE1 . GLU A 1 5   ? -18.001 -75.142 -13.010 1.00 113.76 ? 366  GLU A OE1 1 
ATOM   27  O  OE2 . GLU A 1 5   ? -19.661 -75.254 -11.569 1.00 120.23 ? 366  GLU A OE2 1 
ATOM   28  N  N   . ASP A 1 6   ? -17.359 -70.354 -15.718 1.00 68.58  ? 367  ASP A N   1 
ATOM   29  C  CA  . ASP A 1 6   ? -16.399 -69.491 -16.405 1.00 68.62  ? 367  ASP A CA  1 
ATOM   30  C  C   . ASP A 1 6   ? -16.861 -68.038 -16.414 1.00 61.58  ? 367  ASP A C   1 
ATOM   31  O  O   . ASP A 1 6   ? -16.060 -67.121 -16.299 1.00 60.81  ? 367  ASP A O   1 
ATOM   32  C  CB  . ASP A 1 6   ? -16.195 -69.945 -17.848 1.00 81.58  ? 367  ASP A CB  1 
ATOM   33  C  CG  . ASP A 1 6   ? -15.146 -71.031 -17.983 1.00 93.34  ? 367  ASP A CG  1 
ATOM   34  O  OD1 . ASP A 1 6   ? -14.634 -71.500 -16.951 1.00 93.00  ? 367  ASP A OD1 1 
ATOM   35  O  OD2 . ASP A 1 6   ? -14.833 -71.419 -19.128 1.00 108.35 ? 367  ASP A OD2 1 
ATOM   36  N  N   . LYS A 1 7   ? -18.157 -67.831 -16.574 1.00 59.12  ? 368  LYS A N   1 
ATOM   37  C  CA  . LYS A 1 7   ? -18.719 -66.492 -16.554 1.00 56.40  ? 368  LYS A CA  1 
ATOM   38  C  C   . LYS A 1 7   ? -18.592 -65.912 -15.174 1.00 47.15  ? 368  LYS A C   1 
ATOM   39  O  O   . LYS A 1 7   ? -18.188 -64.766 -14.998 1.00 45.92  ? 368  LYS A O   1 
ATOM   40  C  CB  . LYS A 1 7   ? -20.200 -66.504 -16.964 1.00 61.72  ? 368  LYS A CB  1 
ATOM   41  C  CG  . LYS A 1 7   ? -20.487 -65.915 -18.339 1.00 75.11  ? 368  LYS A CG  1 
ATOM   42  C  CD  . LYS A 1 7   ? -19.661 -64.656 -18.558 1.00 80.62  ? 368  LYS A CD  1 
ATOM   43  C  CE  . LYS A 1 7   ? -20.172 -63.819 -19.733 1.00 100.20 ? 368  LYS A CE  1 
ATOM   44  N  NZ  . LYS A 1 7   ? -19.814 -64.398 -21.068 1.00 115.73 ? 368  LYS A NZ  1 
ATOM   45  N  N   . ILE A 1 8   ? -18.939 -66.709 -14.182 1.00 43.14  ? 369  ILE A N   1 
ATOM   46  C  CA  . ILE A 1 8   ? -18.857 -66.230 -12.798 1.00 40.14  ? 369  ILE A CA  1 
ATOM   47  C  C   . ILE A 1 8   ? -17.416 -65.880 -12.418 1.00 38.52  ? 369  ILE A C   1 
ATOM   48  O  O   . ILE A 1 8   ? -17.173 -64.972 -11.638 1.00 38.63  ? 369  ILE A O   1 
ATOM   49  C  CB  . ILE A 1 8   ? -19.369 -67.250 -11.811 1.00 43.19  ? 369  ILE A CB  1 
ATOM   50  C  CG1 . ILE A 1 8   ? -20.835 -67.559 -12.093 1.00 47.61  ? 369  ILE A CG1 1 
ATOM   51  C  CG2 . ILE A 1 8   ? -19.168 -66.745 -10.414 1.00 45.00  ? 369  ILE A CG2 1 
ATOM   52  C  CD1 . ILE A 1 8   ? -21.594 -67.983 -10.876 1.00 56.98  ? 369  ILE A CD1 1 
ATOM   53  N  N   . GLU A 1 9   ? -16.459 -66.597 -12.976 1.00 39.61  ? 370  GLU A N   1 
ATOM   54  C  CA  . GLU A 1 9   ? -15.082 -66.287 -12.696 1.00 41.92  ? 370  GLU A CA  1 
ATOM   55  C  C   . GLU A 1 9   ? -14.802 -64.929 -13.275 1.00 41.89  ? 370  GLU A C   1 
ATOM   56  O  O   . GLU A 1 9   ? -14.211 -64.088 -12.640 1.00 43.21  ? 370  GLU A O   1 
ATOM   57  C  CB  . GLU A 1 9   ? -14.163 -67.330 -13.322 1.00 48.41  ? 370  GLU A CB  1 
ATOM   58  C  CG  . GLU A 1 9   ? -12.706 -67.279 -12.849 1.00 56.74  ? 370  GLU A CG  1 
ATOM   59  C  CD  . GLU A 1 9   ? -11.798 -68.163 -13.715 1.00 69.93  ? 370  GLU A CD  1 
ATOM   60  O  OE1 . GLU A 1 9   ? -11.717 -69.411 -13.510 1.00 75.88  ? 370  GLU A OE1 1 
ATOM   61  O  OE2 . GLU A 1 9   ? -11.172 -67.584 -14.625 1.00 77.93  ? 370  GLU A OE2 1 
ATOM   62  N  N   . GLU A 1 10  ? -15.251 -64.714 -14.497 1.00 44.52  ? 371  GLU A N   1 
ATOM   63  C  CA  . GLU A 1 10  ? -14.967 -63.468 -15.191 1.00 50.94  ? 371  GLU A CA  1 
ATOM   64  C  C   . GLU A 1 10  ? -15.574 -62.343 -14.361 1.00 47.58  ? 371  GLU A C   1 
ATOM   65  O  O   . GLU A 1 10  ? -15.013 -61.262 -14.247 1.00 52.13  ? 371  GLU A O   1 
ATOM   66  C  CB  . GLU A 1 10  ? -15.536 -63.488 -16.630 1.00 59.59  ? 371  GLU A CB  1 
ATOM   67  C  CG  . GLU A 1 10  ? -15.223 -62.230 -17.460 1.00 75.69  ? 371  GLU A CG  1 
ATOM   68  C  CD  . GLU A 1 10  ? -16.419 -61.675 -18.249 1.00 88.21  ? 371  GLU A CD  1 
ATOM   69  O  OE1 . GLU A 1 10  ? -17.157 -62.481 -18.854 1.00 91.85  ? 371  GLU A OE1 1 
ATOM   70  O  OE2 . GLU A 1 10  ? -16.604 -60.426 -18.295 1.00 99.59  ? 371  GLU A OE2 1 
ATOM   71  N  N   . ILE A 1 11  ? -16.717 -62.627 -13.753 1.00 45.64  ? 372  ILE A N   1 
ATOM   72  C  CA  . ILE A 1 11  ? -17.426 -61.612 -12.967 1.00 37.51  ? 372  ILE A CA  1 
ATOM   73  C  C   . ILE A 1 11  ? -16.722 -61.343 -11.644 1.00 34.44  ? 372  ILE A C   1 
ATOM   74  O  O   . ILE A 1 11  ? -16.648 -60.209 -11.170 1.00 31.24  ? 372  ILE A O   1 
ATOM   75  C  CB  . ILE A 1 11  ? -18.893 -62.031 -12.664 1.00 36.10  ? 372  ILE A CB  1 
ATOM   76  C  CG1 . ILE A 1 11  ? -19.737 -62.114 -13.934 1.00 38.92  ? 372  ILE A CG1 1 
ATOM   77  C  CG2 . ILE A 1 11  ? -19.570 -61.043 -11.765 1.00 31.22  ? 372  ILE A CG2 1 
ATOM   78  C  CD1 . ILE A 1 11  ? -21.161 -62.548 -13.661 1.00 35.88  ? 372  ILE A CD1 1 
ATOM   79  N  N   . LEU A 1 12  ? -16.208 -62.376 -11.017 1.00 37.45  ? 373  LEU A N   1 
ATOM   80  C  CA  . LEU A 1 12  ? -15.585 -62.169 -9.736  1.00 37.16  ? 373  LEU A CA  1 
ATOM   81  C  C   . LEU A 1 12  ? -14.339 -61.312 -9.891  1.00 38.38  ? 373  LEU A C   1 
ATOM   82  O  O   . LEU A 1 12  ? -14.045 -60.469 -9.016  1.00 37.18  ? 373  LEU A O   1 
ATOM   83  C  CB  . LEU A 1 12  ? -15.248 -63.505 -9.105  1.00 43.03  ? 373  LEU A CB  1 
ATOM   84  C  CG  . LEU A 1 12  ? -16.468 -64.280 -8.594  1.00 44.36  ? 373  LEU A CG  1 
ATOM   85  C  CD1 . LEU A 1 12  ? -16.133 -65.738 -8.399  1.00 52.66  ? 373  LEU A CD1 1 
ATOM   86  C  CD2 . LEU A 1 12  ? -16.990 -63.689 -7.304  1.00 42.56  ? 373  LEU A CD2 1 
ATOM   87  N  N   . SER A 1 13  ? -13.612 -61.503 -10.998 1.00 43.15  ? 374  SER A N   1 
ATOM   88  C  CA  . SER A 1 13  ? -12.376 -60.754 -11.199 1.00 46.93  ? 374  SER A CA  1 
ATOM   89  C  C   . SER A 1 13  ? -12.717 -59.296 -11.443 1.00 41.93  ? 374  SER A C   1 
ATOM   90  O  O   . SER A 1 13  ? -12.089 -58.387 -10.898 1.00 41.91  ? 374  SER A O   1 
ATOM   91  C  CB  . SER A 1 13  ? -11.514 -61.345 -12.339 1.00 58.01  ? 374  SER A CB  1 
ATOM   92  O  OG  . SER A 1 13  ? -11.968 -60.990 -13.641 1.00 62.41  ? 374  SER A OG  1 
ATOM   93  N  N   . LYS A 1 14  ? -13.747 -59.059 -12.235 1.00 39.31  ? 375  LYS A N   1 
ATOM   94  C  CA  . LYS A 1 14  ? -14.127 -57.696 -12.521 1.00 36.81  ? 375  LYS A CA  1 
ATOM   95  C  C   . LYS A 1 14  ? -14.381 -57.035 -11.196 1.00 31.11  ? 375  LYS A C   1 
ATOM   96  O  O   . LYS A 1 14  ? -13.792 -56.018 -10.902 1.00 31.58  ? 375  LYS A O   1 
ATOM   97  C  CB  . LYS A 1 14  ? -15.340 -57.646 -13.423 1.00 36.80  ? 375  LYS A CB  1 
ATOM   98  C  CG  . LYS A 1 14  ? -15.023 -58.044 -14.883 1.00 47.81  ? 375  LYS A CG  1 
ATOM   99  C  CD  . LYS A 1 14  ? -15.090 -56.863 -15.881 1.00 55.64  ? 375  LYS A CD  1 
ATOM   100 C  CE  . LYS A 1 14  ? -15.688 -57.271 -17.255 1.00 65.65  ? 375  LYS A CE  1 
ATOM   101 N  NZ  . LYS A 1 14  ? -17.085 -57.893 -17.202 1.00 60.32  ? 375  LYS A NZ  1 
ATOM   102 N  N   . ILE A 1 15  ? -15.199 -57.653 -10.357 1.00 27.94  ? 376  ILE A N   1 
ATOM   103 C  CA  . ILE A 1 15  ? -15.549 -57.034 -9.078  1.00 26.71  ? 376  ILE A CA  1 
ATOM   104 C  C   . ILE A 1 15  ? -14.312 -56.747 -8.243  1.00 29.11  ? 376  ILE A C   1 
ATOM   105 O  O   . ILE A 1 15  ? -14.195 -55.673 -7.634  1.00 29.71  ? 376  ILE A O   1 
ATOM   106 C  CB  . ILE A 1 15  ? -16.494 -57.927 -8.239  1.00 27.54  ? 376  ILE A CB  1 
ATOM   107 C  CG1 . ILE A 1 15  ? -17.948 -57.725 -8.679  1.00 26.95  ? 376  ILE A CG1 1 
ATOM   108 C  CG2 . ILE A 1 15  ? -16.367 -57.608 -6.765  1.00 28.95  ? 376  ILE A CG2 1 
ATOM   109 C  CD1 . ILE A 1 15  ? -18.898 -58.618 -7.944  1.00 30.87  ? 376  ILE A CD1 1 
ATOM   110 N  N   . TYR A 1 16  ? -13.388 -57.695 -8.214  1.00 32.25  ? 377  TYR A N   1 
ATOM   111 C  CA  . TYR A 1 16  ? -12.144 -57.466 -7.517  1.00 36.65  ? 377  TYR A CA  1 
ATOM   112 C  C   . TYR A 1 16  ? -11.519 -56.210 -8.040  1.00 37.81  ? 377  TYR A C   1 
ATOM   113 O  O   . TYR A 1 16  ? -11.242 -55.299 -7.256  1.00 39.06  ? 377  TYR A O   1 
ATOM   114 C  CB  . TYR A 1 16  ? -11.175 -58.622 -7.704  1.00 42.59  ? 377  TYR A CB  1 
ATOM   115 C  CG  . TYR A 1 16  ? -9.858  -58.457 -6.969  1.00 50.83  ? 377  TYR A CG  1 
ATOM   116 C  CD1 . TYR A 1 16  ? -9.833  -58.246 -5.599  1.00 55.44  ? 377  TYR A CD1 1 
ATOM   117 C  CD2 . TYR A 1 16  ? -8.638  -58.536 -7.638  1.00 59.23  ? 377  TYR A CD2 1 
ATOM   118 C  CE1 . TYR A 1 16  ? -8.629  -58.087 -4.915  1.00 63.20  ? 377  TYR A CE1 1 
ATOM   119 C  CE2 . TYR A 1 16  ? -7.435  -58.391 -6.962  1.00 67.82  ? 377  TYR A CE2 1 
ATOM   120 C  CZ  . TYR A 1 16  ? -7.437  -58.165 -5.605  1.00 68.97  ? 377  TYR A CZ  1 
ATOM   121 O  OH  . TYR A 1 16  ? -6.249  -58.018 -4.930  1.00 78.92  ? 377  TYR A OH  1 
ATOM   122 N  N   . HIS A 1 17  ? -11.310 -56.135 -9.360  1.00 40.16  ? 378  HIS A N   1 
ATOM   123 C  CA  . HIS A 1 17  ? -10.620 -54.973 -9.909  1.00 44.33  ? 378  HIS A CA  1 
ATOM   124 C  C   . HIS A 1 17  ? -11.405 -53.681 -9.601  1.00 40.15  ? 378  HIS A C   1 
ATOM   125 O  O   . HIS A 1 17  ? -10.819 -52.623 -9.387  1.00 43.41  ? 378  HIS A O   1 
ATOM   126 C  CB  . HIS A 1 17  ? -10.284 -55.110 -11.397 1.00 51.12  ? 378  HIS A CB  1 
ATOM   127 C  CG  . HIS A 1 17  ? -9.485  -53.951 -11.917 1.00 62.40  ? 378  HIS A CG  1 
ATOM   128 N  ND1 . HIS A 1 17  ? -8.383  -53.448 -11.249 1.00 68.87  ? 378  HIS A ND1 1 
ATOM   129 C  CD2 . HIS A 1 17  ? -9.653  -53.156 -13.004 1.00 71.08  ? 378  HIS A CD2 1 
ATOM   130 C  CE1 . HIS A 1 17  ? -7.897  -52.411 -11.912 1.00 76.86  ? 378  HIS A CE1 1 
ATOM   131 N  NE2 . HIS A 1 17  ? -8.650  -52.212 -12.981 1.00 78.89  ? 378  HIS A NE2 1 
ATOM   132 N  N   . ILE A 1 18  ? -12.730 -53.784 -9.518  1.00 34.00  ? 379  ILE A N   1 
ATOM   133 C  CA  . ILE A 1 18  ? -13.539 -52.612 -9.304  1.00 33.04  ? 379  ILE A CA  1 
ATOM   134 C  C   . ILE A 1 18  ? -13.297 -52.137 -7.889  1.00 33.54  ? 379  ILE A C   1 
ATOM   135 O  O   . ILE A 1 18  ? -12.923 -50.989 -7.661  1.00 36.93  ? 379  ILE A O   1 
ATOM   136 C  CB  . ILE A 1 18  ? -15.038 -52.884 -9.522  1.00 30.62  ? 379  ILE A CB  1 
ATOM   137 C  CG1 . ILE A 1 18  ? -15.294 -53.414 -10.935 1.00 33.46  ? 379  ILE A CG1 1 
ATOM   138 C  CG2 . ILE A 1 18  ? -15.857 -51.612 -9.339  1.00 32.42  ? 379  ILE A CG2 1 
ATOM   139 C  CD1 . ILE A 1 18  ? -16.679 -53.123 -11.510 1.00 32.60  ? 379  ILE A CD1 1 
ATOM   140 N  N   . GLU A 1 19  ? -13.468 -53.032 -6.932  1.00 31.75  ? 380  GLU A N   1 
ATOM   141 C  CA  . GLU A 1 19  ? -13.298 -52.656 -5.542  1.00 35.52  ? 380  GLU A CA  1 
ATOM   142 C  C   . GLU A 1 19  ? -11.994 -51.954 -5.350  1.00 39.26  ? 380  GLU A C   1 
ATOM   143 O  O   . GLU A 1 19  ? -11.914 -50.998 -4.588  1.00 42.90  ? 380  GLU A O   1 
ATOM   144 C  CB  . GLU A 1 19  ? -13.357 -53.876 -4.630  1.00 36.85  ? 380  GLU A CB  1 
ATOM   145 C  CG  . GLU A 1 19  ? -14.760 -54.468 -4.526  1.00 38.80  ? 380  GLU A CG  1 
ATOM   146 C  CD  . GLU A 1 19  ? -14.815 -55.795 -3.799  1.00 43.42  ? 380  GLU A CD  1 
ATOM   147 O  OE1 . GLU A 1 19  ? -13.898 -56.604 -4.000  1.00 45.30  ? 380  GLU A OE1 1 
ATOM   148 O  OE2 . GLU A 1 19  ? -15.783 -56.023 -3.028  1.00 51.12  ? 380  GLU A OE2 1 
ATOM   149 N  N   . ASN A 1 20  ? -10.966 -52.423 -6.049  1.00 40.79  ? 381  ASN A N   1 
ATOM   150 C  CA  . ASN A 1 20  ? -9.634  -51.809 -5.952  1.00 47.21  ? 381  ASN A CA  1 
ATOM   151 C  C   . ASN A 1 20  ? -9.616  -50.407 -6.503  1.00 49.78  ? 381  ASN A C   1 
ATOM   152 O  O   . ASN A 1 20  ? -9.073  -49.508 -5.883  1.00 55.01  ? 381  ASN A O   1 
ATOM   153 C  CB  . ASN A 1 20  ? -8.589  -52.662 -6.651  1.00 50.65  ? 381  ASN A CB  1 
ATOM   154 C  CG  . ASN A 1 20  ? -8.324  -53.963 -5.906  1.00 53.58  ? 381  ASN A CG  1 
ATOM   155 O  OD1 . ASN A 1 20  ? -8.614  -54.067 -4.712  1.00 54.11  ? 381  ASN A OD1 1 
ATOM   156 N  ND2 . ASN A 1 20  ? -7.788  -54.964 -6.609  1.00 58.83  ? 381  ASN A ND2 1 
ATOM   157 N  N   . GLU A 1 21  ? -10.246 -50.223 -7.654  1.00 53.36  ? 382  GLU A N   1 
ATOM   158 C  CA  . GLU A 1 21  ? -10.406 -48.899 -8.206  1.00 50.04  ? 382  GLU A CA  1 
ATOM   159 C  C   . GLU A 1 21  ? -11.072 -48.010 -7.174  1.00 42.78  ? 382  GLU A C   1 
ATOM   160 O  O   . GLU A 1 21  ? -10.603 -46.920 -6.886  1.00 41.85  ? 382  GLU A O   1 
ATOM   161 C  CB  . GLU A 1 21  ? -11.221 -48.928 -9.507  1.00 51.03  ? 382  GLU A CB  1 
ATOM   162 C  CG  . GLU A 1 21  ? -10.387 -48.865 -10.815 1.00 61.40  ? 382  GLU A CG  1 
ATOM   163 C  CD  . GLU A 1 21  ? -9.064  -48.081 -10.686 1.00 67.38  ? 382  GLU A CD  1 
ATOM   164 O  OE1 . GLU A 1 21  ? -9.055  -46.939 -10.140 1.00 63.25  ? 382  GLU A OE1 1 
ATOM   165 O  OE2 . GLU A 1 21  ? -8.030  -48.628 -11.136 1.00 77.20  ? 382  GLU A OE2 1 
ATOM   166 N  N   . ILE A 1 22  ? -12.138 -48.496 -6.573  1.00 39.41  ? 383  ILE A N   1 
ATOM   167 C  CA  . ILE A 1 22  ? -12.900 -47.669 -5.649  1.00 36.22  ? 383  ILE A CA  1 
ATOM   168 C  C   . ILE A 1 22  ? -12.054 -47.203 -4.490  1.00 38.25  ? 383  ILE A C   1 
ATOM   169 O  O   . ILE A 1 22  ? -12.077 -46.046 -4.124  1.00 37.40  ? 383  ILE A O   1 
ATOM   170 C  CB  . ILE A 1 22  ? -14.110 -48.391 -5.086  1.00 35.95  ? 383  ILE A CB  1 
ATOM   171 C  CG1 . ILE A 1 22  ? -15.188 -48.525 -6.154  1.00 35.34  ? 383  ILE A CG1 1 
ATOM   172 C  CG2 . ILE A 1 22  ? -14.658 -47.636 -3.936  1.00 35.24  ? 383  ILE A CG2 1 
ATOM   173 C  CD1 . ILE A 1 22  ? -16.530 -48.908 -5.586  1.00 37.82  ? 383  ILE A CD1 1 
ATOM   174 N  N   . ALA A 1 23  ? -11.290 -48.106 -3.917  1.00 43.19  ? 384  ALA A N   1 
ATOM   175 C  CA  . ALA A 1 23  ? -10.407 -47.732 -2.831  1.00 47.49  ? 384  ALA A CA  1 
ATOM   176 C  C   . ALA A 1 23  ? -9.481  -46.642 -3.279  1.00 48.00  ? 384  ALA A C   1 
ATOM   177 O  O   . ALA A 1 23  ? -9.328  -45.671 -2.563  1.00 48.45  ? 384  ALA A O   1 
ATOM   178 C  CB  . ALA A 1 23  ? -9.585  -48.912 -2.341  1.00 54.13  ? 384  ALA A CB  1 
ATOM   179 N  N   . ARG A 1 24  ? -8.845  -46.811 -4.442  1.00 50.29  ? 385  ARG A N   1 
ATOM   180 C  CA  . ARG A 1 24  ? -7.810  -45.864 -4.896  1.00 53.80  ? 385  ARG A CA  1 
ATOM   181 C  C   . ARG A 1 24  ? -8.427  -44.521 -5.235  1.00 49.11  ? 385  ARG A C   1 
ATOM   182 O  O   . ARG A 1 24  ? -7.806  -43.473 -5.055  1.00 51.26  ? 385  ARG A O   1 
ATOM   183 C  CB  . ARG A 1 24  ? -7.032  -46.391 -6.095  1.00 60.04  ? 385  ARG A CB  1 
ATOM   184 C  CG  . ARG A 1 24  ? -5.881  -47.320 -5.710  1.00 72.62  ? 385  ARG A CG  1 
ATOM   185 C  CD  . ARG A 1 24  ? -5.055  -47.774 -6.930  1.00 85.65  ? 385  ARG A CD  1 
ATOM   186 N  NE  . ARG A 1 24  ? -5.882  -48.430 -7.951  1.00 86.29  ? 385  ARG A NE  1 
ATOM   187 C  CZ  . ARG A 1 24  ? -6.082  -49.743 -8.062  1.00 90.93  ? 385  ARG A CZ  1 
ATOM   188 N  NH1 . ARG A 1 24  ? -5.499  -50.585 -7.221  1.00 97.68  ? 385  ARG A NH1 1 
ATOM   189 N  NH2 . ARG A 1 24  ? -6.867  -50.214 -9.031  1.00 90.24  ? 385  ARG A NH2 1 
ATOM   190 N  N   . ILE A 1 25  ? -9.657  -44.555 -5.728  1.00 44.13  ? 386  ILE A N   1 
ATOM   191 C  CA  . ILE A 1 25  ? -10.401 -43.345 -5.978  1.00 40.89  ? 386  ILE A CA  1 
ATOM   192 C  C   . ILE A 1 25  ? -10.655 -42.614 -4.672  1.00 40.19  ? 386  ILE A C   1 
ATOM   193 O  O   . ILE A 1 25  ? -10.475 -41.409 -4.571  1.00 41.03  ? 386  ILE A O   1 
ATOM   194 C  CB  . ILE A 1 25  ? -11.743 -43.662 -6.615  1.00 38.47  ? 386  ILE A CB  1 
ATOM   195 C  CG1 . ILE A 1 25  ? -11.624 -43.665 -8.144  1.00 40.20  ? 386  ILE A CG1 1 
ATOM   196 C  CG2 . ILE A 1 25  ? -12.766 -42.642 -6.184  1.00 37.27  ? 386  ILE A CG2 1 
ATOM   197 C  CD1 . ILE A 1 25  ? -12.858 -44.245 -8.819  1.00 38.01  ? 386  ILE A CD1 1 
ATOM   198 N  N   . LYS A 1 26  ? -11.083 -43.352 -3.668  1.00 40.63  ? 387  LYS A N   1 
ATOM   199 C  CA  . LYS A 1 26  ? -11.313 -42.769 -2.353  1.00 43.82  ? 387  LYS A CA  1 
ATOM   200 C  C   . LYS A 1 26  ? -10.072 -42.110 -1.746  1.00 48.30  ? 387  LYS A C   1 
ATOM   201 O  O   . LYS A 1 26  ? -10.158 -41.061 -1.123  1.00 50.73  ? 387  LYS A O   1 
ATOM   202 C  CB  . LYS A 1 26  ? -11.841 -43.820 -1.379  1.00 46.43  ? 387  LYS A CB  1 
ATOM   203 C  CG  . LYS A 1 26  ? -13.355 -44.075 -1.477  1.00 46.50  ? 387  LYS A CG  1 
ATOM   204 C  CD  . LYS A 1 26  ? -13.934 -44.595 -0.164  1.00 52.38  ? 387  LYS A CD  1 
ATOM   205 C  CE  . LYS A 1 26  ? -14.202 -46.102 -0.198  1.00 53.43  ? 387  LYS A CE  1 
ATOM   206 N  NZ  . LYS A 1 26  ? -14.921 -46.578 1.025   1.00 61.52  ? 387  LYS A NZ  1 
ATOM   207 N  N   . LYS A 1 27  ? -8.919  -42.741 -1.902  1.00 51.71  ? 388  LYS A N   1 
ATOM   208 C  CA  . LYS A 1 27  ? -7.682  -42.156 -1.420  1.00 57.34  ? 388  LYS A CA  1 
ATOM   209 C  C   . LYS A 1 27  ? -7.431  -40.843 -2.132  1.00 56.07  ? 388  LYS A C   1 
ATOM   210 O  O   . LYS A 1 27  ? -7.139  -39.833 -1.501  1.00 58.62  ? 388  LYS A O   1 
ATOM   211 C  CB  . LYS A 1 27  ? -6.496  -43.106 -1.634  1.00 62.78  ? 388  LYS A CB  1 
ATOM   212 C  CG  . LYS A 1 27  ? -6.235  -44.088 -0.483  1.00 71.45  ? 388  LYS A CG  1 
ATOM   213 C  CD  . LYS A 1 27  ? -6.458  -43.444 0.912   1.00 79.06  ? 388  LYS A CD  1 
ATOM   214 C  CE  . LYS A 1 27  ? -5.431  -43.950 1.963   1.00 91.18  ? 388  LYS A CE  1 
ATOM   215 N  NZ  . LYS A 1 27  ? -5.487  -43.258 3.298   1.00 98.69  ? 388  LYS A NZ  1 
ATOM   216 N  N   . LEU A 1 28  ? -7.568  -40.862 -3.453  1.00 53.71  ? 389  LEU A N   1 
ATOM   217 C  CA  . LEU A 1 28  ? -7.307  -39.685 -4.274  1.00 54.63  ? 389  LEU A CA  1 
ATOM   218 C  C   . LEU A 1 28  ? -8.176  -38.534 -3.817  1.00 52.97  ? 389  LEU A C   1 
ATOM   219 O  O   . LEU A 1 28  ? -7.692  -37.412 -3.672  1.00 56.07  ? 389  LEU A O   1 
ATOM   220 C  CB  . LEU A 1 28  ? -7.565  -39.975 -5.755  1.00 54.15  ? 389  LEU A CB  1 
ATOM   221 C  CG  . LEU A 1 28  ? -6.491  -40.742 -6.535  1.00 60.33  ? 389  LEU A CG  1 
ATOM   222 C  CD1 . LEU A 1 28  ? -7.046  -41.247 -7.891  1.00 60.57  ? 389  LEU A CD1 1 
ATOM   223 C  CD2 . LEU A 1 28  ? -5.236  -39.876 -6.736  1.00 67.85  ? 389  LEU A CD2 1 
ATOM   224 N  N   . ILE A 1 29  ? -9.452  -38.830 -3.580  1.00 49.46  ? 390  ILE A N   1 
ATOM   225 C  CA  . ILE A 1 29  ? -10.422 -37.824 -3.164  1.00 50.34  ? 390  ILE A CA  1 
ATOM   226 C  C   . ILE A 1 29  ? -10.122 -37.271 -1.791  1.00 54.69  ? 390  ILE A C   1 
ATOM   227 O  O   . ILE A 1 29  ? -10.314 -36.091 -1.539  1.00 57.98  ? 390  ILE A O   1 
ATOM   228 C  CB  . ILE A 1 29  ? -11.853 -38.382 -3.174  1.00 48.58  ? 390  ILE A CB  1 
ATOM   229 C  CG1 . ILE A 1 29  ? -12.416 -38.323 -4.592  1.00 47.04  ? 390  ILE A CG1 1 
ATOM   230 C  CG2 . ILE A 1 29  ? -12.747 -37.575 -2.273  1.00 52.45  ? 390  ILE A CG2 1 
ATOM   231 C  CD1 . ILE A 1 29  ? -13.609 -39.173 -4.788  1.00 47.48  ? 390  ILE A CD1 1 
ATOM   232 N  N   . GLY A 1 30  ? -9.656  -38.131 -0.897  1.00 56.63  ? 391  GLY A N   1 
ATOM   233 C  CA  . GLY A 1 30  ? -9.289  -37.706 0.447   1.00 62.75  ? 391  GLY A CA  1 
ATOM   234 C  C   . GLY A 1 30  ? -8.129  -36.741 0.369   1.00 65.56  ? 391  GLY A C   1 
ATOM   235 O  O   . GLY A 1 30  ? -8.097  -35.764 1.086   1.00 70.52  ? 391  GLY A O   1 
ATOM   236 N  N   . ALA A 1 31  ? -7.190  -37.004 -0.534  1.00 77.30  ? 392  ALA A N   1 
ATOM   237 C  CA  . ALA A 1 31  ? -6.017  -36.163 -0.699  1.00 76.70  ? 392  ALA A CA  1 
ATOM   238 C  C   . ALA A 1 31  ? -6.417  -34.767 -1.157  1.00 68.62  ? 392  ALA A C   1 
ATOM   239 O  O   . ALA A 1 31  ? -6.008  -33.776 -0.573  1.00 68.02  ? 392  ALA A O   1 
ATOM   240 C  CB  . ALA A 1 31  ? -5.072  -36.785 -1.700  1.00 80.84  ? 392  ALA A CB  1 
ATOM   241 N  N   . ILE A 1 32  ? -7.223  -34.702 -2.207  1.00 64.16  ? 393  ILE A N   1 
ATOM   242 C  CA  . ILE A 1 32  ? -7.696  -33.439 -2.765  1.00 58.96  ? 393  ILE A CA  1 
ATOM   243 C  C   . ILE A 1 32  ? -8.487  -32.597 -1.744  1.00 56.80  ? 393  ILE A C   1 
ATOM   244 O  O   . ILE A 1 32  ? -8.363  -31.363 -1.693  1.00 54.18  ? 393  ILE A O   1 
ATOM   245 C  CB  . ILE A 1 32  ? -8.570  -33.700 -4.011  1.00 57.70  ? 393  ILE A CB  1 
ATOM   246 C  CG1 . ILE A 1 32  ? -7.730  -34.269 -5.156  1.00 61.07  ? 393  ILE A CG1 1 
ATOM   247 C  CG2 . ILE A 1 32  ? -9.222  -32.431 -4.465  1.00 55.38  ? 393  ILE A CG2 1 
ATOM   248 C  CD1 . ILE A 1 32  ? -8.506  -35.029 -6.160  1.00 60.48  ? 393  ILE A CD1 1 
ATOM   249 N  N   . ASP A 1 33  ? -9.294  -33.272 -0.928  1.00 59.49  ? 394  ASP A N   1 
ATOM   250 C  CA  . ASP A 1 33  ? -10.067 -32.613 0.123   1.00 60.63  ? 394  ASP A CA  1 
ATOM   251 C  C   . ASP A 1 33  ? -9.146  -31.813 1.021   1.00 61.79  ? 394  ASP A C   1 
ATOM   252 O  O   . ASP A 1 33  ? -9.362  -30.643 1.236   1.00 59.90  ? 394  ASP A O   1 
ATOM   253 C  CB  . ASP A 1 33  ? -10.845 -33.634 0.950   1.00 66.68  ? 394  ASP A CB  1 
ATOM   254 C  CG  . ASP A 1 33  ? -11.415 -33.044 2.219   1.00 71.74  ? 394  ASP A CG  1 
ATOM   255 O  OD1 . ASP A 1 33  ? -12.135 -32.035 2.152   1.00 69.90  ? 394  ASP A OD1 1 
ATOM   256 O  OD2 . ASP A 1 33  ? -11.143 -33.593 3.299   1.00 81.25  ? 394  ASP A OD2 1 
ATOM   257 N  N   . GLY A 1 34  ? -8.102  -32.456 1.516   1.00 66.74  ? 395  GLY A N   1 
ATOM   258 C  CA  . GLY A 1 34  ? -7.113  -31.805 2.360   1.00 69.86  ? 395  GLY A CA  1 
ATOM   259 C  C   . GLY A 1 34  ? -6.363  -30.683 1.677   1.00 65.44  ? 395  GLY A C   1 
ATOM   260 O  O   . GLY A 1 34  ? -6.070  -29.677 2.294   1.00 65.61  ? 395  GLY A O   1 
ATOM   261 N  N   . ARG A 1 35  ? -6.041  -30.854 0.408   1.00 63.30  ? 396  ARG A N   1 
ATOM   262 C  CA  . ARG A 1 35  ? -5.430  -29.775 -0.367  1.00 61.66  ? 396  ARG A CA  1 
ATOM   263 C  C   . ARG A 1 35  ? -6.337  -28.541 -0.473  1.00 57.09  ? 396  ARG A C   1 
ATOM   264 O  O   . ARG A 1 35  ? -5.880  -27.389 -0.359  1.00 56.34  ? 396  ARG A O   1 
ATOM   265 C  CB  . ARG A 1 35  ? -5.080  -30.272 -1.777  1.00 63.12  ? 396  ARG A CB  1 
ATOM   266 C  CG  . ARG A 1 35  ? -3.620  -30.657 -1.942  1.00 70.48  ? 396  ARG A CG  1 
ATOM   267 C  CD  . ARG A 1 35  ? -3.413  -31.704 -2.987  1.00 73.93  ? 396  ARG A CD  1 
ATOM   268 N  NE  . ARG A 1 35  ? -3.544  -31.183 -4.337  1.00 74.25  ? 396  ARG A NE  1 
ATOM   269 C  CZ  . ARG A 1 35  ? -3.968  -31.907 -5.362  1.00 77.91  ? 396  ARG A CZ  1 
ATOM   270 N  NH1 . ARG A 1 35  ? -4.322  -33.190 -5.198  1.00 77.88  ? 396  ARG A NH1 1 
ATOM   271 N  NH2 . ARG A 1 35  ? -4.057  -31.342 -6.554  1.00 82.38  ? 396  ARG A NH2 1 
ATOM   272 N  N   . VAL A 1 36  ? -7.622  -28.805 -0.709  1.00 54.92  ? 397  VAL A N   1 
ATOM   273 C  CA  . VAL A 1 36  ? -8.610  -27.753 -0.898  1.00 52.80  ? 397  VAL A CA  1 
ATOM   274 C  C   . VAL A 1 36  ? -8.810  -26.988 0.390   1.00 54.01  ? 397  VAL A C   1 
ATOM   275 O  O   . VAL A 1 36  ? -8.851  -25.758 0.379   1.00 53.94  ? 397  VAL A O   1 
ATOM   276 C  CB  . VAL A 1 36  ? -9.950  -28.331 -1.369  1.00 52.62  ? 397  VAL A CB  1 
ATOM   277 C  CG1 . VAL A 1 36  ? -11.031 -27.300 -1.291  1.00 53.17  ? 397  VAL A CG1 1 
ATOM   278 C  CG2 . VAL A 1 36  ? -9.821  -28.831 -2.766  1.00 52.33  ? 397  VAL A CG2 1 
ATOM   279 N  N   . THR A 1 37  ? -8.934  -27.701 1.507   1.00 57.23  ? 398  THR A N   1 
ATOM   280 C  CA  . THR A 1 37  ? -9.101  -27.023 2.791   1.00 60.87  ? 398  THR A CA  1 
ATOM   281 C  C   . THR A 1 37  ? -7.900  -26.124 3.058   1.00 61.06  ? 398  THR A C   1 
ATOM   282 O  O   . THR A 1 37  ? -8.070  -24.964 3.406   1.00 60.87  ? 398  THR A O   1 
ATOM   283 C  CB  . THR A 1 37  ? -9.296  -27.976 3.965   1.00 66.97  ? 398  THR A CB  1 
ATOM   284 O  OG1 . THR A 1 37  ? -9.393  -29.311 3.480   1.00 69.03  ? 398  THR A OG1 1 
ATOM   285 C  CG2 . THR A 1 37  ? -10.563 -27.628 4.701   1.00 71.07  ? 398  THR A CG2 1 
ATOM   286 N  N   . ARG A 1 38  ? -6.695  -26.648 2.864   1.00 62.81  ? 399  ARG A N   1 
ATOM   287 C  CA  . ARG A 1 38  ? -5.482  -25.844 3.018   1.00 65.00  ? 399  ARG A CA  1 
ATOM   288 C  C   . ARG A 1 38  ? -5.532  -24.597 2.157   1.00 61.51  ? 399  ARG A C   1 
ATOM   289 O  O   . ARG A 1 38  ? -5.137  -23.523 2.607   1.00 63.11  ? 399  ARG A O   1 
ATOM   290 C  CB  . ARG A 1 38  ? -4.219  -26.640 2.678   1.00 69.14  ? 399  ARG A CB  1 
ATOM   291 C  CG  . ARG A 1 38  ? -3.312  -26.911 3.870   1.00 79.08  ? 399  ARG A CG  1 
ATOM   292 C  CD  . ARG A 1 38  ? -2.470  -28.180 3.696   1.00 88.57  ? 399  ARG A CD  1 
ATOM   293 N  NE  . ARG A 1 38  ? -3.076  -29.360 4.337   1.00 94.84  ? 399  ARG A NE  1 
ATOM   294 C  CZ  . ARG A 1 38  ? -3.265  -30.555 3.763   1.00 96.85  ? 399  ARG A CZ  1 
ATOM   295 N  NH1 . ARG A 1 38  ? -2.895  -30.792 2.504   1.00 93.49  ? 399  ARG A NH1 1 
ATOM   296 N  NH2 . ARG A 1 38  ? -3.823  -31.536 4.469   1.00 103.47 ? 399  ARG A NH2 1 
ATOM   297 N  N   . ASN A 1 39  ? -6.020  -24.730 0.930   1.00 58.71  ? 400  ASN A N   1 
ATOM   298 C  CA  . ASN A 1 39  ? -6.096  -23.586 0.027   1.00 58.53  ? 400  ASN A CA  1 
ATOM   299 C  C   . ASN A 1 39  ? -7.119  -22.581 0.515   1.00 58.42  ? 400  ASN A C   1 
ATOM   300 O  O   . ASN A 1 39  ? -6.864  -21.387 0.538   1.00 60.18  ? 400  ASN A O   1 
ATOM   301 C  CB  . ASN A 1 39  ? -6.433  -24.026 -1.402  1.00 58.72  ? 400  ASN A CB  1 
ATOM   302 C  CG  . ASN A 1 39  ? -5.196  -24.394 -2.225  1.00 61.67  ? 400  ASN A CG  1 
ATOM   303 O  OD1 . ASN A 1 39  ? -4.071  -23.967 -1.930  1.00 62.71  ? 400  ASN A OD1 1 
ATOM   304 N  ND2 . ASN A 1 39  ? -5.413  -25.163 -3.287  1.00 60.89  ? 400  ASN A ND2 1 
ATOM   305 N  N   . THR A 1 40  ? -8.271  -23.080 0.935   1.00 58.52  ? 401  THR A N   1 
ATOM   306 C  CA  . THR A 1 40  ? -9.328  -22.227 1.486   1.00 60.90  ? 401  THR A CA  1 
ATOM   307 C  C   . THR A 1 40  ? -8.862  -21.497 2.739   1.00 63.32  ? 401  THR A C   1 
ATOM   308 O  O   . THR A 1 40  ? -9.363  -20.428 3.053   1.00 65.88  ? 401  THR A O   1 
ATOM   309 C  CB  . THR A 1 40  ? -10.618 -23.047 1.810   1.00 62.63  ? 401  THR A CB  1 
ATOM   310 O  OG1 . THR A 1 40  ? -11.354 -23.304 0.610   1.00 62.38  ? 401  THR A OG1 1 
ATOM   311 C  CG2 . THR A 1 40  ? -11.510 -22.308 2.796   1.00 66.91  ? 401  THR A CG2 1 
ATOM   312 N  N   . GLN A 1 41  ? -7.910  -22.088 3.452   1.00 81.99  ? 402  GLN A N   1 
ATOM   313 C  CA  . GLN A 1 41  ? -7.351  -21.487 4.654   1.00 85.28  ? 402  GLN A CA  1 
ATOM   314 C  C   . GLN A 1 41  ? -6.381  -20.382 4.285   1.00 78.51  ? 402  GLN A C   1 
ATOM   315 O  O   . GLN A 1 41  ? -6.409  -19.303 4.869   1.00 77.87  ? 402  GLN A O   1 
ATOM   316 C  CB  . GLN A 1 41  ? -6.622  -22.538 5.492   1.00 94.19  ? 402  GLN A CB  1 
ATOM   317 C  CG  . GLN A 1 41  ? -7.487  -23.230 6.546   1.00 106.53 ? 402  GLN A CG  1 
ATOM   318 C  CD  . GLN A 1 41  ? -6.843  -24.498 7.111   1.00 118.39 ? 402  GLN A CD  1 
ATOM   319 O  OE1 . GLN A 1 41  ? -5.662  -24.764 6.892   1.00 120.14 ? 402  GLN A OE1 1 
ATOM   320 N  NE2 . GLN A 1 41  ? -7.627  -25.288 7.838   1.00 130.07 ? 402  GLN A NE2 1 
ATOM   321 N  N   . SER A 1 42  ? -5.516  -20.660 3.317   1.00 75.00  ? 403  SER A N   1 
ATOM   322 C  CA  . SER A 1 42  ? -4.524  -19.688 2.862   1.00 70.74  ? 403  SER A CA  1 
ATOM   323 C  C   . SER A 1 42  ? -5.165  -18.455 2.213   1.00 64.32  ? 403  SER A C   1 
ATOM   324 O  O   . SER A 1 42  ? -4.637  -17.346 2.317   1.00 62.08  ? 403  SER A O   1 
ATOM   325 C  CB  . SER A 1 42  ? -3.548  -20.343 1.883   1.00 72.37  ? 403  SER A CB  1 
ATOM   326 O  OG  . SER A 1 42  ? -2.679  -21.222 2.558   1.00 79.66  ? 403  SER A OG  1 
ATOM   327 N  N   . ILE A 1 43  ? -6.293  -18.655 1.539   1.00 62.81  ? 404  ILE A N   1 
ATOM   328 C  CA  . ILE A 1 43  ? -6.989  -17.562 0.864   1.00 60.03  ? 404  ILE A CA  1 
ATOM   329 C  C   . ILE A 1 43  ? -7.543  -16.595 1.882   1.00 61.23  ? 404  ILE A C   1 
ATOM   330 O  O   . ILE A 1 43  ? -7.556  -15.380 1.665   1.00 59.12  ? 404  ILE A O   1 
ATOM   331 C  CB  . ILE A 1 43  ? -8.165  -18.077 0.045   1.00 62.50  ? 404  ILE A CB  1 
ATOM   332 C  CG1 . ILE A 1 43  ? -7.666  -18.988 -1.074  1.00 62.41  ? 404  ILE A CG1 1 
ATOM   333 C  CG2 . ILE A 1 43  ? -8.962  -16.920 -0.502  1.00 63.55  ? 404  ILE A CG2 1 
ATOM   334 C  CD1 . ILE A 1 43  ? -8.725  -19.378 -2.048  1.00 66.32  ? 404  ILE A CD1 1 
ATOM   335 N  N   . GLU A 1 44  ? -8.018  -17.149 2.989   1.00 66.10  ? 405  GLU A N   1 
ATOM   336 C  CA  . GLU A 1 44  ? -8.519  -16.340 4.069   1.00 70.63  ? 405  GLU A CA  1 
ATOM   337 C  C   . GLU A 1 44  ? -7.406  -15.485 4.650   1.00 67.54  ? 405  GLU A C   1 
ATOM   338 O  O   . GLU A 1 44  ? -7.599  -14.306 4.907   1.00 67.63  ? 405  GLU A O   1 
ATOM   339 C  CB  . GLU A 1 44  ? -9.143  -17.220 5.151   1.00 80.20  ? 405  GLU A CB  1 
ATOM   340 C  CG  . GLU A 1 44  ? -10.180 -16.509 6.020   1.00 91.62  ? 405  GLU A CG  1 
ATOM   341 C  CD  . GLU A 1 44  ? -10.938 -15.405 5.272   1.00 93.36  ? 405  GLU A CD  1 
ATOM   342 O  OE1 . GLU A 1 44  ? -11.385 -15.648 4.129   1.00 92.52  ? 405  GLU A OE1 1 
ATOM   343 O  OE2 . GLU A 1 44  ? -11.078 -14.286 5.818   1.00 97.29  ? 405  GLU A OE2 1 
ATOM   344 N  N   . LYS A 1 45  ? -6.244  -16.099 4.850   1.00 66.46  ? 406  LYS A N   1 
ATOM   345 C  CA  . LYS A 1 45  ? -5.030  -15.400 5.286   1.00 65.73  ? 406  LYS A CA  1 
ATOM   346 C  C   . LYS A 1 45  ? -4.703  -14.240 4.370   1.00 58.86  ? 406  LYS A C   1 
ATOM   347 O  O   . LYS A 1 45  ? -4.403  -13.138 4.829   1.00 59.00  ? 406  LYS A O   1 
ATOM   348 C  CB  . LYS A 1 45  ? -3.824  -16.349 5.288   1.00 69.19  ? 406  LYS A CB  1 
ATOM   349 C  CG  . LYS A 1 45  ? -3.216  -16.653 6.640   1.00 78.76  ? 406  LYS A CG  1 
ATOM   350 C  CD  . LYS A 1 45  ? -1.983  -17.560 6.487   1.00 85.37  ? 406  LYS A CD  1 
ATOM   351 N  N   . ASN A 1 46  ? -4.730  -14.512 3.072   1.00 54.03  ? 407  ASN A N   1 
ATOM   352 C  CA  . ASN A 1 46  ? -4.427  -13.493 2.087   1.00 50.21  ? 407  ASN A CA  1 
ATOM   353 C  C   . ASN A 1 46  ? -5.407  -12.344 2.194   1.00 49.11  ? 407  ASN A C   1 
ATOM   354 O  O   . ASN A 1 46  ? -5.003  -11.193 2.293   1.00 48.37  ? 407  ASN A O   1 
ATOM   355 C  CB  . ASN A 1 46  ? -4.421  -14.081 0.670   1.00 49.26  ? 407  ASN A CB  1 
ATOM   356 C  CG  . ASN A 1 46  ? -3.170  -14.900 0.391   1.00 52.23  ? 407  ASN A CG  1 
ATOM   357 O  OD1 . ASN A 1 46  ? -2.202  -14.819 1.144   1.00 54.73  ? 407  ASN A OD1 1 
ATOM   358 N  ND2 . ASN A 1 46  ? -3.180  -15.688 -0.689  1.00 52.28  ? 407  ASN A ND2 1 
ATOM   359 N  N   . SER A 1 47  ? -6.695  -12.658 2.214   1.00 50.63  ? 408  SER A N   1 
ATOM   360 C  CA  . SER A 1 47  ? -7.699  -11.625 2.274   1.00 53.09  ? 408  SER A CA  1 
ATOM   361 C  C   . SER A 1 47  ? -7.499  -10.750 3.505   1.00 54.88  ? 408  SER A C   1 
ATOM   362 O  O   . SER A 1 47  ? -7.611  -9.538  3.422   1.00 55.51  ? 408  SER A O   1 
ATOM   363 C  CB  . SER A 1 47  ? -9.082  -12.252 2.258   1.00 58.84  ? 408  SER A CB  1 
ATOM   364 O  OG  . SER A 1 47  ? -9.261  -12.984 1.066   1.00 57.61  ? 408  SER A OG  1 
ATOM   365 N  N   . LYS A 1 48  ? -7.175  -11.370 4.633   1.00 57.07  ? 409  LYS A N   1 
ATOM   366 C  CA  . LYS A 1 48  ? -6.913  -10.638 5.860   1.00 61.41  ? 409  LYS A CA  1 
ATOM   367 C  C   . LYS A 1 48  ? -5.748  -9.686  5.659   1.00 57.60  ? 409  LYS A C   1 
ATOM   368 O  O   . LYS A 1 48  ? -5.833  -8.506  5.981   1.00 59.43  ? 409  LYS A O   1 
ATOM   369 C  CB  . LYS A 1 48  ? -6.608  -11.594 7.011   1.00 67.03  ? 409  LYS A CB  1 
ATOM   370 N  N   . ALA A 1 49  ? -4.659  -10.198 5.105   1.00 54.31  ? 410  ALA A N   1 
ATOM   371 C  CA  . ALA A 1 49  ? -3.472  -9.381  4.846   1.00 53.14  ? 410  ALA A CA  1 
ATOM   372 C  C   . ALA A 1 49  ? -3.731  -8.224  3.860   1.00 50.30  ? 410  ALA A C   1 
ATOM   373 O  O   . ALA A 1 49  ? -3.176  -7.144  4.040   1.00 52.04  ? 410  ALA A O   1 
ATOM   374 C  CB  . ALA A 1 49  ? -2.325  -10.245 4.376   1.00 53.46  ? 410  ALA A CB  1 
ATOM   375 N  N   . ILE A 1 50  ? -4.580  -8.434  2.849   1.00 48.36  ? 411  ILE A N   1 
ATOM   376 C  CA  . ILE A 1 50  ? -4.947  -7.377  1.872   1.00 48.18  ? 411  ILE A CA  1 
ATOM   377 C  C   . ILE A 1 50  ? -5.838  -6.277  2.493   1.00 51.49  ? 411  ILE A C   1 
ATOM   378 O  O   . ILE A 1 50  ? -5.609  -5.087  2.286   1.00 52.69  ? 411  ILE A O   1 
ATOM   379 C  CB  . ILE A 1 50  ? -5.667  -7.959  0.620   1.00 48.23  ? 411  ILE A CB  1 
ATOM   380 C  CG1 . ILE A 1 50  ? -4.820  -9.048  -0.046  1.00 46.58  ? 411  ILE A CG1 1 
ATOM   381 C  CG2 . ILE A 1 50  ? -5.943  -6.877  -0.395  1.00 50.97  ? 411  ILE A CG2 1 
ATOM   382 C  CD1 . ILE A 1 50  ? -5.399  -9.603  -1.341  1.00 46.92  ? 411  ILE A CD1 1 
ATOM   383 N  N   . ALA A 1 51  ? -6.849  -6.669  3.251   1.00 56.88  ? 412  ALA A N   1 
ATOM   384 C  CA  . ALA A 1 51  ? -7.670  -5.690  3.969   1.00 61.45  ? 412  ALA A CA  1 
ATOM   385 C  C   . ALA A 1 51  ? -6.803  -4.871  4.916   1.00 61.26  ? 412  ALA A C   1 
ATOM   386 O  O   . ALA A 1 51  ? -6.998  -3.673  5.055   1.00 61.58  ? 412  ALA A O   1 
ATOM   387 C  CB  . ALA A 1 51  ? -8.775  -6.368  4.743   1.00 69.58  ? 412  ALA A CB  1 
ATOM   388 N  N   . ALA A 1 52  ? -5.843  -5.530  5.558   1.00 62.10  ? 413  ALA A N   1 
ATOM   389 C  CA  . ALA A 1 52  ? -4.872  -4.853  6.406   1.00 63.86  ? 413  ALA A CA  1 
ATOM   390 C  C   . ALA A 1 52  ? -4.106  -3.798  5.613   1.00 57.33  ? 413  ALA A C   1 
ATOM   391 O  O   . ALA A 1 52  ? -3.984  -2.640  6.035   1.00 58.09  ? 413  ALA A O   1 
ATOM   392 C  CB  . ALA A 1 52  ? -3.900  -5.850  6.982   1.00 68.39  ? 413  ALA A CB  1 
ATOM   393 N  N   . ASN A 1 53  ? -3.589  -4.205  4.458   1.00 52.53  ? 414  ASN A N   1 
ATOM   394 C  CA  . ASN A 1 53  ? -2.818  -3.303  3.611   1.00 48.52  ? 414  ASN A CA  1 
ATOM   395 C  C   . ASN A 1 53  ? -3.663  -2.157  3.048   1.00 47.09  ? 414  ASN A C   1 
ATOM   396 O  O   . ASN A 1 53  ? -3.206  -1.025  3.007   1.00 45.84  ? 414  ASN A O   1 
ATOM   397 C  CB  . ASN A 1 53  ? -2.069  -4.074  2.498   1.00 47.72  ? 414  ASN A CB  1 
ATOM   398 C  CG  . ASN A 1 53  ? -0.800  -4.795  3.018   1.00 52.09  ? 414  ASN A CG  1 
ATOM   399 O  OD1 . ASN A 1 53  ? -0.256  -4.435  4.052   1.00 56.60  ? 414  ASN A OD1 1 
ATOM   400 N  ND2 . ASN A 1 53  ? -0.328  -5.800  2.282   1.00 53.85  ? 414  ASN A ND2 1 
ATOM   401 N  N   . THR A 1 54  ? -4.898  -2.427  2.648   1.00 49.48  ? 415  THR A N   1 
ATOM   402 C  CA  . THR A 1 54  ? -5.748  -1.361  2.102   1.00 52.70  ? 415  THR A CA  1 
ATOM   403 C  C   . THR A 1 54  ? -5.907  -0.241  3.130   1.00 55.18  ? 415  THR A C   1 
ATOM   404 O  O   . THR A 1 54  ? -5.800  0.945   2.793   1.00 55.40  ? 415  THR A O   1 
ATOM   405 C  CB  . THR A 1 54  ? -7.139  -1.890  1.661   1.00 57.82  ? 415  THR A CB  1 
ATOM   406 O  OG1 . THR A 1 54  ? -6.976  -2.770  0.547   1.00 57.75  ? 415  THR A OG1 1 
ATOM   407 C  CG2 . THR A 1 54  ? -8.042  -0.759  1.226   1.00 64.68  ? 415  THR A CG2 1 
ATOM   408 N  N   . ARG A 1 55  ? -6.139  -0.633  4.381   1.00 58.62  ? 416  ARG A N   1 
ATOM   409 C  CA  . ARG A 1 55  ? -6.266  0.310   5.486   1.00 63.81  ? 416  ARG A CA  1 
ATOM   410 C  C   . ARG A 1 55  ? -5.013  1.150   5.647   1.00 59.58  ? 416  ARG A C   1 
ATOM   411 O  O   . ARG A 1 55  ? -5.094  2.368   5.741   1.00 61.38  ? 416  ARG A O   1 
ATOM   412 C  CB  . ARG A 1 55  ? -6.571  -0.411  6.811   1.00 71.64  ? 416  ARG A CB  1 
ATOM   413 C  CG  . ARG A 1 55  ? -8.059  -0.449  7.210   1.00 82.28  ? 416  ARG A CG  1 
ATOM   414 N  N   . THR A 1 56  ? -3.853  0.508   5.673   1.00 55.91  ? 417  THR A N   1 
ATOM   415 C  CA  . THR A 1 56  ? -2.589  1.256   5.688   1.00 53.19  ? 417  THR A CA  1 
ATOM   416 C  C   . THR A 1 56  ? -2.488  2.251   4.505   1.00 49.18  ? 417  THR A C   1 
ATOM   417 O  O   . THR A 1 56  ? -2.134  3.418   4.681   1.00 49.47  ? 417  THR A O   1 
ATOM   418 C  CB  . THR A 1 56  ? -1.385  0.312   5.653   1.00 53.10  ? 417  THR A CB  1 
ATOM   419 O  OG1 . THR A 1 56  ? -1.593  -0.745  6.589   1.00 57.96  ? 417  THR A OG1 1 
ATOM   420 C  CG2 . THR A 1 56  ? -0.094  1.059   6.001   1.00 54.16  ? 417  THR A CG2 1 
ATOM   421 N  N   . LEU A 1 57  ? -2.819  1.800   3.307   1.00 47.28  ? 418  LEU A N   1 
ATOM   422 C  CA  . LEU A 1 57  ? -2.858  2.699   2.159   1.00 47.62  ? 418  LEU A CA  1 
ATOM   423 C  C   . LEU A 1 57  ? -3.733  3.914   2.399   1.00 51.24  ? 418  LEU A C   1 
ATOM   424 O  O   . LEU A 1 57  ? -3.349  5.033   2.078   1.00 51.55  ? 418  LEU A O   1 
ATOM   425 C  CB  . LEU A 1 57  ? -3.374  1.974   0.930   1.00 49.43  ? 418  LEU A CB  1 
ATOM   426 C  CG  . LEU A 1 57  ? -2.357  1.109   0.210   1.00 48.88  ? 418  LEU A CG  1 
ATOM   427 C  CD1 . LEU A 1 57  ? -2.981  0.444   -1.035  1.00 52.17  ? 418  LEU A CD1 1 
ATOM   428 C  CD2 . LEU A 1 57  ? -1.158  1.954   -0.162  1.00 51.62  ? 418  LEU A CD2 1 
ATOM   429 N  N   . GLN A 1 58  ? -4.914  3.689   2.955   1.00 55.76  ? 419  GLN A N   1 
ATOM   430 C  CA  . GLN A 1 58  ? -5.840  4.779   3.247   1.00 63.05  ? 419  GLN A CA  1 
ATOM   431 C  C   . GLN A 1 58  ? -5.265  5.749   4.269   1.00 62.33  ? 419  GLN A C   1 
ATOM   432 O  O   . GLN A 1 58  ? -5.403  6.958   4.126   1.00 65.64  ? 419  GLN A O   1 
ATOM   433 C  CB  . GLN A 1 58  ? -7.169  4.224   3.733   1.00 70.81  ? 419  GLN A CB  1 
ATOM   434 C  CG  . GLN A 1 58  ? -8.113  3.870   2.586   1.00 78.18  ? 419  GLN A CG  1 
ATOM   435 C  CD  . GLN A 1 58  ? -8.915  2.563   2.797   1.00 83.16  ? 419  GLN A CD  1 
ATOM   436 O  OE1 . GLN A 1 58  ? -9.054  2.073   3.924   1.00 84.51  ? 419  GLN A OE1 1 
ATOM   437 N  NE2 . GLN A 1 58  ? -9.450  2.005   1.696   1.00 86.06  ? 419  GLN A NE2 1 
ATOM   438 N  N   . GLN A 1 59  ? -4.596  5.218   5.285   1.00 59.36  ? 420  GLN A N   1 
ATOM   439 C  CA  . GLN A 1 59  ? -3.948  6.050   6.294   1.00 60.25  ? 420  GLN A CA  1 
ATOM   440 C  C   . GLN A 1 59  ? -2.803  6.846   5.698   1.00 54.13  ? 420  GLN A C   1 
ATOM   441 O  O   . GLN A 1 59  ? -2.647  8.025   5.955   1.00 56.24  ? 420  GLN A O   1 
ATOM   442 C  CB  . GLN A 1 59  ? -3.414  5.198   7.428   1.00 62.10  ? 420  GLN A CB  1 
ATOM   443 C  CG  . GLN A 1 59  ? -4.488  4.444   8.159   1.00 72.17  ? 420  GLN A CG  1 
ATOM   444 C  CD  . GLN A 1 59  ? -3.932  3.470   9.161   1.00 78.71  ? 420  GLN A CD  1 
ATOM   445 O  OE1 . GLN A 1 59  ? -2.816  2.964   9.005   1.00 76.93  ? 420  GLN A OE1 1 
ATOM   446 N  NE2 . GLN A 1 59  ? -4.707  3.198   10.202  1.00 91.19  ? 420  GLN A NE2 1 
ATOM   447 N  N   . HIS A 1 60  ? -1.987  6.198   4.894   1.00 48.01  ? 421  HIS A N   1 
ATOM   448 C  CA  . HIS A 1 60  ? -0.933  6.908   4.203   1.00 44.78  ? 421  HIS A CA  1 
ATOM   449 C  C   . HIS A 1 60  ? -1.470  8.036   3.313   1.00 47.47  ? 421  HIS A C   1 
ATOM   450 O  O   . HIS A 1 60  ? -0.911  9.124   3.281   1.00 48.02  ? 421  HIS A O   1 
ATOM   451 C  CB  . HIS A 1 60  ? -0.131  5.917   3.373   1.00 42.45  ? 421  HIS A CB  1 
ATOM   452 C  CG  . HIS A 1 60  ? 0.800   5.095   4.186   1.00 39.47  ? 421  HIS A CG  1 
ATOM   453 N  ND1 . HIS A 1 60  ? 1.732   4.257   3.625   1.00 38.36  ? 421  HIS A ND1 1 
ATOM   454 C  CD2 . HIS A 1 60  ? 0.951   4.992   5.521   1.00 39.13  ? 421  HIS A CD2 1 
ATOM   455 C  CE1 . HIS A 1 60  ? 2.409   3.660   4.585   1.00 41.98  ? 421  HIS A CE1 1 
ATOM   456 N  NE2 . HIS A 1 60  ? 1.954   4.087   5.745   1.00 42.09  ? 421  HIS A NE2 1 
ATOM   457 N  N   . SER A 1 61  ? -2.546  7.770   2.580   1.00 46.26  ? 422  SER A N   1 
ATOM   458 C  CA  . SER A 1 61  ? -3.138  8.789   1.729   1.00 46.11  ? 422  SER A CA  1 
ATOM   459 C  C   . SER A 1 61  ? -3.461  9.972   2.592   1.00 43.75  ? 422  SER A C   1 
ATOM   460 O  O   . SER A 1 61  ? -3.158  11.101  2.232   1.00 42.54  ? 422  SER A O   1 
ATOM   461 C  CB  . SER A 1 61  ? -4.401  8.285   1.032   1.00 51.02  ? 422  SER A CB  1 
ATOM   462 O  OG  . SER A 1 61  ? -4.109  7.864   -0.290  1.00 56.07  ? 422  SER A OG  1 
ATOM   463 N  N   . ALA A 1 62  ? -4.059  9.704   3.752   1.00 44.44  ? 423  ALA A N   1 
ATOM   464 C  CA  . ALA A 1 62  ? -4.460  10.768  4.674   1.00 45.09  ? 423  ALA A CA  1 
ATOM   465 C  C   . ALA A 1 62  ? -3.256  11.551  5.130   1.00 43.26  ? 423  ALA A C   1 
ATOM   466 O  O   . ALA A 1 62  ? -3.313  12.769  5.245   1.00 44.96  ? 423  ALA A O   1 
ATOM   467 C  CB  . ALA A 1 62  ? -5.183  10.210  5.860   1.00 47.66  ? 423  ALA A CB  1 
ATOM   468 N  N   . ARG A 1 63  ? -2.152  10.856  5.374   1.00 42.16  ? 424  ARG A N   1 
ATOM   469 C  CA  . ARG A 1 63  ? -0.894  11.517  5.777   1.00 41.29  ? 424  ARG A CA  1 
ATOM   470 C  C   . ARG A 1 63  ? -0.249  12.306  4.629   1.00 37.73  ? 424  ARG A C   1 
ATOM   471 O  O   . ARG A 1 63  ? 0.315   13.373  4.855   1.00 37.69  ? 424  ARG A O   1 
ATOM   472 C  CB  . ARG A 1 63  ? 0.112   10.500  6.339   1.00 43.69  ? 424  ARG A CB  1 
ATOM   473 C  CG  . ARG A 1 63  ? -0.271  9.898   7.692   1.00 50.05  ? 424  ARG A CG  1 
ATOM   474 C  CD  . ARG A 1 63  ? 0.867   9.047   8.278   1.00 57.68  ? 424  ARG A CD  1 
ATOM   475 N  NE  . ARG A 1 63  ? 1.933   9.890   8.825   1.00 62.51  ? 424  ARG A NE  1 
ATOM   476 C  CZ  . ARG A 1 63  ? 3.173   9.487   9.117   1.00 69.24  ? 424  ARG A CZ  1 
ATOM   477 N  NH1 . ARG A 1 63  ? 3.544   8.221   8.927   1.00 74.40  ? 424  ARG A NH1 1 
ATOM   478 N  NH2 . ARG A 1 63  ? 4.052   10.367  9.602   1.00 71.73  ? 424  ARG A NH2 1 
ATOM   479 N  N   . LEU A 1 64  ? -0.326  11.807  3.405   1.00 36.25  ? 425  LEU A N   1 
ATOM   480 C  CA  . LEU A 1 64  ? 0.197   12.579  2.278   1.00 35.49  ? 425  LEU A CA  1 
ATOM   481 C  C   . LEU A 1 64  ? -0.554  13.927  2.092   1.00 37.00  ? 425  LEU A C   1 
ATOM   482 O  O   . LEU A 1 64  ? 0.062   14.963  1.789   1.00 35.72  ? 425  LEU A O   1 
ATOM   483 C  CB  . LEU A 1 64  ? 0.163   11.752  0.988   1.00 37.63  ? 425  LEU A CB  1 
ATOM   484 C  CG  . LEU A 1 64  ? 1.189   10.611  0.866   1.00 38.89  ? 425  LEU A CG  1 
ATOM   485 C  CD1 . LEU A 1 64  ? 0.882   9.700   -0.290  1.00 41.44  ? 425  LEU A CD1 1 
ATOM   486 C  CD2 . LEU A 1 64  ? 2.581   11.166  0.716   1.00 37.43  ? 425  LEU A CD2 1 
ATOM   487 N  N   . ASP A 1 65  ? -1.869  13.903  2.303   1.00 40.40  ? 426  ASP A N   1 
ATOM   488 C  CA  . ASP A 1 65  ? -2.687  15.086  2.153   1.00 45.67  ? 426  ASP A CA  1 
ATOM   489 C  C   . ASP A 1 65  ? -2.249  16.124  3.164   1.00 46.15  ? 426  ASP A C   1 
ATOM   490 O  O   . ASP A 1 65  ? -2.019  17.295  2.832   1.00 48.58  ? 426  ASP A O   1 
ATOM   491 C  CB  . ASP A 1 65  ? -4.173  14.759  2.412   1.00 51.68  ? 426  ASP A CB  1 
ATOM   492 C  CG  . ASP A 1 65  ? -4.860  14.009  1.246   1.00 56.16  ? 426  ASP A CG  1 
ATOM   493 O  OD1 . ASP A 1 65  ? -4.160  13.670  0.247   1.00 56.92  ? 426  ASP A OD1 1 
ATOM   494 O  OD2 . ASP A 1 65  ? -6.103  13.759  1.354   1.00 60.08  ? 426  ASP A OD2 1 
ATOM   495 N  N   . SER A 1 66  ? -2.161  15.680  4.412   1.00 45.74  ? 427  SER A N   1 
ATOM   496 C  CA  . SER A 1 66  ? -1.833  16.554  5.532   1.00 48.86  ? 427  SER A CA  1 
ATOM   497 C  C   . SER A 1 66  ? -0.476  17.167  5.282   1.00 45.87  ? 427  SER A C   1 
ATOM   498 O  O   . SER A 1 66  ? -0.292  18.381  5.345   1.00 49.43  ? 427  SER A O   1 
ATOM   499 C  CB  . SER A 1 66  ? -1.825  15.744  6.829   1.00 50.17  ? 427  SER A CB  1 
ATOM   500 O  OG  . SER A 1 66  ? -1.366  16.508  7.915   1.00 54.79  ? 427  SER A OG  1 
ATOM   501 N  N   . GLN A 1 67  ? 0.485   16.317  4.944   1.00 40.76  ? 428  GLN A N   1 
ATOM   502 C  CA  . GLN A 1 67  ? 1.817   16.821  4.661   1.00 38.42  ? 428  GLN A CA  1 
ATOM   503 C  C   . GLN A 1 67  ? 1.792   17.821  3.519   1.00 37.83  ? 428  GLN A C   1 
ATOM   504 O  O   . GLN A 1 67  ? 2.404   18.858  3.622   1.00 39.20  ? 428  GLN A O   1 
ATOM   505 C  CB  . GLN A 1 67  ? 2.780   15.677  4.396   1.00 35.68  ? 428  GLN A CB  1 
ATOM   506 C  CG  . GLN A 1 67  ? 3.013   14.841  5.666   1.00 39.24  ? 428  GLN A CG  1 
ATOM   507 C  CD  . GLN A 1 67  ? 4.175   13.908  5.567   1.00 39.12  ? 428  GLN A CD  1 
ATOM   508 O  OE1 . GLN A 1 67  ? 4.853   13.829  4.530   1.00 36.88  ? 428  GLN A OE1 1 
ATOM   509 N  NE2 . GLN A 1 67  ? 4.405   13.166  6.631   1.00 44.41  ? 428  GLN A NE2 1 
ATOM   510 N  N   . GLN A 1 68  ? 1.057   17.545  2.449   1.00 37.93  ? 429  GLN A N   1 
ATOM   511 C  CA  . GLN A 1 68  ? 1.048   18.473  1.333   1.00 39.98  ? 429  GLN A CA  1 
ATOM   512 C  C   . GLN A 1 68  ? 0.519   19.807  1.767   1.00 46.57  ? 429  GLN A C   1 
ATOM   513 O  O   . GLN A 1 68  ? 1.030   20.835  1.341   1.00 48.36  ? 429  GLN A O   1 
ATOM   514 C  CB  . GLN A 1 68  ? 0.228   17.954  0.159   1.00 42.20  ? 429  GLN A CB  1 
ATOM   515 C  CG  . GLN A 1 68  ? 0.392   18.816  -1.119  1.00 45.05  ? 429  GLN A CG  1 
ATOM   516 C  CD  . GLN A 1 68  ? 1.789   18.729  -1.776  1.00 39.16  ? 429  GLN A CD  1 
ATOM   517 O  OE1 . GLN A 1 68  ? 2.553   19.697  -1.737  1.00 33.17  ? 429  GLN A OE1 1 
ATOM   518 N  NE2 . GLN A 1 68  ? 2.109   17.566  -2.400  1.00 37.70  ? 429  GLN A NE2 1 
ATOM   519 N  N   . ARG A 1 69  ? -0.508  19.791  2.607   1.00 52.23  ? 430  ARG A N   1 
ATOM   520 C  CA  . ARG A 1 69  ? -1.069  21.026  3.131   1.00 61.69  ? 430  ARG A CA  1 
ATOM   521 C  C   . ARG A 1 69  ? -0.052  21.739  3.975   1.00 61.36  ? 430  ARG A C   1 
ATOM   522 O  O   . ARG A 1 69  ? 0.043   22.948  3.924   1.00 67.69  ? 430  ARG A O   1 
ATOM   523 C  CB  . ARG A 1 69  ? -2.306  20.761  3.974   1.00 69.12  ? 430  ARG A CB  1 
ATOM   524 C  CG  . ARG A 1 69  ? -3.610  20.785  3.200   1.00 79.22  ? 430  ARG A CG  1 
ATOM   525 C  CD  . ARG A 1 69  ? -4.825  20.796  4.142   1.00 91.25  ? 430  ARG A CD  1 
ATOM   526 N  NE  . ARG A 1 69  ? -4.966  19.542  4.879   1.00 86.91  ? 430  ARG A NE  1 
ATOM   527 C  CZ  . ARG A 1 69  ? -5.307  18.381  4.323   1.00 83.06  ? 430  ARG A CZ  1 
ATOM   528 N  NH1 . ARG A 1 69  ? -5.534  18.301  3.016   1.00 84.64  ? 430  ARG A NH1 1 
ATOM   529 N  NH2 . ARG A 1 69  ? -5.415  17.287  5.069   1.00 78.43  ? 430  ARG A NH2 1 
ATOM   530 N  N   . GLN A 1 70  ? 0.712   20.993  4.762   1.00 56.10  ? 431  GLN A N   1 
ATOM   531 C  CA  . GLN A 1 70  ? 1.722   21.611  5.612   1.00 57.94  ? 431  GLN A CA  1 
ATOM   532 C  C   . GLN A 1 70  ? 2.756   22.330  4.777   1.00 54.35  ? 431  GLN A C   1 
ATOM   533 O  O   . GLN A 1 70  ? 3.092   23.492  5.035   1.00 60.15  ? 431  GLN A O   1 
ATOM   534 C  CB  . GLN A 1 70  ? 2.408   20.569  6.482   1.00 55.42  ? 431  GLN A CB  1 
ATOM   535 C  CG  . GLN A 1 70  ? 1.547   20.038  7.643   1.00 61.22  ? 431  GLN A CG  1 
ATOM   536 C  CD  . GLN A 1 70  ? 2.280   19.022  8.519   1.00 60.40  ? 431  GLN A CD  1 
ATOM   537 O  OE1 . GLN A 1 70  ? 2.019   17.820  8.448   1.00 56.59  ? 431  GLN A OE1 1 
ATOM   538 N  NE2 . GLN A 1 70  ? 3.203   19.503  9.337   1.00 65.73  ? 431  GLN A NE2 1 
ATOM   539 N  N   . ILE A 1 71  ? 3.241   21.638  3.756   1.00 41.02  ? 432  ILE A N   1 
ATOM   540 C  CA  . ILE A 1 71  ? 4.253   22.183  2.854   1.00 40.16  ? 432  ILE A CA  1 
ATOM   541 C  C   . ILE A 1 71  ? 3.751   23.456  2.187   1.00 40.82  ? 432  ILE A C   1 
ATOM   542 O  O   . ILE A 1 71  ? 4.469   24.442  2.101   1.00 39.45  ? 432  ILE A O   1 
ATOM   543 C  CB  . ILE A 1 71  ? 4.636   21.180  1.754   1.00 44.91  ? 432  ILE A CB  1 
ATOM   544 C  CG1 . ILE A 1 71  ? 5.177   19.889  2.376   1.00 45.31  ? 432  ILE A CG1 1 
ATOM   545 C  CG2 . ILE A 1 71  ? 5.672   21.804  0.792   1.00 46.69  ? 432  ILE A CG2 1 
ATOM   546 C  CD1 . ILE A 1 71  ? 5.157   18.731  1.456   1.00 52.07  ? 432  ILE A CD1 1 
ATOM   547 N  N   . ASN A 1 72  ? 2.509   23.441  1.721   1.00 44.74  ? 433  ASN A N   1 
ATOM   548 C  CA  . ASN A 1 72  ? 1.919   24.636  1.132   1.00 47.69  ? 433  ASN A CA  1 
ATOM   549 C  C   . ASN A 1 72  ? 1.965   25.802  2.108   1.00 44.77  ? 433  ASN A C   1 
ATOM   550 O  O   . ASN A 1 72  ? 2.486   26.859  1.789   1.00 43.78  ? 433  ASN A O   1 
ATOM   551 C  CB  . ASN A 1 72  ? 0.484   24.369  0.707   1.00 55.25  ? 433  ASN A CB  1 
ATOM   552 C  CG  . ASN A 1 72  ? 0.396   23.441  -0.480  1.00 61.71  ? 433  ASN A CG  1 
ATOM   553 O  OD1 . ASN A 1 72  ? 1.363   23.287  -1.214  1.00 62.51  ? 433  ASN A OD1 1 
ATOM   554 N  ND2 . ASN A 1 72  ? -0.763  22.815  -0.670  1.00 67.32  ? 433  ASN A ND2 1 
ATOM   555 N  N   . GLU A 1 73  ? 1.454   25.605  3.314   1.00 45.29  ? 434  GLU A N   1 
ATOM   556 C  CA  . GLU A 1 73  ? 1.527   26.660  4.312   1.00 45.48  ? 434  GLU A CA  1 
ATOM   557 C  C   . GLU A 1 73  ? 2.975   27.145  4.512   1.00 40.68  ? 434  GLU A C   1 
ATOM   558 O  O   . GLU A 1 73  ? 3.232   28.344  4.538   1.00 40.86  ? 434  GLU A O   1 
ATOM   559 C  CB  . GLU A 1 73  ? 0.945   26.198  5.645   1.00 50.24  ? 434  GLU A CB  1 
ATOM   560 C  CG  . GLU A 1 73  ? -0.561  26.012  5.667   1.00 58.66  ? 434  GLU A CG  1 
ATOM   561 C  CD  . GLU A 1 73  ? -1.252  27.140  5.018   1.00 62.65  ? 434  GLU A CD  1 
ATOM   562 O  OE1 . GLU A 1 73  ? -0.890  28.289  5.319   1.00 62.45  ? 434  GLU A OE1 1 
ATOM   563 O  OE2 . GLU A 1 73  ? -2.134  26.874  4.194   1.00 68.64  ? 434  GLU A OE2 1 
ATOM   564 N  N   . ASN A 1 74  ? 3.937   26.240  4.640   1.00 38.03  ? 435  ASN A N   1 
ATOM   565 C  CA  . ASN A 1 74  ? 5.338   26.696  4.770   1.00 36.65  ? 435  ASN A CA  1 
ATOM   566 C  C   . ASN A 1 74  ? 5.846   27.496  3.530   1.00 36.89  ? 435  ASN A C   1 
ATOM   567 O  O   . ASN A 1 74  ? 6.587   28.502  3.628   1.00 36.07  ? 435  ASN A O   1 
ATOM   568 C  CB  . ASN A 1 74  ? 6.255   25.498  5.037   1.00 37.65  ? 435  ASN A CB  1 
ATOM   569 C  CG  . ASN A 1 74  ? 6.198   25.005  6.503   1.00 40.87  ? 435  ASN A CG  1 
ATOM   570 O  OD1 . ASN A 1 74  ? 5.841   25.757  7.412   1.00 45.66  ? 435  ASN A OD1 1 
ATOM   571 N  ND2 . ASN A 1 74  ? 6.573   23.739  6.725   1.00 39.72  ? 435  ASN A ND2 1 
ATOM   572 N  N   . HIS A 1 75  ? 5.416   27.067  2.351   1.00 39.40  ? 436  HIS A N   1 
ATOM   573 C  CA  . HIS A 1 75  ? 5.757   27.805  1.151   1.00 43.41  ? 436  HIS A CA  1 
ATOM   574 C  C   . HIS A 1 75  ? 5.152   29.188  1.220   1.00 43.08  ? 436  HIS A C   1 
ATOM   575 O  O   . HIS A 1 75  ? 5.784   30.148  0.780   1.00 45.67  ? 436  HIS A O   1 
ATOM   576 C  CB  . HIS A 1 75  ? 5.314   27.066  -0.120  1.00 49.82  ? 436  HIS A CB  1 
ATOM   577 C  CG  . HIS A 1 75  ? 5.443   27.883  -1.376  1.00 59.93  ? 436  HIS A CG  1 
ATOM   578 N  ND1 . HIS A 1 75  ? 4.613   27.703  -2.462  1.00 71.08  ? 436  HIS A ND1 1 
ATOM   579 C  CD2 . HIS A 1 75  ? 6.292   28.886  -1.718  1.00 65.73  ? 436  HIS A CD2 1 
ATOM   580 C  CE1 . HIS A 1 75  ? 4.944   28.552  -3.421  1.00 79.22  ? 436  HIS A CE1 1 
ATOM   581 N  NE2 . HIS A 1 75  ? 5.958   29.287  -2.993  1.00 76.70  ? 436  HIS A NE2 1 
ATOM   582 N  N   . LYS A 1 76  ? 3.956   29.315  1.790   1.00 42.74  ? 437  LYS A N   1 
ATOM   583 C  CA  . LYS A 1 76  ? 3.316   30.621  1.892   1.00 44.94  ? 437  LYS A CA  1 
ATOM   584 C  C   . LYS A 1 76  ? 4.023   31.486  2.911   1.00 42.02  ? 437  LYS A C   1 
ATOM   585 O  O   . LYS A 1 76  ? 4.442   32.602  2.614   1.00 42.78  ? 437  LYS A O   1 
ATOM   586 C  CB  . LYS A 1 76  ? 1.846   30.484  2.243   1.00 50.48  ? 437  LYS A CB  1 
ATOM   587 C  CG  . LYS A 1 76  ? 0.944   30.178  1.017   1.00 59.73  ? 437  LYS A CG  1 
ATOM   588 C  CD  . LYS A 1 76  ? -0.375  29.484  1.411   1.00 67.41  ? 437  LYS A CD  1 
ATOM   589 C  CE  . LYS A 1 76  ? -1.256  29.161  0.203   1.00 77.96  ? 437  LYS A CE  1 
ATOM   590 N  NZ  . LYS A 1 76  ? -1.953  27.832  0.322   1.00 80.43  ? 437  LYS A NZ  1 
ATOM   591 N  N   . GLU A 1 77  ? 4.192   30.959  4.113   1.00 40.49  ? 438  GLU A N   1 
ATOM   592 C  CA  . GLU A 1 77  ? 4.844   31.710  5.186   1.00 41.31  ? 438  GLU A CA  1 
ATOM   593 C  C   . GLU A 1 77  ? 6.141   32.315  4.645   1.00 39.01  ? 438  GLU A C   1 
ATOM   594 O  O   . GLU A 1 77  ? 6.514   33.444  4.954   1.00 41.20  ? 438  GLU A O   1 
ATOM   595 C  CB  . GLU A 1 77  ? 5.121   30.794  6.390   1.00 42.58  ? 438  GLU A CB  1 
ATOM   596 C  CG  . GLU A 1 77  ? 5.509   31.532  7.688   1.00 49.85  ? 438  GLU A CG  1 
ATOM   597 C  CD  . GLU A 1 77  ? 5.511   30.623  8.927   1.00 57.82  ? 438  GLU A CD  1 
ATOM   598 O  OE1 . GLU A 1 77  ? 5.077   29.451  8.832   1.00 57.95  ? 438  GLU A OE1 1 
ATOM   599 O  OE2 . GLU A 1 77  ? 5.922   31.077  10.022  1.00 67.75  ? 438  GLU A OE2 1 
ATOM   600 N  N   . MET A 1 78  ? 6.832   31.556  3.817   1.00 36.83  ? 439  MET A N   1 
ATOM   601 C  CA  . MET A 1 78  ? 8.064   32.064  3.235   1.00 38.50  ? 439  MET A CA  1 
ATOM   602 C  C   . MET A 1 78  ? 7.815   33.316  2.421   1.00 39.26  ? 439  MET A C   1 
ATOM   603 O  O   . MET A 1 78  ? 8.563   34.288  2.492   1.00 40.43  ? 439  MET A O   1 
ATOM   604 C  CB  . MET A 1 78  ? 8.685   31.000  2.341   1.00 40.60  ? 439  MET A CB  1 
ATOM   605 C  CG  . MET A 1 78  ? 10.184  30.825  2.538   1.00 45.73  ? 439  MET A CG  1 
ATOM   606 S  SD  . MET A 1 78  ? 10.608  29.096  2.778   1.00 50.65  ? 439  MET A SD  1 
ATOM   607 C  CE  . MET A 1 78  ? 9.430   28.240  1.734   1.00 46.35  ? 439  MET A CE  1 
ATOM   608 N  N   . LYS A 1 79  ? 6.749   33.276  1.637   1.00 40.03  ? 440  LYS A N   1 
ATOM   609 C  CA  . LYS A 1 79  ? 6.442   34.395  0.755   1.00 44.13  ? 440  LYS A CA  1 
ATOM   610 C  C   . LYS A 1 79  ? 6.127   35.616  1.593   1.00 43.31  ? 440  LYS A C   1 
ATOM   611 O  O   . LYS A 1 79  ? 6.542   36.700  1.254   1.00 45.33  ? 440  LYS A O   1 
ATOM   612 C  CB  . LYS A 1 79  ? 5.319   34.039  -0.224  1.00 48.79  ? 440  LYS A CB  1 
ATOM   613 C  CG  . LYS A 1 79  ? 4.450   35.213  -0.672  1.00 57.72  ? 440  LYS A CG  1 
ATOM   614 C  CD  . LYS A 1 79  ? 4.832   35.752  -2.035  1.00 68.24  ? 440  LYS A CD  1 
ATOM   615 C  CE  . LYS A 1 79  ? 3.986   36.999  -2.379  1.00 78.12  ? 440  LYS A CE  1 
ATOM   616 N  NZ  . LYS A 1 79  ? 4.294   37.646  -3.704  1.00 89.32  ? 440  LYS A NZ  1 
ATOM   617 N  N   . GLN A 1 80  ? 5.412   35.432  2.694   1.00 42.12  ? 441  GLN A N   1 
ATOM   618 C  CA  . GLN A 1 80  ? 5.148   36.540  3.625   1.00 45.88  ? 441  GLN A CA  1 
ATOM   619 C  C   . GLN A 1 80  ? 6.452   37.145  4.188   1.00 44.58  ? 441  GLN A C   1 
ATOM   620 O  O   . GLN A 1 80  ? 6.617   38.394  4.233   1.00 47.23  ? 441  GLN A O   1 
ATOM   621 C  CB  . GLN A 1 80  ? 4.259   36.081  4.790   1.00 49.62  ? 441  GLN A CB  1 
ATOM   622 C  CG  . GLN A 1 80  ? 2.748   35.983  4.479   1.00 57.54  ? 441  GLN A CG  1 
ATOM   623 C  CD  . GLN A 1 80  ? 1.910   35.537  5.702   1.00 66.60  ? 441  GLN A CD  1 
ATOM   624 O  OE1 . GLN A 1 80  ? 2.072   34.429  6.234   1.00 64.42  ? 441  GLN A OE1 1 
ATOM   625 N  NE2 . GLN A 1 80  ? 1.004   36.410  6.139   1.00 79.70  ? 441  GLN A NE2 1 
ATOM   626 N  N   . ILE A 1 81  ? 7.357   36.249  4.605   1.00 35.96  ? 442  ILE A N   1 
ATOM   627 C  CA  . ILE A 1 81  ? 8.669   36.632  5.091   1.00 33.21  ? 442  ILE A CA  1 
ATOM   628 C  C   . ILE A 1 81  ? 9.447   37.431  4.056   1.00 31.50  ? 442  ILE A C   1 
ATOM   629 O  O   . ILE A 1 81  ? 10.095  38.451  4.377   1.00 30.42  ? 442  ILE A O   1 
ATOM   630 C  CB  . ILE A 1 81  ? 9.519   35.429  5.497   1.00 33.52  ? 442  ILE A CB  1 
ATOM   631 C  CG1 . ILE A 1 81  ? 8.971   34.800  6.773   1.00 37.76  ? 442  ILE A CG1 1 
ATOM   632 C  CG2 . ILE A 1 81  ? 10.950  35.863  5.730   1.00 30.14  ? 442  ILE A CG2 1 
ATOM   633 C  CD1 . ILE A 1 81  ? 9.636   33.494  7.166   1.00 40.74  ? 442  ILE A CD1 1 
ATOM   634 N  N   . GLU A 1 82  ? 9.391   36.976  2.821   1.00 33.05  ? 443  GLU A N   1 
ATOM   635 C  CA  . GLU A 1 82  ? 10.115  37.653  1.750   1.00 34.89  ? 443  GLU A CA  1 
ATOM   636 C  C   . GLU A 1 82  ? 9.548   39.035  1.520   1.00 35.64  ? 443  GLU A C   1 
ATOM   637 O  O   . GLU A 1 82  ? 10.297  39.999  1.426   1.00 35.11  ? 443  GLU A O   1 
ATOM   638 C  CB  . GLU A 1 82  ? 10.081  36.830  0.474   1.00 38.96  ? 443  GLU A CB  1 
ATOM   639 C  CG  . GLU A 1 82  ? 11.048  35.681  0.555   1.00 44.10  ? 443  GLU A CG  1 
ATOM   640 C  CD  . GLU A 1 82  ? 10.680  34.512  -0.315  1.00 54.72  ? 443  GLU A CD  1 
ATOM   641 O  OE1 . GLU A 1 82  ? 9.589   34.521  -0.930  1.00 61.00  ? 443  GLU A OE1 1 
ATOM   642 O  OE2 . GLU A 1 82  ? 11.496  33.560  -0.388  1.00 62.98  ? 443  GLU A OE2 1 
ATOM   643 N  N   . ASP A 1 83  ? 8.224   39.138  1.469   1.00 38.83  ? 444  ASP A N   1 
ATOM   644 C  CA  . ASP A 1 83  ? 7.583   40.415  1.269   1.00 42.16  ? 444  ASP A CA  1 
ATOM   645 C  C   . ASP A 1 83  ? 8.016   41.364  2.387   1.00 40.61  ? 444  ASP A C   1 
ATOM   646 O  O   . ASP A 1 83  ? 8.206   42.563  2.167   1.00 41.32  ? 444  ASP A O   1 
ATOM   647 C  CB  . ASP A 1 83  ? 6.058   40.258  1.213   1.00 47.93  ? 444  ASP A CB  1 
ATOM   648 C  CG  . ASP A 1 83  ? 5.551   39.782  -0.173  1.00 54.90  ? 444  ASP A CG  1 
ATOM   649 O  OD1 . ASP A 1 83  ? 6.358   39.751  -1.140  1.00 58.86  ? 444  ASP A OD1 1 
ATOM   650 O  OD2 . ASP A 1 83  ? 4.339   39.457  -0.295  1.00 59.81  ? 444  ASP A OD2 1 
ATOM   651 N  N   . LYS A 1 84  ? 8.208   40.820  3.589   1.00 39.66  ? 445  LYS A N   1 
ATOM   652 C  CA  . LYS A 1 84  ? 8.587   41.643  4.747   1.00 39.93  ? 445  LYS A CA  1 
ATOM   653 C  C   . LYS A 1 84  ? 10.006  42.124  4.573   1.00 36.67  ? 445  LYS A C   1 
ATOM   654 O  O   . LYS A 1 84  ? 10.336  43.266  4.946   1.00 38.16  ? 445  LYS A O   1 
ATOM   655 C  CB  . LYS A 1 84  ? 8.479   40.871  6.061   1.00 41.88  ? 445  LYS A CB  1 
ATOM   656 C  CG  . LYS A 1 84  ? 7.601   41.566  7.170   1.00 50.52  ? 445  LYS A CG  1 
ATOM   657 C  CD  . LYS A 1 84  ? 7.940   43.052  7.514   1.00 52.90  ? 445  LYS A CD  1 
ATOM   658 N  N   . ILE A 1 85  ? 10.857  41.270  4.008   1.00 33.44  ? 446  ILE A N   1 
ATOM   659 C  CA  . ILE A 1 85  ? 12.249  41.654  3.808   1.00 32.06  ? 446  ILE A CA  1 
ATOM   660 C  C   . ILE A 1 85  ? 12.400  42.777  2.805   1.00 33.21  ? 446  ILE A C   1 
ATOM   661 O  O   . ILE A 1 85  ? 13.207  43.702  2.990   1.00 32.88  ? 446  ILE A O   1 
ATOM   662 C  CB  . ILE A 1 85  ? 13.109  40.458  3.361   1.00 32.56  ? 446  ILE A CB  1 
ATOM   663 C  CG1 . ILE A 1 85  ? 13.480  39.598  4.590   1.00 32.82  ? 446  ILE A CG1 1 
ATOM   664 C  CG2 . ILE A 1 85  ? 14.347  40.940  2.665   1.00 32.09  ? 446  ILE A CG2 1 
ATOM   665 C  CD1 . ILE A 1 85  ? 14.230  38.360  4.220   1.00 34.71  ? 446  ILE A CD1 1 
ATOM   666 N  N   . GLU A 1 86  ? 11.616  42.713  1.743   1.00 35.88  ? 447  GLU A N   1 
ATOM   667 C  CA  . GLU A 1 86  ? 11.629  43.781  0.763   1.00 39.64  ? 447  GLU A CA  1 
ATOM   668 C  C   . GLU A 1 86  ? 11.408  45.117  1.468   1.00 40.49  ? 447  GLU A C   1 
ATOM   669 O  O   . GLU A 1 86  ? 12.147  46.086  1.270   1.00 41.63  ? 447  GLU A O   1 
ATOM   670 C  CB  . GLU A 1 86  ? 10.528  43.560  -0.280  1.00 44.94  ? 447  GLU A CB  1 
ATOM   671 C  CG  . GLU A 1 86  ? 10.839  42.506  -1.358  1.00 49.53  ? 447  GLU A CG  1 
ATOM   672 C  CD  . GLU A 1 86  ? 9.626   42.054  -2.156  1.00 56.18  ? 447  GLU A CD  1 
ATOM   673 O  OE1 . GLU A 1 86  ? 8.959   42.937  -2.736  1.00 63.00  ? 447  GLU A OE1 1 
ATOM   674 O  OE2 . GLU A 1 86  ? 9.365   40.823  -2.224  1.00 56.99  ? 447  GLU A OE2 1 
ATOM   675 N  N   . GLU A 1 87  ? 10.385  45.156  2.302   1.00 42.05  ? 448  GLU A N   1 
ATOM   676 C  CA  . GLU A 1 87  ? 10.030  46.367  3.019   1.00 45.97  ? 448  GLU A CA  1 
ATOM   677 C  C   . GLU A 1 87  ? 11.190  46.848  3.882   1.00 43.60  ? 448  GLU A C   1 
ATOM   678 O  O   . GLU A 1 87  ? 11.454  48.069  3.985   1.00 45.82  ? 448  GLU A O   1 
ATOM   679 C  CB  . GLU A 1 87  ? 8.789   46.103  3.880   1.00 50.55  ? 448  GLU A CB  1 
ATOM   680 C  CG  . GLU A 1 87  ? 8.225   47.323  4.628   1.00 60.38  ? 448  GLU A CG  1 
ATOM   681 C  CD  . GLU A 1 87  ? 7.339   46.926  5.821   1.00 69.44  ? 448  GLU A CD  1 
ATOM   682 O  OE1 . GLU A 1 87  ? 6.692   45.844  5.753   1.00 70.28  ? 448  GLU A OE1 1 
ATOM   683 O  OE2 . GLU A 1 87  ? 7.306   47.693  6.827   1.00 77.05  ? 448  GLU A OE2 1 
ATOM   684 N  N   . ILE A 1 88  ? 11.888  45.890  4.500   1.00 39.91  ? 449  ILE A N   1 
ATOM   685 C  CA  . ILE A 1 88  ? 13.040  46.228  5.341   1.00 39.03  ? 449  ILE A CA  1 
ATOM   686 C  C   . ILE A 1 88  ? 14.162  46.831  4.481   1.00 37.23  ? 449  ILE A C   1 
ATOM   687 O  O   . ILE A 1 88  ? 14.743  47.887  4.792   1.00 37.45  ? 449  ILE A O   1 
ATOM   688 C  CB  . ILE A 1 88  ? 13.540  44.985  6.117   1.00 38.62  ? 449  ILE A CB  1 
ATOM   689 C  CG1 . ILE A 1 88  ? 12.662  44.752  7.344   1.00 43.42  ? 449  ILE A CG1 1 
ATOM   690 C  CG2 . ILE A 1 88  ? 14.985  45.148  6.570   1.00 38.91  ? 449  ILE A CG2 1 
ATOM   691 C  CD1 . ILE A 1 88  ? 12.907  43.422  8.028   1.00 45.99  ? 449  ILE A CD1 1 
ATOM   692 N  N   . LEU A 1 89  ? 14.453  46.170  3.373   1.00 35.66  ? 450  LEU A N   1 
ATOM   693 C  CA  . LEU A 1 89  ? 15.482  46.695  2.485   1.00 37.12  ? 450  LEU A CA  1 
ATOM   694 C  C   . LEU A 1 89  ? 15.144  48.123  2.019   1.00 39.75  ? 450  LEU A C   1 
ATOM   695 O  O   . LEU A 1 89  ? 16.035  48.986  1.902   1.00 41.24  ? 450  LEU A O   1 
ATOM   696 C  CB  . LEU A 1 89  ? 15.689  45.781  1.278   1.00 38.17  ? 450  LEU A CB  1 
ATOM   697 C  CG  . LEU A 1 89  ? 16.436  44.484  1.588   1.00 38.51  ? 450  LEU A CG  1 
ATOM   698 C  CD1 . LEU A 1 89  ? 16.434  43.573  0.373   1.00 43.98  ? 450  LEU A CD1 1 
ATOM   699 C  CD2 . LEU A 1 89  ? 17.857  44.744  2.039   1.00 38.19  ? 450  LEU A CD2 1 
ATOM   700 N  N   . SER A 1 90  ? 13.868  48.369  1.746   1.00 41.17  ? 451  SER A N   1 
ATOM   701 C  CA  . SER A 1 90  ? 13.460  49.690  1.336   1.00 45.78  ? 451  SER A CA  1 
ATOM   702 C  C   . SER A 1 90  ? 13.757  50.704  2.433   1.00 46.25  ? 451  SER A C   1 
ATOM   703 O  O   . SER A 1 90  ? 14.375  51.742  2.197   1.00 47.57  ? 451  SER A O   1 
ATOM   704 C  CB  . SER A 1 90  ? 11.978  49.692  0.981   1.00 50.16  ? 451  SER A CB  1 
ATOM   705 O  OG  . SER A 1 90  ? 11.759  48.844  -0.140  1.00 52.53  ? 451  SER A OG  1 
ATOM   706 N  N   . LYS A 1 91  ? 13.330  50.388  3.643   1.00 45.04  ? 452  LYS A N   1 
ATOM   707 C  CA  . LYS A 1 91  ? 13.598  51.273  4.749   1.00 42.73  ? 452  LYS A CA  1 
ATOM   708 C  C   . LYS A 1 91  ? 15.098  51.489  4.855   1.00 38.02  ? 452  LYS A C   1 
ATOM   709 O  O   . LYS A 1 91  ? 15.553  52.618  5.069   1.00 36.98  ? 452  LYS A O   1 
ATOM   710 C  CB  . LYS A 1 91  ? 13.054  50.707  6.056   1.00 44.36  ? 452  LYS A CB  1 
ATOM   711 C  CG  . LYS A 1 91  ? 11.662  51.181  6.429   1.00 51.83  ? 452  LYS A CG  1 
ATOM   712 C  CD  . LYS A 1 91  ? 10.899  50.095  7.198   1.00 57.22  ? 452  LYS A CD  1 
ATOM   713 C  CE  . LYS A 1 91  ? 9.544   50.593  7.703   1.00 66.72  ? 452  LYS A CE  1 
ATOM   714 N  NZ  . LYS A 1 91  ? 8.780   49.511  8.385   1.00 71.22  ? 452  LYS A NZ  1 
ATOM   715 N  N   . ILE A 1 92  ? 15.883  50.425  4.694   1.00 37.15  ? 453  ILE A N   1 
ATOM   716 C  CA  . ILE A 1 92  ? 17.340  50.580  4.849   1.00 35.17  ? 453  ILE A CA  1 
ATOM   717 C  C   . ILE A 1 92  ? 17.955  51.484  3.790   1.00 35.58  ? 453  ILE A C   1 
ATOM   718 O  O   . ILE A 1 92  ? 18.865  52.282  4.078   1.00 34.10  ? 453  ILE A O   1 
ATOM   719 C  CB  . ILE A 1 92  ? 18.081  49.266  4.862   1.00 37.52  ? 453  ILE A CB  1 
ATOM   720 C  CG1 . ILE A 1 92  ? 18.010  48.656  6.268   1.00 37.51  ? 453  ILE A CG1 1 
ATOM   721 C  CG2 . ILE A 1 92  ? 19.517  49.512  4.482   1.00 37.83  ? 453  ILE A CG2 1 
ATOM   722 C  CD1 . ILE A 1 92  ? 18.369  47.191  6.317   1.00 43.13  ? 453  ILE A CD1 1 
ATOM   723 N  N   . TYR A 1 93  ? 17.470  51.390  2.564   1.00 39.29  ? 454  TYR A N   1 
ATOM   724 C  CA  . TYR A 1 93  ? 17.997  52.283  1.554   1.00 41.98  ? 454  TYR A CA  1 
ATOM   725 C  C   . TYR A 1 93  ? 17.572  53.715  1.887   1.00 39.43  ? 454  TYR A C   1 
ATOM   726 O  O   . TYR A 1 93  ? 18.393  54.653  1.839   1.00 38.44  ? 454  TYR A O   1 
ATOM   727 C  CB  . TYR A 1 93  ? 17.592  51.882  0.136   1.00 49.55  ? 454  TYR A CB  1 
ATOM   728 C  CG  . TYR A 1 93  ? 18.238  52.787  -0.914  1.00 58.15  ? 454  TYR A CG  1 
ATOM   729 C  CD1 . TYR A 1 93  ? 19.623  53.086  -0.886  1.00 60.49  ? 454  TYR A CD1 1 
ATOM   730 C  CD2 . TYR A 1 93  ? 17.474  53.367  -1.922  1.00 67.60  ? 454  TYR A CD2 1 
ATOM   731 C  CE1 . TYR A 1 93  ? 20.214  53.928  -1.841  1.00 66.17  ? 454  TYR A CE1 1 
ATOM   732 C  CE2 . TYR A 1 93  ? 18.057  54.218  -2.887  1.00 73.80  ? 454  TYR A CE2 1 
ATOM   733 C  CZ  . TYR A 1 93  ? 19.427  54.490  -2.839  1.00 73.29  ? 454  TYR A CZ  1 
ATOM   734 O  OH  . TYR A 1 93  ? 20.022  55.321  -3.769  1.00 79.87  ? 454  TYR A OH  1 
ATOM   735 N  N   . HIS A 1 94  ? 16.320  53.889  2.286   1.00 39.35  ? 455  HIS A N   1 
ATOM   736 C  CA  . HIS A 1 94  ? 15.882  55.219  2.662   1.00 40.22  ? 455  HIS A CA  1 
ATOM   737 C  C   . HIS A 1 94  ? 16.773  55.809  3.769   1.00 35.48  ? 455  HIS A C   1 
ATOM   738 O  O   . HIS A 1 94  ? 17.128  57.008  3.776   1.00 35.81  ? 455  HIS A O   1 
ATOM   739 C  CB  . HIS A 1 94  ? 14.434  55.211  3.122   1.00 44.80  ? 455  HIS A CB  1 
ATOM   740 C  CG  . HIS A 1 94  ? 13.944  56.559  3.528   1.00 50.61  ? 455  HIS A CG  1 
ATOM   741 N  ND1 . HIS A 1 94  ? 13.823  57.607  2.641   1.00 57.49  ? 455  HIS A ND1 1 
ATOM   742 C  CD2 . HIS A 1 94  ? 13.594  57.042  4.740   1.00 53.64  ? 455  HIS A CD2 1 
ATOM   743 C  CE1 . HIS A 1 94  ? 13.397  58.675  3.289   1.00 63.68  ? 455  HIS A CE1 1 
ATOM   744 N  NE2 . HIS A 1 94  ? 13.253  58.360  4.563   1.00 61.84  ? 455  HIS A NE2 1 
ATOM   745 N  N   . ILE A 1 95  ? 17.152  54.962  4.709   1.00 31.65  ? 456  ILE A N   1 
ATOM   746 C  CA  . ILE A 1 95  ? 17.929  55.436  5.841   1.00 29.34  ? 456  ILE A CA  1 
ATOM   747 C  C   . ILE A 1 95  ? 19.302  55.830  5.368   1.00 27.44  ? 456  ILE A C   1 
ATOM   748 O  O   . ILE A 1 95  ? 19.834  56.877  5.790   1.00 26.72  ? 456  ILE A O   1 
ATOM   749 C  CB  . ILE A 1 95  ? 18.021  54.364  6.930   1.00 29.36  ? 456  ILE A CB  1 
ATOM   750 C  CG1 . ILE A 1 95  ? 16.659  54.268  7.657   1.00 33.51  ? 456  ILE A CG1 1 
ATOM   751 C  CG2 . ILE A 1 95  ? 19.151  54.683  7.912   1.00 28.65  ? 456  ILE A CG2 1 
ATOM   752 C  CD1 . ILE A 1 95  ? 16.536  53.108  8.615   1.00 33.52  ? 456  ILE A CD1 1 
ATOM   753 N  N   . GLU A 1 96  ? 19.871  55.009  4.472   1.00 27.48  ? 457  GLU A N   1 
ATOM   754 C  CA  . GLU A 1 96  ? 21.221  55.272  3.968   1.00 28.15  ? 457  GLU A CA  1 
ATOM   755 C  C   . GLU A 1 96  ? 21.217  56.651  3.343   1.00 28.59  ? 457  GLU A C   1 
ATOM   756 O  O   . GLU A 1 96  ? 22.090  57.490  3.622   1.00 28.23  ? 457  GLU A O   1 
ATOM   757 C  CB  . GLU A 1 96  ? 21.645  54.199  2.983   1.00 32.06  ? 457  GLU A CB  1 
ATOM   758 C  CG  . GLU A 1 96  ? 22.270  52.986  3.695   1.00 36.47  ? 457  GLU A CG  1 
ATOM   759 C  CD  . GLU A 1 96  ? 22.439  51.738  2.819   1.00 45.08  ? 457  GLU A CD  1 
ATOM   760 O  OE1 . GLU A 1 96  ? 21.792  51.628  1.753   1.00 49.42  ? 457  GLU A OE1 1 
ATOM   761 O  OE2 . GLU A 1 96  ? 23.243  50.856  3.216   1.00 51.98  ? 457  GLU A OE2 1 
ATOM   762 N  N   . ASN A 1 97  ? 20.170  56.907  2.565   1.00 30.34  ? 458  ASN A N   1 
ATOM   763 C  CA  . ASN A 1 97  ? 20.006  58.206  1.942   1.00 33.29  ? 458  ASN A CA  1 
ATOM   764 C  C   . ASN A 1 97  ? 19.887  59.353  2.923   1.00 32.06  ? 458  ASN A C   1 
ATOM   765 O  O   . ASN A 1 97  ? 20.449  60.435  2.705   1.00 33.22  ? 458  ASN A O   1 
ATOM   766 C  CB  . ASN A 1 97  ? 18.794  58.200  1.021   1.00 38.63  ? 458  ASN A CB  1 
ATOM   767 C  CG  . ASN A 1 97  ? 19.169  57.912  -0.403  1.00 45.71  ? 458  ASN A CG  1 
ATOM   768 O  OD1 . ASN A 1 97  ? 20.334  58.043  -0.782  1.00 48.89  ? 458  ASN A OD1 1 
ATOM   769 N  ND2 . ASN A 1 97  ? 18.189  57.520  -1.210  1.00 55.37  ? 458  ASN A ND2 1 
ATOM   770 N  N   . GLU A 1 98  ? 19.147  59.129  4.006   1.00 30.82  ? 459  GLU A N   1 
ATOM   771 C  CA  . GLU A 1 98  ? 18.979  60.194  4.993   1.00 32.65  ? 459  GLU A CA  1 
ATOM   772 C  C   . GLU A 1 98  ? 20.332  60.497  5.633   1.00 29.09  ? 459  GLU A C   1 
ATOM   773 O  O   . GLU A 1 98  ? 20.698  61.663  5.858   1.00 30.94  ? 459  GLU A O   1 
ATOM   774 C  CB  . GLU A 1 98  ? 17.945  59.801  6.041   1.00 35.31  ? 459  GLU A CB  1 
ATOM   775 C  CG  . GLU A 1 98  ? 16.465  59.897  5.592   1.00 43.30  ? 459  GLU A CG  1 
ATOM   776 C  CD  . GLU A 1 98  ? 15.911  61.312  5.598   1.00 54.60  ? 459  GLU A CD  1 
ATOM   777 O  OE1 . GLU A 1 98  ? 16.464  62.186  4.887   1.00 58.70  ? 459  GLU A OE1 1 
ATOM   778 O  OE2 . GLU A 1 98  ? 14.907  61.546  6.305   1.00 64.29  ? 459  GLU A OE2 1 
ATOM   779 N  N   . ILE A 1 99  ? 21.097  59.443  5.876   1.00 24.87  ? 460  ILE A N   1 
ATOM   780 C  CA  . ILE A 1 99  ? 22.418  59.624  6.508   1.00 24.70  ? 460  ILE A CA  1 
ATOM   781 C  C   . ILE A 1 99  ? 23.344  60.426  5.615   1.00 25.72  ? 460  ILE A C   1 
ATOM   782 O  O   . ILE A 1 99  ? 24.076  61.330  6.063   1.00 27.20  ? 460  ILE A O   1 
ATOM   783 C  CB  . ILE A 1 99  ? 23.078  58.274  6.874   1.00 23.73  ? 460  ILE A CB  1 
ATOM   784 C  CG1 . ILE A 1 99  ? 22.531  57.800  8.230   1.00 24.60  ? 460  ILE A CG1 1 
ATOM   785 C  CG2 . ILE A 1 99  ? 24.579  58.407  6.902   1.00 23.70  ? 460  ILE A CG2 1 
ATOM   786 C  CD1 . ILE A 1 99  ? 22.515  56.329  8.338   1.00 25.16  ? 460  ILE A CD1 1 
ATOM   787 N  N   . ALA A 1 100 ? 23.296  60.103  4.337   1.00 26.09  ? 461  ALA A N   1 
ATOM   788 C  CA  . ALA A 1 100 ? 24.117  60.822  3.390   1.00 29.33  ? 461  ALA A CA  1 
ATOM   789 C  C   . ALA A 1 100 ? 23.748  62.294  3.412   1.00 31.94  ? 461  ALA A C   1 
ATOM   790 O  O   . ALA A 1 100 ? 24.622  63.177  3.484   1.00 33.54  ? 461  ALA A O   1 
ATOM   791 C  CB  . ALA A 1 100 ? 23.959  60.246  1.972   1.00 32.09  ? 461  ALA A CB  1 
ATOM   792 N  N   . ARG A 1 101 ? 22.451  62.571  3.369   1.00 29.86  ? 462  ARG A N   1 
ATOM   793 C  CA  . ARG A 1 101 ? 22.011  63.972  3.295   1.00 31.43  ? 462  ARG A CA  1 
ATOM   794 C  C   . ARG A 1 101 ? 22.398  64.704  4.569   1.00 27.47  ? 462  ARG A C   1 
ATOM   795 O  O   . ARG A 1 101 ? 22.787  65.881  4.524   1.00 29.18  ? 462  ARG A O   1 
ATOM   796 C  CB  . ARG A 1 101 ? 20.507  64.105  3.019   1.00 36.52  ? 462  ARG A CB  1 
ATOM   797 C  CG  . ARG A 1 101 ? 20.119  64.019  1.525   1.00 47.60  ? 462  ARG A CG  1 
ATOM   798 C  CD  . ARG A 1 101 ? 18.629  64.319  1.321   1.00 58.37  ? 462  ARG A CD  1 
ATOM   799 N  NE  . ARG A 1 101 ? 17.751  63.212  1.740   1.00 61.99  ? 462  ARG A NE  1 
ATOM   800 C  CZ  . ARG A 1 101 ? 17.499  62.127  1.009   1.00 70.18  ? 462  ARG A CZ  1 
ATOM   801 N  NH1 . ARG A 1 101 ? 18.075  61.968  -0.175  1.00 77.07  ? 462  ARG A NH1 1 
ATOM   802 N  NH2 . ARG A 1 101 ? 16.673  61.190  1.465   1.00 73.63  ? 462  ARG A NH2 1 
ATOM   803 N  N   . ILE A 1 102 ? 22.292  64.021  5.716   1.00 25.07  ? 463  ILE A N   1 
ATOM   804 C  CA  . ILE A 1 102 ? 22.742  64.632  6.976   1.00 23.60  ? 463  ILE A CA  1 
ATOM   805 C  C   . ILE A 1 102 ? 24.234  64.930  6.843   1.00 24.41  ? 463  ILE A C   1 
ATOM   806 O  O   . ILE A 1 102 ? 24.723  66.041  7.130   1.00 26.07  ? 463  ILE A O   1 
ATOM   807 C  CB  . ILE A 1 102 ? 22.557  63.708  8.187   1.00 23.96  ? 463  ILE A CB  1 
ATOM   808 C  CG1 . ILE A 1 102 ? 21.105  63.753  8.677   1.00 27.18  ? 463  ILE A CG1 1 
ATOM   809 C  CG2 . ILE A 1 102 ? 23.519  64.113  9.326   1.00 22.03  ? 463  ILE A CG2 1 
ATOM   810 C  CD1 . ILE A 1 102 ? 20.667  62.521  9.470   1.00 27.82  ? 463  ILE A CD1 1 
ATOM   811 N  N   . LYS A 1 103 ? 24.990  63.944  6.412   1.00 25.25  ? 464  LYS A N   1 
ATOM   812 C  CA  . LYS A 1 103 ? 26.415  64.210  6.298   1.00 29.02  ? 464  LYS A CA  1 
ATOM   813 C  C   . LYS A 1 103 ? 26.692  65.491  5.497   1.00 31.07  ? 464  LYS A C   1 
ATOM   814 O  O   . LYS A 1 103 ? 27.578  66.270  5.851   1.00 33.66  ? 464  LYS A O   1 
ATOM   815 C  CB  . LYS A 1 103 ? 27.146  63.007  5.699   1.00 32.39  ? 464  LYS A CB  1 
ATOM   816 C  CG  . LYS A 1 103 ? 27.754  62.061  6.766   1.00 37.13  ? 464  LYS A CG  1 
ATOM   817 C  CD  . LYS A 1 103 ? 27.685  60.602  6.304   1.00 42.28  ? 464  LYS A CD  1 
ATOM   818 C  CE  . LYS A 1 103 ? 29.017  59.850  6.475   1.00 50.71  ? 464  LYS A CE  1 
ATOM   819 N  NZ  . LYS A 1 103 ? 29.307  58.974  5.317   1.00 55.92  ? 464  LYS A NZ  1 
ATOM   820 N  N   . LYS A 1 104 ? 25.925  65.697  4.430   1.00 32.77  ? 465  LYS A N   1 
ATOM   821 C  CA  . LYS A 1 104 ? 26.133  66.845  3.549   1.00 38.14  ? 465  LYS A CA  1 
ATOM   822 C  C   . LYS A 1 104 ? 25.892  68.170  4.288   1.00 40.04  ? 465  LYS A C   1 
ATOM   823 O  O   . LYS A 1 104 ? 26.604  69.152  4.062   1.00 45.19  ? 465  LYS A O   1 
ATOM   824 C  CB  . LYS A 1 104 ? 25.186  66.752  2.356   1.00 41.65  ? 465  LYS A CB  1 
ATOM   825 C  CG  . LYS A 1 104 ? 25.464  67.703  1.220   1.00 51.04  ? 465  LYS A CG  1 
ATOM   826 C  CD  . LYS A 1 104 ? 24.185  68.000  0.403   1.00 58.55  ? 465  LYS A CD  1 
ATOM   827 C  CE  . LYS A 1 104 ? 24.518  68.388  -1.069  1.00 70.52  ? 465  LYS A CE  1 
ATOM   828 N  NZ  . LYS A 1 104 ? 23.367  68.262  -2.009  1.00 78.39  ? 465  LYS A NZ  1 
ATOM   829 N  N   . LEU A 1 105 ? 24.894  68.209  5.166   1.00 38.69  ? 466  LEU A N   1 
ATOM   830 C  CA  . LEU A 1 105 ? 24.605  69.438  5.891   1.00 43.59  ? 466  LEU A CA  1 
ATOM   831 C  C   . LEU A 1 105 ? 25.734  69.792  6.821   1.00 46.06  ? 466  LEU A C   1 
ATOM   832 O  O   . LEU A 1 105 ? 26.123  70.954  6.914   1.00 52.52  ? 466  LEU A O   1 
ATOM   833 C  CB  . LEU A 1 105 ? 23.311  69.308  6.672   1.00 43.27  ? 466  LEU A CB  1 
ATOM   834 C  CG  . LEU A 1 105 ? 22.048  69.163  5.797   1.00 46.41  ? 466  LEU A CG  1 
ATOM   835 C  CD1 . LEU A 1 105 ? 20.811  69.094  6.704   1.00 48.79  ? 466  LEU A CD1 1 
ATOM   836 C  CD2 . LEU A 1 105 ? 21.888  70.314  4.761   1.00 53.35  ? 466  LEU A CD2 1 
ATOM   837 N  N   . ILE A 1 106 ? 26.265  68.780  7.489   1.00 44.24  ? 467  ILE A N   1 
ATOM   838 C  CA  . ILE A 1 106 ? 27.372  68.967  8.418   1.00 49.91  ? 467  ILE A CA  1 
ATOM   839 C  C   . ILE A 1 106 ? 28.611  69.455  7.686   1.00 55.75  ? 467  ILE A C   1 
ATOM   840 O  O   . ILE A 1 106 ? 29.232  70.415  8.118   1.00 62.78  ? 467  ILE A O   1 
ATOM   841 C  CB  . ILE A 1 106 ? 27.707  67.658  9.154   1.00 48.78  ? 467  ILE A CB  1 
ATOM   842 C  CG1 . ILE A 1 106 ? 26.457  67.145  9.897   1.00 47.94  ? 467  ILE A CG1 1 
ATOM   843 C  CG2 . ILE A 1 106 ? 28.866  67.860  10.124  1.00 54.53  ? 467  ILE A CG2 1 
ATOM   844 C  CD1 . ILE A 1 106 ? 26.585  65.722  10.436  1.00 49.64  ? 467  ILE A CD1 1 
ATOM   845 N  N   . LYS A 1 107 ? 28.947  68.796  6.576   1.00 55.95  ? 468  LYS A N   1 
ATOM   846 C  CA  . LYS A 1 107 ? 30.081  69.179  5.719   1.00 63.22  ? 468  LYS A CA  1 
ATOM   847 C  C   . LYS A 1 107 ? 29.986  70.651  5.254   1.00 70.29  ? 468  LYS A C   1 
ATOM   848 O  O   . LYS A 1 107 ? 30.988  71.364  5.219   1.00 77.87  ? 468  LYS A O   1 
ATOM   849 C  CB  . LYS A 1 107 ? 30.189  68.220  4.505   1.00 62.51  ? 468  LYS A CB  1 
ATOM   850 C  CG  . LYS A 1 107 ? 31.539  68.282  3.722   1.00 71.18  ? 468  LYS A CG  1 
ATOM   851 C  CD  . LYS A 1 107 ? 31.852  66.985  2.940   1.00 72.50  ? 468  LYS A CD  1 
ATOM   852 N  N   . LEU A 1 108 ? 28.787  71.111  4.913   1.00 70.39  ? 469  LEU A N   1 
ATOM   853 C  CA  . LEU A 1 108 ? 28.624  72.488  4.475   1.00 79.91  ? 469  LEU A CA  1 
ATOM   854 C  C   . LEU A 1 108 ? 28.833  73.471  5.622   1.00 86.76  ? 469  LEU A C   1 
ATOM   855 O  O   . LEU A 1 108 ? 29.381  74.550  5.413   1.00 97.14  ? 469  LEU A O   1 
ATOM   856 C  CB  . LEU A 1 108 ? 27.261  72.692  3.821   1.00 80.09  ? 469  LEU A CB  1 
ATOM   857 C  CG  . LEU A 1 108 ? 27.102  72.011  2.459   1.00 79.98  ? 469  LEU A CG  1 
ATOM   858 C  CD1 . LEU A 1 108 ? 25.697  72.233  1.923   1.00 82.36  ? 469  LEU A CD1 1 
ATOM   859 C  CD2 . LEU A 1 108 ? 28.150  72.511  1.468   1.00 88.45  ? 469  LEU A CD2 1 
ATOM   860 N  N   . HIS A 1 109 ? 28.412  73.091  6.830   1.00 84.23  ? 470  HIS A N   1 
ATOM   861 C  CA  . HIS A 1 109 ? 28.545  73.952  8.024   1.00 92.63  ? 470  HIS A CA  1 
ATOM   862 C  C   . HIS A 1 109 ? 29.753  73.538  8.893   1.00 94.63  ? 470  HIS A C   1 
ATOM   863 O  O   . HIS A 1 109 ? 30.898  73.922  8.649   1.00 101.13 ? 470  HIS A O   1 
ATOM   864 C  CB  . HIS A 1 109 ? 27.257  73.910  8.892   1.00 91.76  ? 470  HIS A CB  1 
ATOM   865 C  CG  . HIS A 1 109 ? 25.971  74.160  8.143   1.00 92.19  ? 470  HIS A CG  1 
ATOM   866 N  ND1 . HIS A 1 109 ? 24.970  73.213  8.040   1.00 86.82  ? 470  HIS A ND1 1 
ATOM   867 C  CD2 . HIS A 1 109 ? 25.509  75.258  7.495   1.00 100.34 ? 470  HIS A CD2 1 
ATOM   868 C  CE1 . HIS A 1 109 ? 23.958  73.710  7.352   1.00 90.78  ? 470  HIS A CE1 1 
ATOM   869 N  NE2 . HIS A 1 109 ? 24.262  74.948  7.004   1.00 99.30  ? 470  HIS A NE2 1 
HETATM 870 CL CL  . CL  B 2 .   ? -8.778  -25.136 -4.374  0.33 64.00  ? 1001 CL  A CL  1 
HETATM 871 CL CL  . CL  C 2 .   ? -5.324  -15.632 -2.705  0.33 42.87  ? 1002 CL  A CL  1 
HETATM 872 CL CL  . CL  D 2 .   ? -1.689  -6.112  -0.990  0.33 44.64  ? 1003 CL  A CL  1 
HETATM 873 CL CL  . CL  E 2 .   ? 8.485   22.381  4.181   0.33 34.85  ? 1004 CL  A CL  1 
HETATM 874 O  O   . HOH F 3 .   ? -2.039  -23.554 0.458   1.00 62.58  ? 2001 HOH A O   1 
HETATM 875 O  O   . HOH F 3 .   ? -0.744  -13.013 3.825   1.00 66.04  ? 2002 HOH A O   1 
HETATM 876 O  O   . HOH F 3 .   ? 0.060   -3.205  6.226   1.00 48.69  ? 2003 HOH A O   1 
HETATM 877 O  O   . HOH F 3 .   ? -8.796  -4.351  -0.340  1.00 50.85  ? 2004 HOH A O   1 
HETATM 878 O  O   . HOH F 3 .   ? 1.842   4.115   0.921   0.33 37.36  ? 2005 HOH A O   1 
HETATM 879 O  O   . HOH F 3 .   ? 21.528  57.566  -3.699  1.00 56.11  ? 2006 HOH A O   1 
# 
loop_
_atom_site_anisotrop.id 
_atom_site_anisotrop.type_symbol 
_atom_site_anisotrop.pdbx_label_atom_id 
_atom_site_anisotrop.pdbx_label_alt_id 
_atom_site_anisotrop.pdbx_label_comp_id 
_atom_site_anisotrop.pdbx_label_asym_id 
_atom_site_anisotrop.pdbx_label_seq_id 
_atom_site_anisotrop.pdbx_PDB_ins_code 
_atom_site_anisotrop.U[1][1] 
_atom_site_anisotrop.U[2][2] 
_atom_site_anisotrop.U[3][3] 
_atom_site_anisotrop.U[1][2] 
_atom_site_anisotrop.U[1][3] 
_atom_site_anisotrop.U[2][3] 
_atom_site_anisotrop.pdbx_auth_seq_id 
_atom_site_anisotrop.pdbx_auth_comp_id 
_atom_site_anisotrop.pdbx_auth_asym_id 
_atom_site_anisotrop.pdbx_auth_atom_id 
1   N  N   . LYS A 2   ? 1.5985 1.0308 2.1414 -0.1824 -0.2690 -0.3020 363  LYS A N   
2   C  CA  . LYS A 2   ? 1.5980 1.0969 2.0893 -0.1027 -0.2664 -0.4286 363  LYS A CA  
3   C  C   . LYS A 2   ? 1.4648 1.1542 1.7253 -0.0958 -0.2123 -0.4157 363  LYS A C   
4   O  O   . LYS A 2   ? 1.3704 1.0755 1.5429 -0.0720 -0.1720 -0.3080 363  LYS A O   
5   C  CB  . LYS A 2   ? 1.7727 1.2779 2.4218 -0.0928 -0.3101 -0.6628 363  LYS A CB  
6   N  N   . GLN A 3   ? 1.5114 1.3262 1.6656 -0.1232 -0.2297 -0.5167 364  GLN A N   
7   C  CA  . GLN A 3   ? 1.4771 1.4193 1.3829 -0.1340 -0.2059 -0.4584 364  GLN A CA  
8   C  C   . GLN A 3   ? 1.2935 1.2157 1.1952 -0.1303 -0.1986 -0.2713 364  GLN A C   
9   O  O   . GLN A 3   ? 1.2529 1.2149 1.0321 -0.1212 -0.1614 -0.1960 364  GLN A O   
10  C  CB  . GLN A 3   ? 1.5917 1.6259 1.3533 -0.1745 -0.2871 -0.5399 364  GLN A CB  
11  N  N   . ILE A 4   ? 1.2092 1.0780 1.2706 -0.1491 -0.2190 -0.2158 365  ILE A N   
12  C  CA  . ILE A 4   ? 1.0665 0.9470 1.1616 -0.1496 -0.1855 -0.0939 365  ILE A CA  
13  C  C   . ILE A 4   ? 0.9849 0.8066 1.0215 -0.1164 -0.1234 -0.0296 365  ILE A C   
14  O  O   . ILE A 4   ? 0.9049 0.7698 0.8988 -0.0971 -0.0991 0.0243  365  ILE A O   
15  C  CB  . ILE A 4   ? 1.0754 0.9454 1.3620 -0.2055 -0.1730 -0.0789 365  ILE A CB  
16  C  CG1 . ILE A 4   ? 1.1358 1.1048 1.5546 -0.2306 -0.2630 -0.1592 365  ILE A CG1 
17  C  CG2 . ILE A 4   ? 0.9866 0.8953 1.2979 -0.2137 -0.0962 0.0003  365  ILE A CG2 
18  C  CD1 . ILE A 4   ? 1.1152 1.1766 1.7901 -0.2777 -0.2374 -0.1537 365  ILE A CD1 
19  N  N   . GLU A 5   ? 1.0293 0.7434 1.0972 -0.1039 -0.1251 -0.0464 366  GLU A N   
20  C  CA  . GLU A 5   ? 1.0044 0.6621 1.0317 -0.0605 -0.1169 0.0002  366  GLU A CA  
21  C  C   . GLU A 5   ? 0.9115 0.6681 0.9042 -0.0197 -0.0940 -0.0527 366  GLU A C   
22  O  O   . GLU A 5   ? 0.8581 0.6321 0.8299 0.0042  -0.0829 -0.0136 366  GLU A O   
23  C  CB  . GLU A 5   ? 1.1575 0.6514 1.2724 -0.0420 -0.1757 -0.0032 366  GLU A CB  
24  C  CG  . GLU A 5   ? 1.3276 0.6787 1.4237 -0.1111 -0.1798 0.1209  366  GLU A CG  
25  C  CD  . GLU A 5   ? 1.5727 0.7130 1.8071 -0.1182 -0.2609 0.1287  366  GLU A CD  
26  O  OE1 . GLU A 5   ? 1.6056 0.7249 1.9919 -0.0451 -0.3239 0.0020  366  GLU A OE1 
27  O  OE2 . GLU A 5   ? 1.7850 0.7806 2.0026 -0.2063 -0.2526 0.2541  366  GLU A OE2 
28  N  N   . ASP A 6   ? 0.9312 0.7625 0.9119 -0.0278 -0.0769 -0.1519 367  ASP A N   
29  C  CA  . ASP A 6   ? 0.9148 0.8555 0.8370 -0.0316 -0.0141 -0.1878 367  ASP A CA  
30  C  C   . ASP A 6   ? 0.8504 0.8200 0.6691 -0.0608 -0.0044 -0.0708 367  ASP A C   
31  O  O   . ASP A 6   ? 0.8251 0.8294 0.6557 -0.0658 0.0394  -0.0450 367  ASP A O   
32  C  CB  . ASP A 6   ? 1.0739 1.1054 0.9202 -0.0657 0.0266  -0.3191 367  ASP A CB  
33  C  CG  . ASP A 6   ? 1.1507 1.2092 1.1866 -0.0242 0.0531  -0.4988 367  ASP A CG  
34  O  OD1 . ASP A 6   ? 1.1107 1.0796 1.3431 0.0401  -0.0007 -0.4898 367  ASP A OD1 
35  O  OD2 . ASP A 6   ? 1.3180 1.4894 1.3093 -0.0539 0.1167  -0.6608 367  ASP A OD2 
36  N  N   . LYS A 7   ? 0.8381 0.7918 0.6161 -0.0791 -0.0578 -0.0144 368  LYS A N   
37  C  CA  . LYS A 7   ? 0.8069 0.7655 0.5704 -0.0868 -0.0859 0.0836  368  LYS A CA  
38  C  C   . LYS A 7   ? 0.6561 0.5955 0.5397 -0.0543 -0.0647 0.1084  368  LYS A C   
39  O  O   . LYS A 7   ? 0.6286 0.5675 0.5485 -0.0504 -0.0563 0.1450  368  LYS A O   
40  C  CB  . LYS A 7   ? 0.8617 0.8303 0.6531 -0.0947 -0.1769 0.1023  368  LYS A CB  
41  C  CG  . LYS A 7   ? 1.0858 1.0597 0.7080 -0.1245 -0.2605 0.1560  368  LYS A CG  
42  C  CD  . LYS A 7   ? 1.2008 1.1315 0.7307 -0.1463 -0.2304 0.2626  368  LYS A CD  
43  C  CE  . LYS A 7   ? 1.5291 1.4034 0.8743 -0.1832 -0.3534 0.3901  368  LYS A CE  
44  N  NZ  . LYS A 7   ? 1.8297 1.7421 0.8253 -0.2562 -0.3404 0.3691  368  LYS A NZ  
45  N  N   . ILE A 8   ? 0.5974 0.5127 0.5288 -0.0432 -0.0567 0.0869  369  ILE A N   
46  C  CA  . ILE A 8   ? 0.5495 0.4618 0.5135 -0.0260 -0.0325 0.0948  369  ILE A CA  
47  C  C   . ILE A 8   ? 0.5342 0.4386 0.4907 0.0042  -0.0320 0.0744  369  ILE A C   
48  O  O   . ILE A 8   ? 0.5156 0.4424 0.5097 0.0197  -0.0303 0.0584  369  ILE A O   
49  C  CB  . ILE A 8   ? 0.6158 0.4832 0.5420 -0.0501 -0.0134 0.1077  369  ILE A CB  
50  C  CG1 . ILE A 8   ? 0.6264 0.5372 0.6451 -0.0964 0.0040  0.1029  369  ILE A CG1 
51  C  CG2 . ILE A 8   ? 0.6577 0.5348 0.5174 -0.0457 0.0139  0.1076  369  ILE A CG2 
52  C  CD1 . ILE A 8   ? 0.7473 0.6636 0.7538 -0.1554 0.0801  0.1201  369  ILE A CD1 
53  N  N   . GLU A 9   ? 0.5507 0.4445 0.5097 0.0143  -0.0366 0.0410  370  GLU A N   
54  C  CA  . GLU A 9   ? 0.5423 0.4665 0.5839 0.0427  -0.0404 -0.0073 370  GLU A CA  
55  C  C   . GLU A 9   ? 0.5056 0.4872 0.5986 0.0085  0.0066  0.0048  370  GLU A C   
56  O  O   . GLU A 9   ? 0.4824 0.4842 0.6749 0.0186  -0.0023 -0.0179 370  GLU A O   
57  C  CB  . GLU A 9   ? 0.5920 0.5319 0.7152 0.0622  -0.0398 -0.0882 370  GLU A CB  
58  C  CG  . GLU A 9   ? 0.6193 0.6099 0.9266 0.1090  -0.0715 -0.1712 370  GLU A CG  
59  C  CD  . GLU A 9   ? 0.7027 0.7666 1.1877 0.1272  -0.0397 -0.3058 370  GLU A CD  
60  O  OE1 . GLU A 9   ? 0.7781 0.7591 1.3456 0.1840  -0.1227 -0.3483 370  GLU A OE1 
61  O  OE2 . GLU A 9   ? 0.7331 0.9374 1.2901 0.0746  0.0784  -0.3756 370  GLU A OE2 
62  N  N   . GLU A 10  ? 0.5619 0.5525 0.5769 -0.0403 0.0408  0.0481  371  GLU A N   
63  C  CA  . GLU A 10  ? 0.6390 0.6340 0.6622 -0.0970 0.0768  0.1100  371  GLU A CA  
64  C  C   . GLU A 10  ? 0.5776 0.5196 0.7106 -0.0724 0.0223  0.1483  371  GLU A C   
65  O  O   . GLU A 10  ? 0.5990 0.5230 0.8586 -0.0958 0.0322  0.1622  371  GLU A O   
66  C  CB  . GLU A 10  ? 0.8194 0.8014 0.6434 -0.1592 0.0836  0.1838  371  GLU A CB  
67  C  CG  . GLU A 10  ? 1.0603 0.9969 0.8186 -0.2461 0.1122  0.3060  371  GLU A CG  
68  C  CD  . GLU A 10  ? 1.3060 1.1389 0.9066 -0.2668 -0.0002 0.4504  371  GLU A CD  
69  O  OE1 . GLU A 10  ? 1.3983 1.2554 0.8360 -0.2586 -0.0523 0.4314  371  GLU A OE1 
70  O  OE2 . GLU A 10  ? 1.4656 1.1822 1.1360 -0.2888 -0.0601 0.5776  371  GLU A OE2 
71  N  N   . ILE A 11  ? 0.5772 0.5766 0.5800 0.0431  0.0034  -0.1910 372  ILE A N   
72  C  CA  . ILE A 11  ? 0.4832 0.4897 0.4525 0.0151  0.0089  -0.1020 372  ILE A CA  
73  C  C   . ILE A 11  ? 0.4069 0.4531 0.4484 0.0103  0.0192  -0.0694 372  ILE A C   
74  O  O   . ILE A 11  ? 0.3712 0.4409 0.3749 -0.0026 0.0518  -0.0393 372  ILE A O   
75  C  CB  . ILE A 11  ? 0.4659 0.4381 0.4673 0.0039  -0.0532 -0.0511 372  ILE A CB  
76  C  CG1 . ILE A 11  ? 0.5481 0.4528 0.4778 0.0062  -0.0957 -0.0734 372  ILE A CG1 
77  C  CG2 . ILE A 11  ? 0.3871 0.4015 0.3975 -0.0166 -0.0273 0.0038  372  ILE A CG2 
78  C  CD1 . ILE A 11  ? 0.4839 0.3682 0.5112 -0.0058 -0.1638 -0.0270 372  ILE A CD1 
79  N  N   . LEU A 12  ? 0.4151 0.4472 0.5606 0.0188  -0.0329 -0.0754 373  LEU A N   
80  C  CA  . LEU A 12  ? 0.3999 0.4327 0.5792 0.0039  -0.0543 -0.0349 373  LEU A CA  
81  C  C   . LEU A 12  ? 0.3888 0.4657 0.6036 0.0179  -0.0054 -0.0752 373  LEU A C   
82  O  O   . LEU A 12  ? 0.3830 0.4598 0.5696 0.0037  -0.0053 -0.0390 373  LEU A O   
83  C  CB  . LEU A 12  ? 0.4579 0.4313 0.7457 -0.0011 -0.1600 -0.0210 373  LEU A CB  
84  C  CG  . LEU A 12  ? 0.5006 0.4297 0.7550 -0.0459 -0.2171 0.0587  373  LEU A CG  
85  C  CD1 . LEU A 12  ? 0.5895 0.4344 0.9766 -0.0510 -0.3520 0.0667  373  LEU A CD1 
86  C  CD2 . LEU A 12  ? 0.5149 0.4560 0.6464 -0.1049 -0.1915 0.1448  373  LEU A CD2 
87  N  N   . SER A 13  ? 0.4134 0.5347 0.6912 0.0402  0.0406  -0.1558 374  SER A N   
88  C  CA  . SER A 13  ? 0.4129 0.6039 0.7662 0.0387  0.1021  -0.1919 374  SER A CA  
89  C  C   . SER A 13  ? 0.3929 0.5943 0.6057 0.0037  0.1582  -0.1386 374  SER A C   
90  O  O   . SER A 13  ? 0.3743 0.5906 0.6274 -0.0098 0.1600  -0.1113 374  SER A O   
91  C  CB  . SER A 13  ? 0.4902 0.7609 0.9531 0.0602  0.1687  -0.3086 374  SER A CB  
92  O  OG  . SER A 13  ? 0.5976 0.8903 0.8831 0.0360  0.2559  -0.3319 374  SER A OG  
93  N  N   . LYS A 14  ? 0.4190 0.5915 0.4828 -0.0114 0.1754  -0.1215 375  LYS A N   
94  C  CA  . LYS A 14  ? 0.4293 0.5845 0.3847 -0.0465 0.1909  -0.0690 375  LYS A CA  
95  C  C   . LYS A 14  ? 0.3521 0.4870 0.3428 -0.0364 0.1432  -0.0269 375  LYS A C   
96  O  O   . LYS A 14  ? 0.3472 0.4890 0.3636 -0.0502 0.1427  -0.0081 375  LYS A O   
97  C  CB  . LYS A 14  ? 0.4960 0.5901 0.3120 -0.0607 0.1697  -0.0532 375  LYS A CB  
98  C  CG  . LYS A 14  ? 0.6738 0.7688 0.3739 -0.0866 0.2203  -0.0993 375  LYS A CG  
99  C  CD  . LYS A 14  ? 0.8470 0.8973 0.3695 -0.1589 0.2329  -0.0465 375  LYS A CD  
100 C  CE  . LYS A 14  ? 1.0725 1.0435 0.3780 -0.1908 0.2201  -0.0665 375  LYS A CE  
101 N  NZ  . LYS A 14  ? 1.0352 0.9124 0.3440 -0.1492 0.1123  -0.0658 375  LYS A NZ  
102 N  N   . ILE A 15  ? 0.3189 0.4322 0.3104 -0.0188 0.1044  -0.0165 376  ILE A N   
103 C  CA  . ILE A 15  ? 0.3101 0.4150 0.2894 -0.0164 0.0797  0.0048  376  ILE A CA  
104 C  C   . ILE A 15  ? 0.3268 0.4248 0.3543 -0.0149 0.0558  0.0031  376  ILE A C   
105 O  O   . ILE A 15  ? 0.3448 0.4285 0.3555 -0.0130 0.0379  0.0048  376  ILE A O   
106 C  CB  . ILE A 15  ? 0.3287 0.4320 0.2856 -0.0226 0.0641  0.0224  376  ILE A CB  
107 C  CG1 . ILE A 15  ? 0.3164 0.4388 0.2687 -0.0229 0.0789  0.0220  376  ILE A CG1 
108 C  CG2 . ILE A 15  ? 0.3663 0.4624 0.2710 -0.0344 0.0502  0.0332  376  ILE A CG2 
109 C  CD1 . ILE A 15  ? 0.3541 0.5030 0.3154 -0.0464 0.0823  0.0467  376  ILE A CD1 
110 N  N   . TYR A 16  ? 0.3374 0.4357 0.4519 -0.0108 0.0359  -0.0101 377  TYR A N   
111 C  CA  . TYR A 16  ? 0.3671 0.4499 0.5754 -0.0089 -0.0101 -0.0146 377  TYR A CA  
112 C  C   . TYR A 16  ? 0.3536 0.4726 0.6104 -0.0178 0.0251  -0.0183 377  TYR A C   
113 O  O   . TYR A 16  ? 0.3838 0.4652 0.6348 -0.0190 -0.0218 -0.0043 377  TYR A O   
114 C  CB  . TYR A 16  ? 0.3831 0.4757 0.7593 0.0045  -0.0428 -0.0502 377  TYR A CB  
115 C  CG  . TYR A 16  ? 0.4438 0.5123 0.9751 0.0084  -0.1182 -0.0583 377  TYR A CG  
116 C  CD1 . TYR A 16  ? 0.5667 0.5313 1.0082 -0.0053 -0.2208 -0.0137 377  TYR A CD1 
117 C  CD2 . TYR A 16  ? 0.4419 0.5936 1.2147 0.0212  -0.0882 -0.1185 377  TYR A CD2 
118 C  CE1 . TYR A 16  ? 0.6348 0.5475 1.2190 -0.0030 -0.3228 -0.0182 377  TYR A CE1 
119 C  CE2 . TYR A 16  ? 0.4908 0.6220 1.4638 0.0261  -0.1741 -0.1289 377  TYR A CE2 
120 C  CZ  . TYR A 16  ? 0.5827 0.5785 1.4593 0.0158  -0.3070 -0.0737 377  TYR A CZ  
121 O  OH  . TYR A 16  ? 0.6593 0.6060 1.7332 0.0195  -0.4236 -0.0811 377  TYR A OH  
122 N  N   . HIS A 17  ? 0.3522 0.5351 0.6385 -0.0339 0.1015  -0.0343 378  HIS A N   
123 C  CA  . HIS A 17  ? 0.3777 0.5966 0.7097 -0.0704 0.1352  -0.0147 378  HIS A CA  
124 C  C   . HIS A 17  ? 0.3814 0.5334 0.6106 -0.0795 0.0866  0.0301  378  HIS A C   
125 O  O   . HIS A 17  ? 0.4062 0.5435 0.6996 -0.0992 0.0509  0.0552  378  HIS A O   
126 C  CB  . HIS A 17  ? 0.4398 0.7396 0.7629 -0.1115 0.2399  -0.0325 378  HIS A CB  
127 C  CG  . HIS A 17  ? 0.5518 0.8963 0.9225 -0.1775 0.2790  0.0100  378  HIS A CG  
128 N  ND1 . HIS A 17  ? 0.5575 0.9325 1.1265 -0.1833 0.2485  0.0174  378  HIS A ND1 
129 C  CD2 . HIS A 17  ? 0.7042 1.0499 0.9463 -0.2542 0.3254  0.0641  378  HIS A CD2 
130 C  CE1 . HIS A 17  ? 0.6412 1.0526 1.2265 -0.2614 0.2868  0.0744  378  HIS A CE1 
131 N  NE2 . HIS A 17  ? 0.7451 1.1351 1.1170 -0.3119 0.3338  0.1098  378  HIS A NE2 
132 N  N   . ILE A 18  ? 0.3559 0.4687 0.4669 -0.0606 0.0722  0.0300  379  ILE A N   
133 C  CA  . ILE A 18  ? 0.3745 0.4368 0.4440 -0.0570 0.0216  0.0426  379  ILE A CA  
134 C  C   . ILE A 18  ? 0.3812 0.4138 0.4792 -0.0257 -0.0355 0.0161  379  ILE A C   
135 O  O   . ILE A 18  ? 0.4199 0.4146 0.5685 -0.0284 -0.0935 0.0201  379  ILE A O   
136 C  CB  . ILE A 18  ? 0.3714 0.4208 0.3711 -0.0396 0.0214  0.0300  379  ILE A CB  
137 C  CG1 . ILE A 18  ? 0.4295 0.4763 0.3652 -0.0712 0.0538  0.0520  379  ILE A CG1 
138 C  CG2 . ILE A 18  ? 0.3999 0.4055 0.4264 -0.0257 -0.0446 0.0181  379  ILE A CG2 
139 C  CD1 . ILE A 18  ? 0.4487 0.4445 0.3452 -0.0709 0.0068  0.0590  379  ILE A CD1 
140 N  N   . GLU A 19  ? 0.3739 0.4081 0.4242 -0.0051 -0.0326 -0.0066 380  GLU A N   
141 C  CA  . GLU A 19  ? 0.4518 0.4402 0.4574 0.0128  -0.0880 -0.0352 380  GLU A CA  
142 C  C   . GLU A 19  ? 0.4793 0.4276 0.5847 0.0079  -0.1543 -0.0258 380  GLU A C   
143 O  O   . GLU A 19  ? 0.5490 0.4414 0.6393 0.0258  -0.2218 -0.0561 380  GLU A O   
144 C  CB  . GLU A 19  ? 0.5048 0.4780 0.4173 0.0033  -0.0905 -0.0291 380  GLU A CB  
145 C  CG  . GLU A 19  ? 0.5453 0.5638 0.3651 -0.0033 -0.0288 -0.0348 380  GLU A CG  
146 C  CD  . GLU A 19  ? 0.6414 0.6368 0.3716 -0.0394 -0.0401 0.0036  380  GLU A CD  
147 O  OE1 . GLU A 19  ? 0.6546 0.6113 0.4552 -0.0478 -0.0906 0.0349  380  GLU A OE1 
148 O  OE2 . GLU A 19  ? 0.7719 0.7919 0.3784 -0.0655 -0.0015 0.0005  380  GLU A OE2 
149 N  N   . ASN A 20  ? 0.4442 0.4293 0.6761 -0.0150 -0.1353 0.0037  381  ASN A N   
150 C  CA  . ASN A 20  ? 0.4756 0.4489 0.8692 -0.0295 -0.1907 0.0168  381  ASN A CA  
151 C  C   . ASN A 20  ? 0.4943 0.4591 0.9381 -0.0530 -0.2097 0.0433  381  ASN A C   
152 O  O   . ASN A 20  ? 0.5573 0.4606 1.0721 -0.0487 -0.3036 0.0417  381  ASN A O   
153 C  CB  . ASN A 20  ? 0.4333 0.4894 1.0015 -0.0499 -0.1398 0.0202  381  ASN A CB  
154 C  CG  . ASN A 20  ? 0.4748 0.4990 1.0618 -0.0256 -0.1872 -0.0038 381  ASN A CG  
155 O  OD1 . ASN A 20  ? 0.5582 0.4801 1.0175 -0.0125 -0.2756 -0.0014 381  ASN A OD1 
156 N  ND2 . ASN A 20  ? 0.4651 0.5685 1.2014 -0.0253 -0.1361 -0.0308 381  ASN A ND2 
157 N  N   . GLU A 21  ? 0.2858 0.7554 0.9861 0.0315  0.0469  -0.0574 382  GLU A N   
158 C  CA  . GLU A 21  ? 0.2935 0.7692 0.8388 -0.0055 0.1048  -0.0453 382  GLU A CA  
159 C  C   . GLU A 21  ? 0.2477 0.6904 0.6872 0.0100  0.0597  0.0424  382  GLU A C   
160 O  O   . GLU A 21  ? 0.2472 0.6914 0.6513 0.0025  0.0636  0.0526  382  GLU A O   
161 C  CB  . GLU A 21  ? 0.3652 0.8086 0.7650 -0.0487 0.1459  -0.0609 382  GLU A CB  
162 C  CG  . GLU A 21  ? 0.5005 0.9616 0.8705 -0.1073 0.2435  -0.1578 382  GLU A CG  
163 C  CD  . GLU A 21  ? 0.5214 1.0532 0.9854 -0.1264 0.3027  -0.1946 382  GLU A CD  
164 O  OE1 . GLU A 21  ? 0.4895 1.0153 0.8983 -0.1312 0.2710  -0.1280 382  GLU A OE1 
165 O  OE2 . GLU A 21  ? 0.5724 1.1674 1.1932 -0.1359 0.3814  -0.2984 382  GLU A OE2 
166 N  N   . ILE A 22  ? 0.2275 0.6404 0.6292 0.0291  0.0224  0.0988  383  ILE A N   
167 C  CA  . ILE A 22  ? 0.2285 0.6169 0.5309 0.0404  0.0124  0.1597  383  ILE A CA  
168 C  C   . ILE A 22  ? 0.2677 0.6275 0.5577 0.0521  -0.0203 0.1694  383  ILE A C   
169 O  O   . ILE A 22  ? 0.2913 0.6310 0.4987 0.0549  -0.0136 0.1781  383  ILE A O   
170 C  CB  . ILE A 22  ? 0.2327 0.6091 0.5239 0.0476  0.0007  0.2126  383  ILE A CB  
171 C  CG1 . ILE A 22  ? 0.2188 0.6061 0.5177 0.0351  0.0128  0.2177  383  ILE A CG1 
172 C  CG2 . ILE A 22  ? 0.2598 0.6168 0.4622 0.0562  0.0174  0.2501  383  ILE A CG2 
173 C  CD1 . ILE A 22  ? 0.2386 0.6350 0.5635 0.0383  0.0144  0.2748  383  ILE A CD1 
174 N  N   . ALA A 23  ? 0.3080 0.6463 0.6866 0.0568  -0.0764 0.1674  384  ALA A N   
175 C  CA  . ALA A 23  ? 0.3869 0.6654 0.7519 0.0577  -0.1419 0.1828  384  ALA A CA  
176 C  C   . ALA A 23  ? 0.3675 0.6777 0.7784 0.0546  -0.1237 0.1431  384  ALA A C   
177 O  O   . ALA A 23  ? 0.4250 0.6810 0.7346 0.0543  -0.1504 0.1638  384  ALA A O   
178 C  CB  . ALA A 23  ? 0.4363 0.6741 0.9461 0.0573  -0.2393 0.1848  384  ALA A CB  
179 N  N   . ARG A 24  ? 0.3219 0.7119 0.8769 0.0443  -0.0743 0.0826  385  ARG A N   
180 C  CA  . ARG A 24  ? 0.3281 0.7598 0.9561 0.0227  -0.0476 0.0472  385  ARG A CA  
181 C  C   . ARG A 24  ? 0.3332 0.7485 0.7843 0.0019  -0.0124 0.0742  385  ARG A C   
182 O  O   . ARG A 24  ? 0.3658 0.7681 0.8133 -0.0131 -0.0321 0.0807  385  ARG A O   
183 C  CB  . ARG A 24  ? 0.3160 0.8421 1.1231 -0.0001 0.0314  -0.0361 385  ARG A CB  
184 C  CG  . ARG A 24  ? 0.3684 0.9241 1.4663 0.0236  -0.0191 -0.0855 385  ARG A CG  
185 C  CD  . ARG A 24  ? 0.4248 1.0936 1.7360 0.0020  0.0954  -0.1997 385  ARG A CD  
186 N  NE  . ARG A 24  ? 0.4704 1.1451 1.6630 -0.0105 0.1776  -0.2401 385  ARG A NE  
187 C  CZ  . ARG A 24  ? 0.4953 1.1619 1.7975 0.0223  0.1561  -0.2850 385  ARG A CZ  
188 N  NH1 . ARG A 24  ? 0.5025 1.1556 2.0530 0.0682  0.0492  -0.2932 385  ARG A NH1 
189 N  NH2 . ARG A 24  ? 0.5390 1.1897 1.7001 0.0034  0.2208  -0.3179 385  ARG A NH2 
190 N  N   . ILE A 25  ? 0.3132 0.7198 0.6437 -0.0002 0.0206  0.0923  386  ILE A N   
191 C  CA  . ILE A 25  ? 0.3272 0.6999 0.5265 -0.0133 0.0231  0.1208  386  ILE A CA  
192 C  C   . ILE A 25  ? 0.3623 0.6727 0.4919 0.0230  -0.0252 0.1488  386  ILE A C   
193 O  O   . ILE A 25  ? 0.4003 0.6747 0.4838 0.0166  -0.0498 0.1538  386  ILE A O   
194 C  CB  . ILE A 25  ? 0.3199 0.6847 0.4569 -0.0161 0.0398  0.1377  386  ILE A CB  
195 C  CG1 . ILE A 25  ? 0.3533 0.7233 0.4506 -0.0795 0.0748  0.1155  386  ILE A CG1 
196 C  CG2 . ILE A 25  ? 0.3416 0.6622 0.4119 0.0046  0.0129  0.1699  386  ILE A CG2 
197 C  CD1 . ILE A 25  ? 0.3518 0.6918 0.4005 -0.0878 0.0640  0.1321  386  ILE A CD1 
198 N  N   . LYS A 26  ? 0.3858 0.6692 0.4887 0.0522  -0.0392 0.1649  387  LYS A N   
199 C  CA  . LYS A 26  ? 0.4919 0.6957 0.4774 0.0730  -0.0671 0.1788  387  LYS A CA  
200 C  C   . LYS A 26  ? 0.5717 0.7132 0.5500 0.0668  -0.1374 0.1736  387  LYS A C   
201 O  O   . LYS A 26  ? 0.6619 0.7309 0.5346 0.0771  -0.1609 0.1684  387  LYS A O   
202 C  CB  . LYS A 26  ? 0.5580 0.7267 0.4794 0.0762  -0.0664 0.2050  387  LYS A CB  
203 C  CG  . LYS A 26  ? 0.5526 0.7609 0.4533 0.0847  0.0059  0.2157  387  LYS A CG  
204 C  CD  . LYS A 26  ? 0.6902 0.8405 0.4594 0.0712  0.0282  0.2419  387  LYS A CD  
205 C  CE  . LYS A 26  ? 0.6796 0.8505 0.4997 0.0461  0.0173  0.2853  387  LYS A CE  
206 N  NZ  . LYS A 26  ? 0.8527 0.9656 0.5191 0.0086  0.0538  0.3237  387  LYS A NZ  
207 N  N   . LYS A 27  ? 0.5611 0.7260 0.6774 0.0518  -0.1784 0.1683  388  LYS A N   
208 C  CA  . LYS A 27  ? 0.6308 0.7455 0.8021 0.0414  -0.2599 0.1672  388  LYS A CA  
209 C  C   . LYS A 27  ? 0.6009 0.7438 0.7857 0.0243  -0.2395 0.1560  388  LYS A C   
210 O  O   . LYS A 27  ? 0.6859 0.7438 0.7974 0.0261  -0.3027 0.1640  388  LYS A O   
211 C  CB  . LYS A 27  ? 0.6031 0.7670 1.0151 0.0309  -0.3011 0.1509  388  LYS A CB  
212 C  CG  . LYS A 27  ? 0.7490 0.8087 1.1567 0.0352  -0.4126 0.1815  388  LYS A CG  
213 C  CD  . LYS A 27  ? 0.9922 0.8764 1.1352 0.0267  -0.4977 0.2231  388  LYS A CD  
214 C  CE  . LYS A 27  ? 1.1789 0.9202 1.3652 0.0036  -0.6733 0.2578  388  LYS A CE  
215 N  NZ  . LYS A 27  ? 1.4452 0.9772 1.3272 -0.0217 -0.7687 0.2921  388  LYS A NZ  
216 N  N   . LEU A 28  ? 0.5154 0.7563 0.7689 -0.0022 -0.1607 0.1402  389  LEU A N   
217 C  CA  . LEU A 28  ? 0.5232 0.7794 0.7729 -0.0449 -0.1475 0.1439  389  LEU A CA  
218 C  C   . LEU A 28  ? 0.5840 0.7478 0.6806 -0.0224 -0.1903 0.1627  389  LEU A C   
219 O  O   . LEU A 28  ? 0.6438 0.7556 0.7307 -0.0385 -0.2480 0.1729  389  LEU A O   
220 C  CB  . LEU A 28  ? 0.4878 0.8218 0.7477 -0.0950 -0.0580 0.1304  389  LEU A CB  
221 C  CG  . LEU A 28  ? 0.4757 0.9122 0.9042 -0.1373 0.0154  0.0845  389  LEU A CG  
222 C  CD1 . LEU A 28  ? 0.4925 0.9651 0.8437 -0.1853 0.1089  0.0604  389  LEU A CD1 
223 C  CD2 . LEU A 28  ? 0.5213 0.9913 1.0651 -0.1926 0.0150  0.0829  389  LEU A CD2 
224 N  N   . ILE A 29  ? 0.5746 0.7214 0.5831 0.0152  -0.1626 0.1609  390  ILE A N   
225 C  CA  . ILE A 29  ? 0.6395 0.7152 0.5579 0.0472  -0.1847 0.1553  390  ILE A CA  
226 C  C   . ILE A 29  ? 0.7591 0.7319 0.5869 0.0798  -0.2372 0.1371  390  ILE A C   
227 O  O   . ILE A 29  ? 0.8398 0.7384 0.6246 0.0951  -0.2810 0.1199  390  ILE A O   
228 C  CB  . ILE A 29  ? 0.6128 0.7159 0.5168 0.0790  -0.1273 0.1485  390  ILE A CB  
229 C  CG1 . ILE A 29  ? 0.5627 0.7056 0.5187 0.0434  -0.1206 0.1681  390  ILE A CG1 
230 C  CG2 . ILE A 29  ? 0.7014 0.7405 0.5510 0.1278  -0.1269 0.1153  390  ILE A CG2 
231 C  CD1 . ILE A 29  ? 0.5432 0.7273 0.5335 0.0623  -0.0769 0.1712  390  ILE A CD1 
232 N  N   . GLY A 30  ? 0.8070 0.7513 0.5932 0.0848  -0.2481 0.1402  391  GLY A N   
233 C  CA  . GLY A 30  ? 0.9782 0.7843 0.6215 0.0969  -0.3147 0.1280  391  GLY A CA  
234 C  C   . GLY A 30  ? 1.0111 0.7669 0.7127 0.0764  -0.4129 0.1360  391  GLY A C   
235 O  O   . GLY A 30  ? 1.1527 0.7864 0.7404 0.0908  -0.4727 0.1142  391  GLY A O   
236 N  N   . ALA A 31  ? 1.1269 0.4400 1.3697 0.0075  -0.1209 -0.1122 392  ALA A N   
237 C  CA  . ALA A 31  ? 1.0561 0.4819 1.3760 0.0202  -0.1676 -0.1847 392  ALA A CA  
238 C  C   . ALA A 31  ? 0.9339 0.4738 1.1994 -0.0331 -0.0890 -0.1620 392  ALA A C   
239 O  O   . ALA A 31  ? 0.9574 0.4771 1.1499 -0.0190 -0.1124 -0.1491 392  ALA A O   
240 C  CB  . ALA A 31  ? 0.9689 0.5553 1.5471 0.0139  -0.1905 -0.3214 392  ALA A CB  
241 N  N   . ILE A 32  ? 0.8331 0.4718 1.1329 -0.0918 -0.0162 -0.1593 393  ILE A N   
242 C  CA  . ILE A 32  ? 0.7654 0.4697 1.0050 -0.1445 0.0246  -0.1330 393  ILE A CA  
243 C  C   . ILE A 32  ? 0.8121 0.4157 0.9302 -0.1237 0.0337  -0.0516 393  ILE A C   
244 O  O   . ILE A 32  ? 0.7861 0.4122 0.8601 -0.1382 0.0270  -0.0390 393  ILE A O   
245 C  CB  . ILE A 32  ? 0.7170 0.4852 0.9900 -0.2006 0.0605  -0.1410 393  ILE A CB  
246 C  CG1 . ILE A 32  ? 0.6929 0.5739 1.0534 -0.2477 0.0743  -0.2414 393  ILE A CG1 
247 C  CG2 . ILE A 32  ? 0.7155 0.4839 0.9047 -0.2443 0.0584  -0.0990 393  ILE A CG2 
248 C  CD1 . ILE A 32  ? 0.6633 0.5759 1.0587 -0.2823 0.0921  -0.2629 393  ILE A CD1 
249 N  N   . ASP A 33  ? 0.9025 0.3878 0.9701 -0.1005 0.0599  -0.0078 394  ASP A N   
250 C  CA  . ASP A 33  ? 0.9871 0.3723 0.9442 -0.0966 0.1003  0.0412  394  ASP A CA  
251 C  C   . ASP A 33  ? 1.0574 0.3893 0.9009 -0.0633 0.0508  0.0467  394  ASP A C   
252 O  O   . ASP A 33  ? 1.0313 0.3898 0.8546 -0.0712 0.0612  0.0529  394  ASP A O   
253 C  CB  . ASP A 33  ? 1.1416 0.3713 1.0203 -0.1001 0.1602  0.0737  394  ASP A CB  
254 C  CG  . ASP A 33  ? 1.3034 0.4010 1.0210 -0.1129 0.2248  0.1031  394  ASP A CG  
255 O  OD1 . ASP A 33  ? 1.2300 0.4046 1.0210 -0.1334 0.2704  0.0832  394  ASP A OD1 
256 O  OD2 . ASP A 33  ? 1.5622 0.4579 1.0667 -0.1072 0.2235  0.1393  394  ASP A OD2 
257 N  N   . GLY A 34  ? 1.1626 0.4150 0.9582 -0.0204 -0.0228 0.0331  395  GLY A N   
258 C  CA  . GLY A 34  ? 1.2503 0.4426 0.9611 0.0228  -0.1012 0.0209  395  GLY A CA  
259 C  C   . GLY A 34  ? 1.0939 0.4565 0.9357 0.0105  -0.1189 -0.0320 395  GLY A C   
260 O  O   . GLY A 34  ? 1.1220 0.4653 0.9055 0.0263  -0.1428 -0.0307 395  GLY A O   
261 N  N   . ARG A 35  ? 0.9633 0.4770 0.9647 -0.0293 -0.0990 -0.0836 396  ARG A N   
262 C  CA  . ARG A 35  ? 0.8725 0.5171 0.9532 -0.0768 -0.0851 -0.1282 396  ARG A CA  
263 C  C   . ARG A 35  ? 0.8418 0.4829 0.8444 -0.1131 -0.0515 -0.0659 396  ARG A C   
264 O  O   . ARG A 35  ? 0.8258 0.4888 0.8259 -0.1253 -0.0671 -0.0739 396  ARG A O   
265 C  CB  . ARG A 35  ? 0.8093 0.5798 1.0092 -0.1426 -0.0423 -0.1959 396  ARG A CB  
266 C  CG  . ARG A 35  ? 0.8153 0.6706 1.1920 -0.1368 -0.0668 -0.3230 396  ARG A CG  
267 C  CD  . ARG A 35  ? 0.7850 0.7337 1.2901 -0.1794 -0.0246 -0.4067 396  ARG A CD  
268 N  NE  . ARG A 35  ? 0.7767 0.8107 1.2338 -0.2989 0.0714  -0.4283 396  ARG A NE  
269 C  CZ  . ARG A 35  ? 0.8111 0.8858 1.2634 -0.3543 0.1205  -0.4530 396  ARG A CZ  
270 N  NH1 . ARG A 35  ? 0.7855 0.8486 1.3247 -0.2960 0.0898  -0.4622 396  ARG A NH1 
271 N  NH2 . ARG A 35  ? 0.8993 0.9987 1.2317 -0.4743 0.1935  -0.4651 396  ARG A NH2 
272 N  N   . VAL A 36  ? 0.8325 0.4456 0.8084 -0.1286 -0.0154 -0.0177 397  VAL A N   
273 C  CA  . VAL A 36  ? 0.8114 0.4182 0.7764 -0.1550 -0.0092 0.0195  397  VAL A CA  
274 C  C   . VAL A 36  ? 0.8652 0.4075 0.7791 -0.1143 -0.0107 0.0341  397  VAL A C   
275 O  O   . VAL A 36  ? 0.8546 0.4107 0.7841 -0.1260 -0.0361 0.0375  397  VAL A O   
276 C  CB  . VAL A 36  ? 0.7960 0.3929 0.8103 -0.1696 0.0167  0.0355  397  VAL A CB  
277 C  CG1 . VAL A 36  ? 0.7926 0.3701 0.8572 -0.1755 0.0008  0.0478  397  VAL A CG1 
278 C  CG2 . VAL A 36  ? 0.7662 0.4183 0.8037 -0.2192 0.0045  0.0175  397  VAL A CG2 
279 N  N   . THR A 37  ? 0.9658 0.4138 0.7948 -0.0748 0.0147  0.0411  398  THR A N   
280 C  CA  . THR A 37  ? 1.0746 0.4368 0.8013 -0.0497 0.0264  0.0438  398  THR A CA  
281 C  C   . THR A 37  ? 1.0726 0.4587 0.7887 -0.0234 -0.0465 0.0210  398  THR A C   
282 O  O   . THR A 37  ? 1.0616 0.4603 0.7909 -0.0232 -0.0515 0.0123  398  THR A O   
283 C  CB  . THR A 37  ? 1.2689 0.4634 0.8122 -0.0328 0.0632  0.0616  398  THR A CB  
284 O  OG1 . THR A 37  ? 1.2965 0.4686 0.8576 -0.0403 0.0737  0.0768  398  THR A OG1 
285 C  CG2 . THR A 37  ? 1.3547 0.4907 0.8547 -0.0659 0.1698  0.0529  398  THR A CG2 
286 N  N   . ARG A 38  ? 1.0823 0.4848 0.8193 -0.0017 -0.1050 -0.0067 399  ARG A N   
287 C  CA  . ARG A 38  ? 1.0774 0.5234 0.8689 0.0184  -0.1710 -0.0551 399  ARG A CA  
288 C  C   . ARG A 38  ? 0.9657 0.5162 0.8548 -0.0383 -0.1506 -0.0572 399  ARG A C   
289 O  O   . ARG A 38  ? 0.9801 0.5341 0.8836 -0.0274 -0.1814 -0.0751 399  ARG A O   
290 C  CB  . ARG A 38  ? 1.0802 0.5673 0.9794 0.0382  -0.2276 -0.1226 399  ARG A CB  
291 C  CG  . ARG A 38  ? 1.2636 0.6328 1.1083 0.1206  -0.3424 -0.1620 399  ARG A CG  
292 C  CD  . ARG A 38  ? 1.3523 0.7062 1.3067 0.1581  -0.4200 -0.2252 399  ARG A CD  
293 N  NE  . ARG A 38  ? 1.5595 0.7202 1.3236 0.1895  -0.4509 -0.1589 399  ARG A NE  
294 C  CZ  . ARG A 38  ? 1.5631 0.7262 1.3906 0.1795  -0.4380 -0.1588 399  ARG A CZ  
295 N  NH1 . ARG A 38  ? 1.3728 0.7330 1.4465 0.1394  -0.3909 -0.2322 399  ARG A NH1 
296 N  NH2 . ARG A 38  ? 1.7866 0.7346 1.4102 0.1993  -0.4662 -0.0893 399  ARG A NH2 
297 N  N   . ASN A 39  ? 0.8964 0.5039 0.8301 -0.1021 -0.1118 -0.0371 400  ASN A N   
298 C  CA  . ASN A 39  ? 0.8743 0.5146 0.8348 -0.1709 -0.1142 -0.0228 400  ASN A CA  
299 C  C   . ASN A 39  ? 0.8912 0.4819 0.8466 -0.1551 -0.1365 0.0136  400  ASN A C   
300 O  O   . ASN A 39  ? 0.9075 0.4920 0.8869 -0.1715 -0.1709 0.0130  400  ASN A O   
301 C  CB  . ASN A 39  ? 0.8756 0.5357 0.8197 -0.2483 -0.0888 -0.0069 400  ASN A CB  
302 C  CG  . ASN A 39  ? 0.8799 0.6096 0.8536 -0.3119 -0.0491 -0.0727 400  ASN A CG  
303 O  OD1 . ASN A 39  ? 0.8557 0.6277 0.8992 -0.3153 -0.0450 -0.1337 400  ASN A OD1 
304 N  ND2 . ASN A 39  ? 0.8745 0.6218 0.8173 -0.3694 -0.0135 -0.0802 400  ASN A ND2 
305 N  N   . THR A 40  ? 0.9041 0.4620 0.8573 -0.1269 -0.1106 0.0290  401  THR A N   
306 C  CA  . THR A 40  ? 0.9239 0.4544 0.9355 -0.1112 -0.1157 0.0246  401  THR A CA  
307 C  C   . THR A 40  ? 0.9728 0.4819 0.9508 -0.0691 -0.1190 -0.0067 401  THR A C   
308 O  O   . THR A 40  ? 0.9791 0.4872 1.0366 -0.0645 -0.1398 -0.0281 401  THR A O   
309 C  CB  . THR A 40  ? 0.9399 0.4505 0.9892 -0.1013 -0.0506 0.0128  401  THR A CB  
310 O  OG1 . THR A 40  ? 0.9008 0.4302 1.0391 -0.1347 -0.0808 0.0267  401  THR A OG1 
311 C  CG2 . THR A 40  ? 0.9742 0.4683 1.0996 -0.0843 -0.0153 -0.0372 401  THR A CG2 
312 N  N   . GLN A 41  ? 1.4163 0.7176 0.9813 -0.3324 -0.0204 0.0632  402  GLN A N   
313 C  CA  . GLN A 41  ? 1.5391 0.7151 0.9857 -0.3287 -0.0339 0.0587  402  GLN A CA  
314 C  C   . GLN A 41  ? 1.3389 0.6640 0.9801 -0.2353 -0.0678 0.0499  402  GLN A C   
315 O  O   . GLN A 41  ? 1.3163 0.6688 0.9733 -0.2387 -0.0272 0.0464  402  GLN A O   
316 C  CB  . GLN A 41  ? 1.8537 0.7105 1.0143 -0.3394 -0.1540 0.0655  402  GLN A CB  
317 C  CG  . GLN A 41  ? 2.2185 0.7936 1.0355 -0.4722 -0.0999 0.0717  402  GLN A CG  
318 C  CD  . GLN A 41  ? 2.6009 0.8069 1.0906 -0.4842 -0.2549 0.0849  402  GLN A CD  
319 O  OE1 . GLN A 41  ? 2.6103 0.7789 1.1756 -0.3768 -0.4192 0.0834  402  GLN A OE1 
320 N  NE2 . GLN A 41  ? 2.9611 0.8802 1.1008 -0.6190 -0.2012 0.0902  402  GLN A NE2 
321 N  N   . SER A 42  ? 1.2234 0.6240 1.0019 -0.1618 -0.1249 0.0390  403  SER A N   
322 C  CA  . SER A 42  ? 1.0581 0.5945 1.0351 -0.0912 -0.1332 0.0186  403  SER A CA  
323 C  C   . SER A 42  ? 0.8764 0.5936 0.9736 -0.0995 -0.0415 0.0236  403  SER A C   
324 O  O   . SER A 42  ? 0.7960 0.5817 0.9811 -0.0729 -0.0316 0.0147  403  SER A O   
325 C  CB  . SER A 42  ? 1.0279 0.5882 1.1332 -0.0297 -0.1623 -0.0135 403  SER A CB  
326 O  OG  . SER A 42  ? 1.1813 0.5863 1.2592 0.0094  -0.2810 -0.0297 403  SER A OG  
327 N  N   . ILE A 43  ? 0.8364 0.6101 0.9398 -0.1375 0.0029  0.0377  404  ILE A N   
328 C  CA  . ILE A 43  ? 0.7177 0.6236 0.9392 -0.1386 0.0441  0.0434  404  ILE A CA  
329 C  C   . ILE A 43  ? 0.7103 0.6518 0.9643 -0.1517 0.0936  0.0412  404  ILE A C   
330 O  O   . ILE A 43  ? 0.6278 0.6462 0.9720 -0.1238 0.1107  0.0379  404  ILE A O   
331 C  CB  . ILE A 43  ? 0.7309 0.6647 0.9789 -0.1802 0.0355  0.0582  404  ILE A CB  
332 C  CG1 . ILE A 43  ? 0.7892 0.6357 0.9462 -0.1766 -0.0019 0.0588  404  ILE A CG1 
333 C  CG2 . ILE A 43  ? 0.6619 0.7006 1.0521 -0.1736 0.0326  0.0634  404  ILE A CG2 
334 C  CD1 . ILE A 43  ? 0.8476 0.6775 0.9945 -0.2235 -0.0446 0.0791  404  ILE A CD1 
335 N  N   . GLU A 44  ? 0.8412 0.6856 0.9847 -0.2036 0.1283  0.0384  405  GLU A N   
336 C  CA  . GLU A 44  ? 0.9163 0.7320 1.0352 -0.2323 0.2116  0.0235  405  GLU A CA  
337 C  C   . GLU A 44  ? 0.9285 0.6708 0.9666 -0.1934 0.1749  0.0236  405  GLU A C   
338 O  O   . GLU A 44  ? 0.8976 0.6824 0.9895 -0.1797 0.2262  0.0133  405  GLU A O   
339 C  CB  . GLU A 44  ? 1.1595 0.8015 1.0863 -0.3245 0.2792  0.0132  405  GLU A CB  
340 C  CG  . GLU A 44  ? 1.2969 0.9317 1.2525 -0.3824 0.4382  -0.0234 405  GLU A CG  
341 C  CD  . GLU A 44  ? 1.1155 1.0086 1.4230 -0.3283 0.4789  -0.0427 405  GLU A CD  
342 O  OE1 . GLU A 44  ? 0.9780 1.0367 1.5005 -0.3031 0.4146  -0.0317 405  GLU A OE1 
343 O  OE2 . GLU A 44  ? 1.1531 1.0455 1.4978 -0.3108 0.5569  -0.0684 405  GLU A OE2 
344 N  N   . LYS A 45  ? 0.9881 0.6154 0.9215 -0.1739 0.0734  0.0310  406  LYS A N   
345 C  CA  . LYS A 45  ? 1.0007 0.5749 0.9217 -0.1374 -0.0014 0.0282  406  LYS A CA  
346 C  C   . LYS A 45  ? 0.7845 0.5458 0.9060 -0.0907 0.0242  0.0203  406  LYS A C   
347 O  O   . LYS A 45  ? 0.7955 0.5411 0.9051 -0.0863 0.0300  0.0177  406  LYS A O   
348 C  CB  . LYS A 45  ? 1.0730 0.5606 0.9952 -0.1033 -0.1364 0.0237  406  LYS A CB  
349 C  CG  . LYS A 45  ? 1.3625 0.5711 1.0585 -0.1271 -0.2608 0.0316  406  LYS A CG  
350 C  CD  . LYS A 45  ? 1.4252 0.5842 1.2341 -0.0669 -0.4263 0.0166  406  LYS A CD  
351 N  N   . ASN A 46  ? 0.6377 0.5246 0.8904 -0.0678 0.0366  0.0167  407  ASN A N   
352 C  CA  . ASN A 46  ? 0.5173 0.5087 0.8815 -0.0452 0.0641  0.0087  407  ASN A CA  
353 C  C   . ASN A 46  ? 0.4895 0.5165 0.8596 -0.0493 0.1112  0.0183  407  ASN A C   
354 O  O   . ASN A 46  ? 0.4769 0.5058 0.8550 -0.0375 0.1187  0.0138  407  ASN A O   
355 C  CB  . ASN A 46  ? 0.4815 0.5068 0.8833 -0.0436 0.0763  0.0029  407  ASN A CB  
356 C  CG  . ASN A 46  ? 0.5060 0.5109 0.9675 -0.0242 0.0605  -0.0297 407  ASN A CG  
357 O  OD1 . ASN A 46  ? 0.5143 0.5133 1.0517 -0.0033 0.0167  -0.0490 407  ASN A OD1 
358 N  ND2 . ASN A 46  ? 0.5225 0.4999 0.9638 -0.0305 0.0885  -0.0419 407  ASN A ND2 
359 N  N   . SER A 47  ? 0.4921 0.5457 0.8858 -0.0662 0.1417  0.0246  408  SER A N   
360 C  CA  . SER A 47  ? 0.4755 0.5815 0.9600 -0.0553 0.1823  0.0187  408  SER A CA  
361 C  C   . SER A 47  ? 0.5487 0.5806 0.9559 -0.0565 0.2348  0.0050  408  SER A C   
362 O  O   . SER A 47  ? 0.5387 0.5829 0.9874 -0.0278 0.2479  -0.0014 408  SER A O   
363 C  CB  . SER A 47  ? 0.4884 0.6565 1.0907 -0.0806 0.2134  0.0111  408  SER A CB  
364 O  OG  . SER A 47  ? 0.4515 0.6490 1.0883 -0.0859 0.1408  0.0291  408  SER A OG  
365 N  N   . LYS A 48  ? 0.6727 0.5760 0.9193 -0.0956 0.2508  0.0022  409  LYS A N   
366 C  CA  . LYS A 48  ? 0.8344 0.5825 0.9161 -0.1161 0.2870  -0.0077 409  LYS A CA  
367 C  C   . LYS A 48  ? 0.7890 0.5336 0.8659 -0.0844 0.2133  0.0018  409  LYS A C   
368 O  O   . LYS A 48  ? 0.8359 0.5404 0.8812 -0.0753 0.2493  -0.0064 409  LYS A O   
369 C  CB  . LYS A 48  ? 1.0673 0.5884 0.8911 -0.1783 0.2693  -0.0040 409  LYS A CB  
370 N  N   . ALA A 49  ? 0.7158 0.5018 0.8455 -0.0713 0.1217  0.0106  410  ALA A N   
371 C  CA  . ALA A 49  ? 0.6759 0.4829 0.8599 -0.0580 0.0677  0.0065  410  ALA A CA  
372 C  C   . ALA A 49  ? 0.5838 0.4809 0.8463 -0.0390 0.1156  0.0040  410  ALA A C   
373 O  O   . ALA A 49  ? 0.6298 0.4862 0.8610 -0.0452 0.1073  0.0006  410  ALA A O   
374 C  CB  . ALA A 49  ? 0.6222 0.4807 0.9282 -0.0482 -0.0067 -0.0055 410  ALA A CB  
375 N  N   . ILE A 50  ? 0.5095 0.4862 0.8418 -0.0233 0.1446  0.0080  411  ILE A N   
376 C  CA  . ILE A 50  ? 0.4979 0.4847 0.8478 -0.0083 0.1512  0.0109  411  ILE A CA  
377 C  C   . ILE A 50  ? 0.5565 0.5027 0.8968 0.0186  0.1796  0.0070  411  ILE A C   
378 O  O   . ILE A 50  ? 0.6092 0.4946 0.8981 0.0274  0.1705  0.0068  411  ILE A O   
379 C  CB  . ILE A 50  ? 0.4736 0.4927 0.8659 -0.0045 0.1285  0.0205  411  ILE A CB  
380 C  CG1 . ILE A 50  ? 0.4546 0.4808 0.8344 -0.0312 0.1284  0.0138  411  ILE A CG1 
381 C  CG2 . ILE A 50  ? 0.5525 0.4940 0.8898 0.0012  0.0934  0.0283  411  ILE A CG2 
382 C  CD1 . ILE A 50  ? 0.4864 0.4718 0.8245 -0.0454 0.1023  0.0245  411  ILE A CD1 
383 N  N   . ALA A 51  ? 0.7681 0.7584 0.6346 -0.1080 0.2569  -0.0569 412  ALA A N   
384 C  CA  . ALA A 51  ? 0.8168 0.7733 0.7445 -0.1266 0.3284  -0.0825 412  ALA A CA  
385 C  C   . ALA A 51  ? 0.9073 0.7512 0.6687 -0.1228 0.3159  -0.0648 412  ALA A C   
386 O  O   . ALA A 51  ? 0.8666 0.7498 0.7233 -0.1192 0.3321  -0.0742 412  ALA A O   
387 C  CB  . ALA A 51  ? 0.9620 0.8029 0.8786 -0.1817 0.4653  -0.1407 412  ALA A CB  
388 N  N   . ALA A 52  ? 1.0449 0.7354 0.5788 -0.1248 0.2655  -0.0393 413  ALA A N   
389 C  CA  . ALA A 52  ? 1.1657 0.7261 0.5344 -0.1226 0.2027  -0.0160 413  ALA A CA  
390 C  C   . ALA A 52  ? 0.9632 0.7064 0.5084 -0.0674 0.1314  -0.0008 413  ALA A C   
391 O  O   . ALA A 52  ? 0.9796 0.7112 0.5164 -0.0684 0.1391  -0.0023 413  ALA A O   
392 C  CB  . ALA A 52  ? 1.3510 0.7203 0.5268 -0.1244 0.0902  0.0170  413  ALA A CB  
393 N  N   . ASN A 53  ? 0.8069 0.6953 0.4938 -0.0361 0.0817  0.0038  414  ASN A N   
394 C  CA  . ASN A 53  ? 0.6721 0.6901 0.4810 -0.0129 0.0421  0.0069  414  ASN A CA  
395 C  C   . ASN A 53  ? 0.5914 0.7069 0.4907 -0.0227 0.0694  0.0179  414  ASN A C   
396 O  O   . ASN A 53  ? 0.5563 0.6992 0.4862 -0.0118 0.0472  0.0284  414  ASN A O   
397 C  CB  . ASN A 53  ? 0.6034 0.7017 0.5080 -0.0154 0.0275  -0.0172 414  ASN A CB  
398 C  CG  . ASN A 53  ? 0.6678 0.6881 0.6231 0.0110  -0.0387 -0.0411 414  ASN A CG  
399 O  OD1 . ASN A 53  ? 0.7802 0.6890 0.6813 0.0327  -0.1137 -0.0251 414  ASN A OD1 
400 N  ND2 . ASN A 53  ? 0.6335 0.6961 0.7164 0.0020  -0.0236 -0.0857 414  ASN A ND2 
401 N  N   . THR A 54  ? 0.5832 0.7381 0.5585 -0.0426 0.0997  0.0139  415  THR A N   
402 C  CA  . THR A 54  ? 0.5485 0.7731 0.6804 -0.0489 0.0750  0.0272  415  THR A CA  
403 C  C   . THR A 54  ? 0.5759 0.7615 0.7590 -0.0378 0.1187  0.0118  415  THR A C   
404 O  O   . THR A 54  ? 0.5337 0.7623 0.8087 -0.0277 0.0722  0.0334  415  THR A O   
405 C  CB  . THR A 54  ? 0.5495 0.8091 0.8382 -0.0693 0.0764  0.0110  415  THR A CB  
406 O  OG1 . THR A 54  ? 0.5644 0.8495 0.7803 -0.0942 0.0244  0.0272  415  THR A OG1 
407 C  CG2 . THR A 54  ? 0.5393 0.8453 1.0726 -0.0697 0.0069  0.0220  415  THR A CG2 
408 N  N   . ARG A 55  ? 0.6908 0.7602 0.7763 -0.0569 0.2140  -0.0284 416  ARG A N   
409 C  CA  . ARG A 55  ? 0.7930 0.7726 0.8584 -0.0776 0.2916  -0.0636 416  ARG A CA  
410 C  C   . ARG A 55  ? 0.7775 0.7477 0.7385 -0.0509 0.2205  -0.0303 416  ARG A C   
411 O  O   . ARG A 55  ? 0.7503 0.7554 0.8264 -0.0450 0.2313  -0.0381 416  ARG A O   
412 C  CB  . ARG A 55  ? 1.0415 0.8060 0.8743 -0.1446 0.4131  -0.1126 416  ARG A CB  
413 C  CG  . ARG A 55  ? 1.1278 0.8588 1.1394 -0.2053 0.5838  -0.2034 416  ARG A CG  
414 N  N   . THR A 56  ? 0.8011 0.7257 0.5974 -0.0337 0.1447  -0.0028 417  THR A N   
415 C  CA  . THR A 56  ? 0.7689 0.7056 0.5463 -0.0050 0.0686  0.0142  417  THR A CA  
416 C  C   . THR A 56  ? 0.6052 0.7005 0.5629 0.0155  0.0439  0.0334  417  THR A C   
417 O  O   . THR A 56  ? 0.5914 0.6987 0.5894 0.0243  0.0367  0.0355  417  THR A O   
418 C  CB  . THR A 56  ? 0.8025 0.6962 0.5188 0.0150  -0.0215 0.0210  417  THR A CB  
419 O  OG1 . THR A 56  ? 0.9904 0.6991 0.5126 -0.0137 -0.0318 0.0224  417  THR A OG1 
420 C  CG2 . THR A 56  ? 0.8175 0.6868 0.5536 0.0385  -0.1012 0.0165  417  THR A CG2 
421 N  N   . LEU A 57  ? 0.5307 0.7098 0.5558 0.0073  0.0258  0.0500  418  LEU A N   
422 C  CA  . LEU A 57  ? 0.4888 0.7327 0.5880 -0.0073 -0.0160 0.0812  418  LEU A CA  
423 C  C   . LEU A 57  ? 0.4826 0.7370 0.7271 -0.0007 -0.0244 0.0941  418  LEU A C   
424 O  O   . LEU A 57  ? 0.4738 0.7349 0.7498 -0.0011 -0.0600 0.1177  418  LEU A O   
425 C  CB  . LEU A 57  ? 0.5109 0.7742 0.5927 -0.0463 -0.0486 0.1000  418  LEU A CB  
426 C  CG  . LEU A 57  ? 0.5422 0.7988 0.5162 -0.0785 -0.0260 0.0751  418  LEU A CG  
427 C  CD1 . LEU A 57  ? 0.6148 0.8527 0.5144 -0.1437 -0.0513 0.0894  418  LEU A CD1 
428 C  CD2 . LEU A 57  ? 0.5903 0.8347 0.5361 -0.0996 -0.0110 0.0618  418  LEU A CD2 
429 N  N   . GLN A 58  ? 0.5002 0.7487 0.8696 -0.0012 0.0202  0.0658  419  GLN A N   
430 C  CA  . GLN A 58  ? 0.5043 0.7679 1.1234 0.0022  0.0325  0.0471  419  GLN A CA  
431 C  C   . GLN A 58  ? 0.5210 0.7429 1.1042 0.0084  0.0991  0.0176  419  GLN A C   
432 O  O   . GLN A 58  ? 0.4975 0.7458 1.2505 0.0180  0.0703  0.0260  419  GLN A O   
433 C  CB  . GLN A 58  ? 0.5395 0.7979 1.3529 -0.0148 0.1150  -0.0171 419  GLN A CB  
434 C  CG  . GLN A 58  ? 0.5445 0.8604 1.5655 -0.0167 0.0004  0.0108  419  GLN A CG  
435 C  CD  . GLN A 58  ? 0.5952 0.9075 1.6570 -0.0362 0.0758  -0.0417 419  GLN A CD  
436 O  OE1 . GLN A 58  ? 0.6595 0.9056 1.6457 -0.0601 0.2396  -0.1127 419  GLN A OE1 
437 N  NE2 . GLN A 58  ? 0.5925 0.9411 1.7363 -0.0427 -0.0480 -0.0062 419  GLN A NE2 
438 N  N   . GLN A 59  ? 0.5925 0.7227 0.9402 -0.0039 0.1656  -0.0117 420  GLN A N   
439 C  CA  . GLN A 59  ? 0.6645 0.7141 0.9104 -0.0135 0.2065  -0.0382 420  GLN A CA  
440 C  C   . GLN A 59  ? 0.5663 0.6793 0.8107 0.0213  0.1148  0.0061  420  GLN A C   
441 O  O   . GLN A 59  ? 0.5649 0.6831 0.8888 0.0248  0.1269  -0.0033 420  GLN A O   
442 C  CB  . GLN A 59  ? 0.8506 0.7247 0.7841 -0.0497 0.2355  -0.0602 420  GLN A CB  
443 C  CG  . GLN A 59  ? 1.0457 0.7940 0.9023 -0.1147 0.3624  -0.1155 420  GLN A CG  
444 C  CD  . GLN A 59  ? 1.3384 0.8477 0.8042 -0.1678 0.3494  -0.1126 420  GLN A CD  
445 O  OE1 . GLN A 59  ? 1.3611 0.8529 0.7091 -0.1296 0.2053  -0.0597 420  GLN A OE1 
446 N  NE2 . GLN A 59  ? 1.6338 0.9255 0.9051 -0.2701 0.4988  -0.1775 420  GLN A NE2 
447 N  N   . HIS A 60  ? 0.5003 0.6530 0.6708 0.0362  0.0446  0.0394  421  HIS A N   
448 C  CA  . HIS A 60  ? 0.4380 0.6368 0.6268 0.0463  -0.0032 0.0588  421  HIS A CA  
449 C  C   . HIS A 60  ? 0.4152 0.6559 0.7325 0.0361  -0.0320 0.0988  421  HIS A C   
450 O  O   . HIS A 60  ? 0.4112 0.6523 0.7610 0.0385  -0.0396 0.1043  421  HIS A O   
451 C  CB  . HIS A 60  ? 0.4203 0.6407 0.5517 0.0379  -0.0277 0.0574  421  HIS A CB  
452 C  CG  . HIS A 60  ? 0.4176 0.5851 0.4967 0.0571  -0.0497 0.0206  421  HIS A CG  
453 N  ND1 . HIS A 60  ? 0.3805 0.5691 0.5081 0.0551  -0.0648 -0.0103 421  HIS A ND1 
454 C  CD2 . HIS A 60  ? 0.4818 0.5392 0.4655 0.0661  -0.0767 0.0072  421  HIS A CD2 
455 C  CE1 . HIS A 60  ? 0.4538 0.5641 0.5770 0.0801  -0.1318 -0.0335 421  HIS A CE1 
456 N  NE2 . HIS A 60  ? 0.5355 0.5425 0.5213 0.0804  -0.1523 -0.0136 421  HIS A NE2 
457 N  N   . SER A 61  ? 0.8141 0.4956 0.4479 -0.1755 0.0386  -0.0885 422  SER A N   
458 C  CA  . SER A 61  ? 0.7462 0.5505 0.4552 -0.2105 0.0106  -0.0566 422  SER A CA  
459 C  C   . SER A 61  ? 0.6458 0.5215 0.4947 -0.1731 0.0069  -0.0357 422  SER A C   
460 O  O   . SER A 61  ? 0.5686 0.5201 0.5275 -0.1518 -0.0032 -0.0109 422  SER A O   
461 C  CB  . SER A 61  ? 0.8102 0.6526 0.4755 -0.3065 -0.0034 -0.0322 422  SER A CB  
462 O  OG  . SER A 61  ? 0.9131 0.7483 0.4687 -0.3881 0.0008  -0.0442 422  SER A OG  
463 N  N   . ALA A 62  ? 0.6701 0.5076 0.5108 -0.1774 0.0312  -0.0539 423  ALA A N   
464 C  CA  . ALA A 62  ? 0.6246 0.5004 0.5881 -0.1703 0.0703  -0.0632 423  ALA A CA  
465 C  C   . ALA A 62  ? 0.6042 0.4713 0.5679 -0.1370 0.0804  -0.0860 423  ALA A C   
466 O  O   . ALA A 62  ? 0.5662 0.4789 0.6630 -0.1292 0.1182  -0.0904 423  ALA A O   
467 C  CB  . ALA A 62  ? 0.6957 0.5151 0.5999 -0.2100 0.1080  -0.0975 423  ALA A CB  
468 N  N   . ARG A 63  ? 0.6501 0.4620 0.4897 -0.1211 0.0516  -0.0909 424  ARG A N   
469 C  CA  . ARG A 63  ? 0.6359 0.4621 0.4709 -0.1022 0.0444  -0.0939 424  ARG A CA  
470 C  C   . ARG A 63  ? 0.5439 0.4273 0.4621 -0.0588 0.0304  -0.0803 424  ARG A C   
471 O  O   . ARG A 63  ? 0.5149 0.4340 0.4828 -0.0535 0.0442  -0.0898 424  ARG A O   
472 C  CB  . ARG A 63  ? 0.7132 0.4935 0.4534 -0.0976 0.0057  -0.0635 424  ARG A CB  
473 C  CG  . ARG A 63  ? 0.8398 0.5805 0.4812 -0.1657 0.0026  -0.0562 424  ARG A CG  
474 C  CD  . ARG A 63  ? 0.9518 0.6822 0.5573 -0.1664 -0.0566 0.0223  424  ARG A CD  
475 N  NE  . ARG A 63  ? 0.9885 0.7938 0.5928 -0.1971 -0.0848 0.0493  424  ARG A NE  
476 C  CZ  . ARG A 63  ? 1.0468 0.8955 0.6882 -0.1888 -0.1489 0.1456  424  ARG A CZ  
477 N  NH1 . ARG A 63  ? 1.0996 0.9078 0.8192 -0.1352 -0.1770 0.2260  424  ARG A NH1 
478 N  NH2 . ARG A 63  ? 1.0550 0.9904 0.6797 -0.2400 -0.1772 0.1689  424  ARG A NH2 
479 N  N   . LEU A 64  ? 0.5245 0.4134 0.4392 -0.0493 0.0102  -0.0635 425  LEU A N   
480 C  CA  . LEU A 64  ? 0.4749 0.4253 0.4480 -0.0365 -0.0046 -0.0478 425  LEU A CA  
481 C  C   . LEU A 64  ? 0.4141 0.4488 0.5429 -0.0453 0.0010  -0.0150 425  LEU A C   
482 O  O   . LEU A 64  ? 0.3583 0.4368 0.5618 -0.0258 0.0002  -0.0040 425  LEU A O   
483 C  CB  . LEU A 64  ? 0.5308 0.4670 0.4320 -0.0726 -0.0129 -0.0463 425  LEU A CB  
484 C  CG  . LEU A 64  ? 0.6055 0.4463 0.4258 -0.0528 0.0187  -0.0829 425  LEU A CG  
485 C  CD1 . LEU A 64  ? 0.6861 0.4775 0.4108 -0.1256 0.0520  -0.1119 425  LEU A CD1 
486 C  CD2 . LEU A 64  ? 0.5625 0.4269 0.4327 -0.0051 0.0220  -0.0864 425  LEU A CD2 
487 N  N   . ASP A 65  ? 0.4238 0.4795 0.6316 -0.0722 0.0147  0.0081  426  ASP A N   
488 C  CA  . ASP A 65  ? 0.3877 0.5237 0.8236 -0.0724 0.0358  0.0619  426  ASP A CA  
489 C  C   . ASP A 65  ? 0.3816 0.4787 0.8930 -0.0477 0.1125  0.0087  426  ASP A C   
490 O  O   . ASP A 65  ? 0.3474 0.4846 1.0138 -0.0287 0.1329  0.0364  426  ASP A O   
491 C  CB  . ASP A 65  ? 0.4197 0.5833 0.9606 -0.1029 0.0546  0.0951  426  ASP A CB  
492 C  CG  . ASP A 65  ? 0.4622 0.7031 0.9683 -0.1630 -0.0241 0.1744  426  ASP A CG  
493 O  OD1 . ASP A 65  ? 0.5146 0.7655 0.8825 -0.1943 -0.0773 0.1831  426  ASP A OD1 
494 O  OD2 . ASP A 65  ? 0.4603 0.7519 1.0706 -0.1967 -0.0222 0.2222  426  ASP A OD2 
495 N  N   . SER A 66  ? 0.4437 0.4601 0.8340 -0.0691 0.1593  -0.0660 427  SER A N   
496 C  CA  . SER A 66  ? 0.4954 0.4633 0.8977 -0.0976 0.2496  -0.1362 427  SER A CA  
497 C  C   . SER A 66  ? 0.4701 0.4514 0.8210 -0.0799 0.2227  -0.1409 427  SER A C   
498 O  O   . SER A 66  ? 0.4750 0.4576 0.9453 -0.0832 0.2870  -0.1592 427  SER A O   
499 C  CB  . SER A 66  ? 0.6003 0.4972 0.8086 -0.1630 0.2716  -0.1972 427  SER A CB  
500 O  OG  . SER A 66  ? 0.6929 0.5468 0.8420 -0.2372 0.3533  -0.2704 427  SER A OG  
501 N  N   . GLN A 67  ? 0.4534 0.4421 0.6529 -0.0596 0.1378  -0.1216 428  GLN A N   
502 C  CA  . GLN A 67  ? 0.4257 0.4416 0.5925 -0.0413 0.1093  -0.1186 428  GLN A CA  
503 C  C   . GLN A 67  ? 0.3495 0.4196 0.6682 -0.0072 0.1073  -0.0828 428  GLN A C   
504 O  O   . GLN A 67  ? 0.3492 0.4277 0.7125 -0.0109 0.1378  -0.0992 428  GLN A O   
505 C  CB  . GLN A 67  ? 0.4295 0.4459 0.4802 -0.0154 0.0384  -0.0931 428  GLN A CB  
506 C  CG  . GLN A 67  ? 0.5260 0.5075 0.4571 -0.0586 0.0259  -0.0937 428  GLN A CG  
507 C  CD  . GLN A 67  ? 0.5314 0.5247 0.4302 -0.0266 -0.0326 -0.0423 428  GLN A CD  
508 O  OE1 . GLN A 67  ? 0.4781 0.4902 0.4330 0.0291  -0.0443 -0.0297 428  GLN A OE1 
509 N  NE2 . GLN A 67  ? 0.6244 0.6087 0.4540 -0.0696 -0.0632 -0.0034 428  GLN A NE2 
510 N  N   . GLN A 68  ? 0.3113 0.4246 0.7051 0.0058  0.0685  -0.0243 429  GLN A N   
511 C  CA  . GLN A 68  ? 0.2659 0.4524 0.8004 0.0138  0.0448  0.0407  429  GLN A CA  
512 C  C   . GLN A 68  ? 0.2747 0.4624 1.0325 0.0199  0.1229  0.0520  429  GLN A C   
513 O  O   . GLN A 68  ? 0.2565 0.4700 1.1109 0.0309  0.1301  0.0765  429  GLN A O   
514 C  CB  . GLN A 68  ? 0.2605 0.5170 0.8256 -0.0175 -0.0204 0.1233  429  GLN A CB  
515 C  CG  . GLN A 68  ? 0.2291 0.5838 0.8985 -0.0418 -0.0740 0.2153  429  GLN A CG  
516 C  CD  . GLN A 68  ? 0.2112 0.5587 0.7180 -0.0485 -0.1001 0.1749  429  GLN A CD  
517 O  OE1 . GLN A 68  ? 0.1147 0.4688 0.6767 -0.0226 -0.0849 0.1685  429  GLN A OE1 
518 N  NE2 . GLN A 68  ? 0.2623 0.5885 0.5816 -0.0913 -0.1222 0.1415  429  GLN A NE2 
519 N  N   . ARG A 69  ? 0.3265 0.4762 1.1817 0.0083  0.1980  0.0296  430  ARG A N   
520 C  CA  . ARG A 69  ? 0.3718 0.4923 1.4797 0.0089  0.3209  0.0195  430  ARG A CA  
521 C  C   . ARG A 69  ? 0.4293 0.4691 1.4329 -0.0201 0.4019  -0.0851 430  ARG A C   
522 O  O   . ARG A 69  ? 0.4557 0.4758 1.6402 -0.0159 0.4830  -0.0852 430  ARG A O   
523 C  CB  . ARG A 69  ? 0.4437 0.5233 1.6593 -0.0124 0.4139  -0.0113 430  ARG A CB  
524 C  CG  . ARG A 69  ? 0.4408 0.6201 1.9488 0.0119  0.3865  0.1221  430  ARG A CG  
525 C  CD  . ARG A 69  ? 0.5475 0.6807 2.2388 -0.0050 0.5207  0.0818  430  ARG A CD  
526 N  NE  . ARG A 69  ? 0.6049 0.6849 2.0121 -0.0479 0.5036  -0.0026 430  ARG A NE  
527 C  CZ  . ARG A 69  ? 0.5791 0.7198 1.8570 -0.0520 0.3823  0.0560  430  ARG A CZ  
528 N  NH1 . ARG A 69  ? 0.5266 0.7909 1.8981 -0.0386 0.2652  0.1921  430  ARG A NH1 
529 N  NH2 . ARG A 69  ? 0.6213 0.6975 1.6611 -0.0901 0.3799  -0.0193 430  ARG A NH2 
530 N  N   . GLN A 70  ? 0.4699 0.4691 1.1923 -0.0622 0.3789  -0.1613 431  GLN A N   
531 C  CA  . GLN A 70  ? 0.5545 0.5033 1.1436 -0.1254 0.4373  -0.2455 431  GLN A CA  
532 C  C   . GLN A 70  ? 0.4848 0.4811 1.0989 -0.0898 0.3887  -0.2096 431  GLN A C   
533 O  O   . GLN A 70  ? 0.5487 0.5051 1.2314 -0.1228 0.4795  -0.2530 431  GLN A O   
534 C  CB  . GLN A 70  ? 0.6186 0.5613 0.9258 -0.1852 0.3785  -0.2789 431  GLN A CB  
535 C  CG  . GLN A 70  ? 0.7397 0.6191 0.9671 -0.2669 0.4483  -0.3380 431  GLN A CG  
536 C  CD  . GLN A 70  ? 0.8133 0.7057 0.7759 -0.3424 0.3691  -0.3343 431  GLN A CD  
537 O  OE1 . GLN A 70  ? 0.7797 0.6849 0.6856 -0.3108 0.2905  -0.2862 431  GLN A OE1 
538 N  NE2 . GLN A 70  ? 0.9297 0.8260 0.7418 -0.4537 0.3862  -0.3704 431  GLN A NE2 
539 N  N   . ILE A 71  ? 0.3761 0.5914 0.5910 -0.0291 0.0027  0.0470  432  ILE A N   
540 C  CA  . ILE A 71  ? 0.4037 0.5918 0.5303 -0.0360 0.0186  -0.0030 432  ILE A CA  
541 C  C   . ILE A 71  ? 0.4342 0.6075 0.5091 -0.0548 0.0063  0.0138  432  ILE A C   
542 O  O   . ILE A 71  ? 0.4289 0.6110 0.4589 -0.0531 0.0381  -0.0019 432  ILE A O   
543 C  CB  . ILE A 71  ? 0.5130 0.6172 0.5761 -0.0555 0.0150  -0.0517 432  ILE A CB  
544 C  CG1 . ILE A 71  ? 0.4758 0.5952 0.6505 -0.0338 0.0157  -0.0675 432  ILE A CG1 
545 C  CG2 . ILE A 71  ? 0.5928 0.6368 0.5442 -0.0714 0.0888  -0.1050 432  ILE A CG2 
546 C  CD1 . ILE A 71  ? 0.6123 0.6262 0.7400 -0.0489 0.0093  -0.1138 432  ILE A CD1 
547 N  N   . ASN A 72  ? 0.4782 0.6228 0.5989 -0.0782 -0.0612 0.0585  433  ASN A N   
548 C  CA  . ASN A 72  ? 0.5207 0.6394 0.6516 -0.1031 -0.1107 0.0944  433  ASN A CA  
549 C  C   . ASN A 72  ? 0.4260 0.6247 0.6504 -0.0633 -0.0418 0.1016  433  ASN A C   
550 O  O   . ASN A 72  ? 0.4407 0.6266 0.5960 -0.0712 -0.0394 0.0904  433  ASN A O   
551 C  CB  . ASN A 72  ? 0.5786 0.6592 0.8613 -0.1343 -0.2252 0.1656  433  ASN A CB  
552 C  CG  . ASN A 72  ? 0.7746 0.6926 0.8774 -0.1972 -0.3372 0.1602  433  ASN A CG  
553 O  OD1 . ASN A 72  ? 0.9146 0.7206 0.7397 -0.2245 -0.3041 0.0962  433  ASN A OD1 
554 N  ND2 . ASN A 72  ? 0.8060 0.6835 1.0684 -0.2254 -0.4607 0.2272  433  ASN A ND2 
555 N  N   . GLU A 73  ? 0.3756 0.6237 0.7215 -0.0273 0.0254  0.1172  434  GLU A N   
556 C  CA  . GLU A 73  ? 0.3746 0.6270 0.7263 0.0035  0.1110  0.1071  434  GLU A CA  
557 C  C   . GLU A 73  ? 0.3816 0.6109 0.5532 0.0051  0.1146  0.0611  434  GLU A C   
558 O  O   . GLU A 73  ? 0.3963 0.6100 0.5459 0.0098  0.1199  0.0528  434  GLU A O   
559 C  CB  . GLU A 73  ? 0.4284 0.6621 0.8182 0.0250  0.2179  0.1184  434  GLU A CB  
560 C  CG  . GLU A 73  ? 0.4294 0.6973 1.1018 0.0313  0.2602  0.1751  434  GLU A CG  
561 C  CD  . GLU A 73  ? 0.3995 0.6903 1.2906 0.0359  0.2275  0.2027  434  GLU A CD  
562 O  OE1 . GLU A 73  ? 0.4307 0.6888 1.2533 0.0544  0.2771  0.1686  434  GLU A OE1 
563 O  OE2 . GLU A 73  ? 0.3839 0.7051 1.5189 0.0136  0.1258  0.2650  434  GLU A OE2 
564 N  N   . ASN A 74  ? 0.3747 0.5998 0.4702 -0.0003 0.1002  0.0388  435  ASN A N   
565 C  CA  . ASN A 74  ? 0.3830 0.5939 0.4157 -0.0028 0.0867  0.0136  435  ASN A CA  
566 C  C   . ASN A 74  ? 0.3813 0.6099 0.4104 -0.0216 0.0795  0.0033  435  ASN A C   
567 O  O   . ASN A 74  ? 0.3753 0.5986 0.3964 -0.0239 0.0756  0.0015  435  ASN A O   
568 C  CB  . ASN A 74  ? 0.3871 0.5951 0.4480 -0.0057 0.0634  0.0033  435  ASN A CB  
569 C  CG  . ASN A 74  ? 0.4763 0.6082 0.4682 -0.0097 0.0399  0.0262  435  ASN A CG  
570 O  OD1 . ASN A 74  ? 0.6092 0.6540 0.4716 -0.0135 0.0609  0.0349  435  ASN A OD1 
571 N  ND2 . ASN A 74  ? 0.4451 0.5709 0.4931 -0.0174 -0.0011 0.0344  435  ASN A ND2 
572 N  N   . HIS A 75  ? 0.4276 0.6405 0.4287 -0.0475 0.0695  0.0028  436  HIS A N   
573 C  CA  . HIS A 75  ? 0.5246 0.6903 0.4342 -0.0879 0.0684  0.0011  436  HIS A CA  
574 C  C   . HIS A 75  ? 0.5099 0.6786 0.4483 -0.0918 0.0241  0.0376  436  HIS A C   
575 O  O   . HIS A 75  ? 0.5638 0.7149 0.4565 -0.1140 0.0273  0.0419  436  HIS A O   
576 C  CB  . HIS A 75  ? 0.6896 0.7460 0.4573 -0.1383 0.0445  -0.0044 436  HIS A CB  
577 C  CG  . HIS A 75  ? 0.9233 0.8552 0.4985 -0.2067 0.0286  0.0077  436  HIS A CG  
578 N  ND1 . HIS A 75  ? 1.1851 0.9460 0.5696 -0.2794 -0.0678 0.0351  436  HIS A ND1 
579 C  CD2 . HIS A 75  ? 1.0185 0.9388 0.5399 -0.2282 0.0799  0.0080  436  HIS A CD2 
580 C  CE1 . HIS A 75  ? 1.4039 1.0303 0.5758 -0.3499 -0.0728 0.0503  436  HIS A CE1 
581 N  NE2 . HIS A 75  ? 1.3031 1.0404 0.5707 -0.3161 0.0303  0.0337  436  HIS A NE2 
582 N  N   . LYS A 76  ? 0.4605 0.6493 0.5139 -0.0694 -0.0027 0.0660  437  LYS A N   
583 C  CA  . LYS A 76  ? 0.4559 0.6420 0.6093 -0.0642 -0.0308 0.0962  437  LYS A CA  
584 C  C   . LYS A 76  ? 0.4236 0.6150 0.5578 -0.0295 0.0223  0.0671  437  LYS A C   
585 O  O   . LYS A 76  ? 0.4435 0.6179 0.5639 -0.0428 -0.0062 0.0737  437  LYS A O   
586 C  CB  . LYS A 76  ? 0.4488 0.6513 0.8176 -0.0444 -0.0384 0.1341  437  LYS A CB  
587 C  CG  . LYS A 76  ? 0.5584 0.7112 0.9998 -0.1010 -0.1732 0.1964  437  LYS A CG  
588 C  CD  . LYS A 76  ? 0.5511 0.7397 1.2704 -0.0825 -0.1792 0.2422  437  LYS A CD  
589 C  CE  . LYS A 76  ? 0.6857 0.7864 1.4900 -0.1538 -0.3703 0.3208  437  LYS A CE  
590 N  NZ  . LYS A 76  ? 0.6738 0.7840 1.5979 -0.1564 -0.3949 0.3484  437  LYS A NZ  
591 N  N   . GLU A 77  ? 0.4199 0.5994 0.5189 0.0024  0.0817  0.0405  438  GLU A N   
592 C  CA  . GLU A 77  ? 0.4857 0.5928 0.4909 0.0180  0.1015  0.0150  438  GLU A CA  
593 C  C   . GLU A 77  ? 0.4604 0.5816 0.4402 -0.0063 0.0422  0.0175  438  GLU A C   
594 O  O   . GLU A 77  ? 0.5127 0.5822 0.4703 -0.0063 0.0166  0.0150  438  GLU A O   
595 C  CB  . GLU A 77  ? 0.5677 0.6015 0.4487 0.0224  0.1296  -0.0006 438  GLU A CB  
596 C  CG  . GLU A 77  ? 0.7830 0.6405 0.4703 0.0194  0.1352  -0.0235 438  GLU A CG  
597 C  CD  . GLU A 77  ? 1.0014 0.7103 0.4849 0.0006  0.1563  -0.0263 438  GLU A CD  
598 O  OE1 . GLU A 77  ? 0.9607 0.7364 0.5046 0.0010  0.1839  -0.0090 438  GLU A OE1 
599 O  OE2 . GLU A 77  ? 1.2874 0.7742 0.5126 -0.0260 0.1335  -0.0413 438  GLU A OE2 
600 N  N   . MET A 78  ? 0.4072 0.5850 0.4070 -0.0286 0.0363  0.0218  439  MET A N   
601 C  CA  . MET A 78  ? 0.4119 0.6068 0.4440 -0.0540 0.0252  0.0297  439  MET A CA  
602 C  C   . MET A 78  ? 0.4294 0.6134 0.4487 -0.0803 0.0040  0.0539  439  MET A C   
603 O  O   . MET A 78  ? 0.4366 0.6103 0.4892 -0.0916 -0.0220 0.0685  439  MET A O   
604 C  CB  . MET A 78  ? 0.4179 0.6460 0.4784 -0.0733 0.0809  0.0181  439  MET A CB  
605 C  CG  . MET A 78  ? 0.4224 0.6768 0.6380 -0.0751 0.0988  0.0201  439  MET A CG  
606 S  SD  . MET A 78  ? 0.4391 0.7144 0.7707 -0.0562 0.1307  -0.0047 439  MET A SD  
607 C  CE  . MET A 78  ? 0.4557 0.6994 0.6060 -0.0671 0.1908  -0.0374 439  MET A CE  
608 N  N   . LYS A 79  ? 0.4545 0.6247 0.4415 -0.0990 -0.0108 0.0703  440  LYS A N   
609 C  CA  . LYS A 79  ? 0.5260 0.6554 0.4952 -0.1419 -0.0668 0.1104  440  LYS A CA  
610 C  C   . LYS A 79  ? 0.4841 0.6068 0.5546 -0.1071 -0.1016 0.1134  440  LYS A C   
611 O  O   . LYS A 79  ? 0.5147 0.6151 0.5924 -0.1328 -0.1431 0.1381  440  LYS A O   
612 C  CB  . LYS A 79  ? 0.6199 0.6899 0.5437 -0.1854 -0.1299 0.1452  440  LYS A CB  
613 C  CG  . LYS A 79  ? 0.7219 0.7408 0.7301 -0.2157 -0.2430 0.2042  440  LYS A CG  
614 C  CD  . LYS A 79  ? 0.9627 0.8589 0.7710 -0.3151 -0.3093 0.2532  440  LYS A CD  
615 C  CE  . LYS A 79  ? 1.0636 0.9024 1.0023 -0.3490 -0.4599 0.3265  440  LYS A CE  
616 N  NZ  . LYS A 79  ? 1.3425 1.0128 1.0386 -0.4688 -0.5538 0.3937  440  LYS A NZ  
617 N  N   . GLN A 80  ? 0.4510 0.5673 0.5819 -0.0530 -0.0673 0.0847  441  GLN A N   
618 C  CA  . GLN A 80  ? 0.5047 0.5568 0.6815 -0.0169 -0.0579 0.0637  441  GLN A CA  
619 C  C   . GLN A 80  ? 0.5400 0.5384 0.6154 -0.0235 -0.0874 0.0475  441  GLN A C   
620 O  O   . GLN A 80  ? 0.5817 0.5272 0.6853 -0.0269 -0.1337 0.0532  441  GLN A O   
621 C  CB  . GLN A 80  ? 0.5653 0.5656 0.7541 0.0327  0.0410  0.0243  441  GLN A CB  
622 C  CG  . GLN A 80  ? 0.5735 0.6110 1.0017 0.0509  0.0733  0.0508  441  GLN A CG  
623 C  CD  . GLN A 80  ? 0.6990 0.6734 1.1580 0.0981  0.2289  0.0118  441  GLN A CD  
624 O  OE1 . GLN A 80  ? 0.7201 0.6859 1.0413 0.0967  0.2800  -0.0020 441  GLN A OE1 
625 N  NE2 . GLN A 80  ? 0.8214 0.7341 1.4726 0.1362  0.3198  -0.0043 441  GLN A NE2 
626 N  N   . ILE A 81  ? 0.4336 0.5557 0.3767 -0.0362 -0.0429 0.0386  442  ILE A N   
627 C  CA  . ILE A 81  ? 0.4237 0.5284 0.3095 -0.0280 -0.0277 0.0122  442  ILE A CA  
628 C  C   . ILE A 81  ? 0.4233 0.4931 0.2803 -0.0181 -0.0276 -0.0180 442  ILE A C   
629 O  O   . ILE A 81  ? 0.4167 0.4866 0.2525 -0.0063 -0.0112 -0.0343 442  ILE A O   
630 C  CB  . ILE A 81  ? 0.4319 0.5165 0.3250 -0.0417 -0.0565 0.0233  442  ILE A CB  
631 C  CG1 . ILE A 81  ? 0.4835 0.5893 0.3617 -0.0740 -0.0658 0.0649  442  ILE A CG1 
632 C  CG2 . ILE A 81  ? 0.3965 0.4587 0.2897 -0.0354 -0.0607 0.0074  442  ILE A CG2 
633 C  CD1 . ILE A 81  ? 0.5160 0.5956 0.4362 -0.0990 -0.1275 0.0995  442  ILE A CD1 
634 N  N   . GLU A 82  ? 0.4656 0.4912 0.2989 -0.0369 -0.0444 -0.0260 443  GLU A N   
635 C  CA  . GLU A 82  ? 0.5285 0.5034 0.2938 -0.0537 -0.0325 -0.0550 443  GLU A CA  
636 C  C   . GLU A 82  ? 0.5365 0.5191 0.2982 -0.0557 -0.0559 -0.0338 443  GLU A C   
637 O  O   . GLU A 82  ? 0.5398 0.5161 0.2779 -0.0512 -0.0417 -0.0487 443  GLU A O   
638 C  CB  . GLU A 82  ? 0.6354 0.5269 0.3179 -0.1025 -0.0344 -0.0763 443  GLU A CB  
639 C  CG  . GLU A 82  ? 0.6921 0.5622 0.4211 -0.0947 0.0127  -0.1213 443  GLU A CG  
640 C  CD  . GLU A 82  ? 0.8747 0.6596 0.5446 -0.1378 0.0136  -0.1473 443  GLU A CD  
641 O  OE1 . GLU A 82  ? 1.0013 0.7417 0.5747 -0.1818 -0.0422 -0.1159 443  GLU A OE1 
642 O  OE2 . GLU A 82  ? 0.9664 0.7189 0.7075 -0.1323 0.0647  -0.1984 443  GLU A OE2 
643 N  N   . ASP A 83  ? 0.5502 0.5491 0.3761 -0.0617 -0.0975 0.0070  444  ASP A N   
644 C  CA  . ASP A 83  ? 0.5651 0.5712 0.4656 -0.0610 -0.1319 0.0350  444  ASP A CA  
645 C  C   . ASP A 83  ? 0.5132 0.5650 0.4645 -0.0135 -0.0759 0.0038  444  ASP A C   
646 O  O   . ASP A 83  ? 0.5193 0.5568 0.4938 -0.0100 -0.0906 0.0034  444  ASP A O   
647 C  CB  . ASP A 83  ? 0.5798 0.6103 0.6308 -0.0683 -0.1816 0.0888  444  ASP A CB  
648 C  CG  . ASP A 83  ? 0.7208 0.6650 0.7002 -0.1434 -0.2834 0.1399  444  ASP A CG  
649 O  OD1 . ASP A 83  ? 0.8669 0.7202 0.6493 -0.1982 -0.2983 0.1221  444  ASP A OD1 
650 O  OD2 . ASP A 83  ? 0.7341 0.6899 0.8482 -0.1598 -0.3462 0.1981  444  ASP A OD2 
651 N  N   . LYS A 84  ? 0.4910 0.5789 0.4370 0.0083  -0.0213 -0.0188 445  LYS A N   
652 C  CA  . LYS A 84  ? 0.4939 0.5918 0.4315 0.0284  0.0296  -0.0516 445  LYS A CA  
653 C  C   . LYS A 84  ? 0.4925 0.5565 0.3442 0.0269  0.0168  -0.0682 445  LYS A C   
654 O  O   . LYS A 84  ? 0.5178 0.5661 0.3660 0.0370  0.0277  -0.0879 445  LYS A O   
655 C  CB  . LYS A 84  ? 0.5288 0.6415 0.4210 0.0166  0.0749  -0.0594 445  LYS A CB  
656 C  CG  . LYS A 84  ? 0.6218 0.7446 0.5529 0.0152  0.1595  -0.0922 445  LYS A CG  
657 C  CD  . LYS A 84  ? 0.6674 0.7517 0.5908 0.0285  0.1942  -0.1401 445  LYS A CD  
658 N  N   . ILE A 85  ? 0.4713 0.5204 0.2788 0.0133  0.0010  -0.0645 446  ILE A N   
659 C  CA  . ILE A 85  ? 0.4699 0.4975 0.2507 0.0104  0.0017  -0.0783 446  ILE A CA  
660 C  C   . ILE A 85  ? 0.4987 0.5028 0.2602 -0.0010 -0.0096 -0.0790 446  ILE A C   
661 O  O   . ILE A 85  ? 0.4985 0.4940 0.2568 0.0030  -0.0111 -0.0850 446  ILE A O   
662 C  CB  . ILE A 85  ? 0.4726 0.4897 0.2748 -0.0007 0.0124  -0.0861 446  ILE A CB  
663 C  CG1 . ILE A 85  ? 0.4564 0.4861 0.3042 0.0022  -0.0074 -0.0678 446  ILE A CG1 
664 C  CG2 . ILE A 85  ? 0.4687 0.4666 0.2839 -0.0108 0.0369  -0.1056 446  ILE A CG2 
665 C  CD1 . ILE A 85  ? 0.4513 0.4712 0.3962 -0.0015 -0.0034 -0.0736 446  ILE A CD1 
666 N  N   . GLU A 86  ? 0.5471 0.5282 0.2878 -0.0285 -0.0342 -0.0618 447  GLU A N   
667 C  CA  . GLU A 86  ? 0.6203 0.5611 0.3247 -0.0636 -0.0710 -0.0426 447  GLU A CA  
668 C  C   . GLU A 86  ? 0.5958 0.5554 0.3869 -0.0298 -0.0895 -0.0375 447  GLU A C   
669 O  O   . GLU A 86  ? 0.6232 0.5631 0.3954 -0.0387 -0.1008 -0.0372 447  GLU A O   
670 C  CB  . GLU A 86  ? 0.7123 0.6077 0.3872 -0.1156 -0.1337 -0.0012 447  GLU A CB  
671 C  CG  . GLU A 86  ? 0.8459 0.6703 0.3658 -0.1827 -0.1172 -0.0158 447  GLU A CG  
672 C  CD  . GLU A 86  ? 0.9651 0.7290 0.4403 -0.2432 -0.1983 0.0323  447  GLU A CD  
673 O  OE1 . GLU A 86  ? 1.0610 0.7845 0.5479 -0.2898 -0.2945 0.0953  447  GLU A OE1 
674 O  OE2 . GLU A 86  ? 0.9925 0.7394 0.4334 -0.2514 -0.1812 0.0157  447  GLU A OE2 
675 N  N   . GLU A 87  ? 0.5701 0.5621 0.4652 0.0050  -0.0805 -0.0402 448  GLU A N   
676 C  CA  . GLU A 87  ? 0.5843 0.5791 0.5830 0.0361  -0.0710 -0.0571 448  GLU A CA  
677 C  C   . GLU A 87  ? 0.5871 0.5648 0.5045 0.0479  -0.0379 -0.0952 448  GLU A C   
678 O  O   . GLU A 87  ? 0.6142 0.5629 0.5636 0.0547  -0.0532 -0.1053 448  GLU A O   
679 C  CB  . GLU A 87  ? 0.5885 0.6191 0.7129 0.0635  -0.0211 -0.0745 448  GLU A CB  
680 C  CG  . GLU A 87  ? 0.6668 0.6886 0.9387 0.0941  0.0241  -0.1149 448  GLU A CG  
681 C  CD  . GLU A 87  ? 0.7518 0.7994 1.0871 0.1082  0.1341  -0.1640 448  GLU A CD  
682 O  OE1 . GLU A 87  ? 0.7393 0.8305 1.1004 0.0996  0.1412  -0.1367 448  GLU A OE1 
683 O  OE2 . GLU A 87  ? 0.8581 0.8701 1.1991 0.1168  0.2208  -0.2339 448  GLU A OE2 
684 N  N   . ILE A 88  ? 0.5674 0.5531 0.3957 0.0431  -0.0109 -0.1067 449  ILE A N   
685 C  CA  . ILE A 88  ? 0.5892 0.5457 0.3480 0.0369  -0.0102 -0.1219 449  ILE A CA  
686 C  C   . ILE A 88  ? 0.5692 0.5153 0.3300 0.0254  -0.0443 -0.1038 449  ILE A C   
687 O  O   . ILE A 88  ? 0.5848 0.4991 0.3389 0.0239  -0.0642 -0.1091 449  ILE A O   
688 C  CB  . ILE A 88  ? 0.6011 0.5611 0.3050 0.0199  -0.0074 -0.1130 449  ILE A CB  
689 C  CG1 . ILE A 88  ? 0.6875 0.6299 0.3320 0.0064  0.0322  -0.1341 449  ILE A CG1 
690 C  CG2 . ILE A 88  ? 0.6233 0.5520 0.3030 -0.0003 -0.0477 -0.0971 449  ILE A CG2 
691 C  CD1 . ILE A 88  ? 0.7392 0.6799 0.3282 -0.0267 0.0146  -0.1061 449  ILE A CD1 
692 N  N   . LEU A 89  ? 0.5435 0.5062 0.3049 0.0076  -0.0416 -0.0873 450  LEU A N   
693 C  CA  . LEU A 89  ? 0.5687 0.5189 0.3226 -0.0196 -0.0454 -0.0766 450  LEU A CA  
694 C  C   . LEU A 89  ? 0.6116 0.5331 0.3655 -0.0318 -0.0896 -0.0586 450  LEU A C   
695 O  O   . LEU A 89  ? 0.6341 0.5411 0.3915 -0.0457 -0.1055 -0.0487 450  LEU A O   
696 C  CB  . LEU A 89  ? 0.5959 0.5412 0.3132 -0.0570 -0.0062 -0.0807 450  LEU A CB  
697 C  CG  . LEU A 89  ? 0.5719 0.5395 0.3517 -0.0459 0.0413  -0.1018 450  LEU A CG  
698 C  CD1 . LEU A 89  ? 0.6671 0.6057 0.3980 -0.0870 0.1016  -0.1291 450  LEU A CD1 
699 C  CD2 . LEU A 89  ? 0.5277 0.5110 0.4121 -0.0400 0.0484  -0.0971 450  LEU A CD2 
700 N  N   . SER A 90  ? 0.6223 0.5352 0.4065 -0.0298 -0.1201 -0.0455 451  SER A N   
701 C  CA  . SER A 90  ? 0.6724 0.5531 0.5140 -0.0418 -0.1823 -0.0177 451  SER A CA  
702 C  C   . SER A 90  ? 0.6638 0.5309 0.5624 -0.0023 -0.1782 -0.0495 451  SER A C   
703 O  O   . SER A 90  ? 0.6882 0.5254 0.5937 -0.0182 -0.2180 -0.0334 451  SER A O   
704 C  CB  . SER A 90  ? 0.6955 0.5724 0.6379 -0.0430 -0.2274 0.0107  451  SER A CB  
705 O  OG  . SER A 90  ? 0.7647 0.6216 0.6093 -0.1031 -0.2531 0.0472  451  SER A OG  
706 N  N   . LYS A 91  ? 0.4977 0.7561 0.4572 -0.0804 -0.1616 0.1944  452  LYS A N   
707 C  CA  . LYS A 91  ? 0.4269 0.7322 0.4644 -0.0143 -0.1086 0.1724  452  LYS A CA  
708 C  C   . LYS A 91  ? 0.4126 0.6537 0.3783 0.0106  -0.0800 0.1113  452  LYS A C   
709 O  O   . LYS A 91  ? 0.3904 0.6366 0.3776 0.0429  -0.0559 0.0967  452  LYS A O   
710 C  CB  . LYS A 91  ? 0.4201 0.7727 0.4925 -0.0100 -0.0794 0.1760  452  LYS A CB  
711 C  CG  . LYS A 91  ? 0.4280 0.8871 0.6539 -0.0054 -0.0535 0.2177  452  LYS A CG  
712 C  CD  . LYS A 91  ? 0.4822 0.9871 0.7047 -0.0492 -0.0470 0.2392  452  LYS A CD  
713 C  CE  . LYS A 91  ? 0.4942 1.1279 0.9129 -0.0443 0.0138  0.2665  452  LYS A CE  
714 N  NZ  . LYS A 91  ? 0.5376 1.2263 0.9418 -0.1066 0.0218  0.2925  452  LYS A NZ  
715 N  N   . ILE A 92  ? 0.4411 0.6200 0.3504 -0.0045 -0.0830 0.0777  453  ILE A N   
716 C  CA  . ILE A 92  ? 0.4277 0.5682 0.3404 0.0225  -0.0566 0.0300  453  ILE A CA  
717 C  C   . ILE A 92  ? 0.4498 0.5752 0.3268 0.0124  -0.0332 0.0037  453  ILE A C   
718 O  O   . ILE A 92  ? 0.4210 0.5539 0.3204 0.0387  -0.0142 -0.0130 453  ILE A O   
719 C  CB  . ILE A 92  ? 0.4683 0.5482 0.4089 0.0187  -0.0594 -0.0003 453  ILE A CB  
720 C  CG1 . ILE A 92  ? 0.4527 0.5389 0.4336 0.0226  -0.1020 0.0383  453  ILE A CG1 
721 C  CG2 . ILE A 92  ? 0.4615 0.5179 0.4579 0.0397  -0.0191 -0.0513 453  ILE A CG2 
722 C  CD1 . ILE A 92  ? 0.5270 0.5439 0.5676 0.0126  -0.1360 0.0347  453  ILE A CD1 
723 N  N   . TYR A 93  ? 0.5324 0.6287 0.3317 -0.0469 -0.0438 0.0084  454  TYR A N   
724 C  CA  . TYR A 93  ? 0.5977 0.6712 0.3259 -0.0884 -0.0308 -0.0061 454  TYR A CA  
725 C  C   . TYR A 93  ? 0.5305 0.6538 0.3140 -0.0593 -0.0670 0.0487  454  TYR A C   
726 O  O   . TYR A 93  ? 0.5212 0.6408 0.2983 -0.0493 -0.0512 0.0332  454  TYR A O   
727 C  CB  . TYR A 93  ? 0.7673 0.7707 0.3445 -0.2006 -0.0444 -0.0067 454  TYR A CB  
728 C  CG  . TYR A 93  ? 0.9267 0.8943 0.3882 -0.2770 -0.0292 -0.0219 454  TYR A CG  
729 C  CD1 . TYR A 93  ? 0.9484 0.9196 0.4303 -0.2531 0.0526  -0.0943 454  TYR A CD1 
730 C  CD2 . TYR A 93  ? 1.0974 1.0315 0.4396 -0.3884 -0.1095 0.0509  454  TYR A CD2 
731 C  CE1 . TYR A 93  ? 1.0694 1.0137 0.4311 -0.3405 0.0715  -0.1066 454  TYR A CE1 
732 C  CE2 . TYR A 93  ? 1.2367 1.1266 0.4407 -0.4874 -0.1105 0.0497  454  TYR A CE2 
733 C  CZ  . TYR A 93  ? 1.2284 1.1251 0.4310 -0.4633 -0.0102 -0.0363 454  TYR A CZ  
734 O  OH  . TYR A 93  ? 1.3732 1.2327 0.4288 -0.5747 -0.0035 -0.0386 454  TYR A OH  
735 N  N   . HIS A 94  ? 0.4866 0.6561 0.3523 -0.0423 -0.1077 0.1085  455  HIS A N   
736 C  CA  . HIS A 94  ? 0.4503 0.6546 0.4232 -0.0021 -0.1230 0.1461  455  HIS A CA  
737 C  C   . HIS A 94  ? 0.3883 0.5862 0.3733 0.0594  -0.0666 0.0951  455  HIS A C   
738 O  O   . HIS A 94  ? 0.3939 0.5712 0.3953 0.0746  -0.0682 0.0963  455  HIS A O   
739 C  CB  . HIS A 94  ? 0.4344 0.7059 0.5619 0.0209  -0.1414 0.2009  455  HIS A CB  
740 C  CG  . HIS A 94  ? 0.4432 0.7407 0.7387 0.0732  -0.1339 0.2235  455  HIS A CG  
741 N  ND1 . HIS A 94  ? 0.5186 0.7917 0.8739 0.0503  -0.2054 0.2820  455  HIS A ND1 
742 C  CD2 . HIS A 94  ? 0.4338 0.7593 0.8449 0.1376  -0.0559 0.1871  455  HIS A CD2 
743 C  CE1 . HIS A 94  ? 0.5299 0.8162 1.0734 0.1180  -0.1745 0.2816  455  HIS A CE1 
744 N  NE2 . HIS A 94  ? 0.4882 0.8032 1.0583 0.1703  -0.0688 0.2130  455  HIS A NE2 
745 N  N   . ILE A 95  ? 0.3455 0.5461 0.3109 0.0782  -0.0326 0.0609  456  ILE A N   
746 C  CA  . ILE A 95  ? 0.3282 0.5090 0.2775 0.1042  -0.0013 0.0312  456  ILE A CA  
747 C  C   . ILE A 95  ? 0.3275 0.4791 0.2359 0.0950  -0.0057 0.0110  456  ILE A C   
748 O  O   . ILE A 95  ? 0.3322 0.4590 0.2242 0.1035  -0.0001 0.0050  456  ILE A O   
749 C  CB  . ILE A 95  ? 0.3361 0.5159 0.2634 0.0946  0.0038  0.0251  456  ILE A CB  
750 C  CG1 . ILE A 95  ? 0.3659 0.5827 0.3246 0.0918  0.0330  0.0372  456  ILE A CG1 
751 C  CG2 . ILE A 95  ? 0.3572 0.4955 0.2356 0.0838  0.0013  0.0136  456  ILE A CG2 
752 C  CD1 . ILE A 95  ? 0.3830 0.5973 0.2931 0.0533  0.0248  0.0458  456  ILE A CD1 
753 N  N   . GLU A 96  ? 0.3333 0.4823 0.2283 0.0700  -0.0044 -0.0064 457  GLU A N   
754 C  CA  . GLU A 96  ? 0.3454 0.4865 0.2374 0.0552  0.0166  -0.0358 457  GLU A CA  
755 C  C   . GLU A 96  ? 0.3725 0.5022 0.2113 0.0319  0.0030  -0.0189 457  GLU A C   
756 O  O   . GLU A 96  ? 0.3698 0.4943 0.2082 0.0345  0.0037  -0.0210 457  GLU A O   
757 C  CB  . GLU A 96  ? 0.3985 0.5273 0.2922 0.0229  0.0561  -0.0800 457  GLU A CB  
758 C  CG  . GLU A 96  ? 0.4138 0.5432 0.4288 0.0567  0.0654  -0.0986 457  GLU A CG  
759 C  CD  . GLU A 96  ? 0.5267 0.6167 0.5692 0.0348  0.1192  -0.1577 457  GLU A CD  
760 O  OE1 . GLU A 96  ? 0.6391 0.6892 0.5493 -0.0238 0.1419  -0.1801 457  GLU A OE1 
761 O  OE2 . GLU A 96  ? 0.5616 0.6468 0.7665 0.0671  0.1339  -0.1788 457  GLU A OE2 
762 N  N   . ASN A 97  ? 0.4089 0.5292 0.2144 0.0013  -0.0290 0.0144  458  ASN A N   
763 C  CA  . ASN A 97  ? 0.4632 0.5597 0.2420 -0.0307 -0.0726 0.0544  458  ASN A CA  
764 C  C   . ASN A 97  ? 0.4301 0.5108 0.2771 0.0272  -0.0813 0.0671  458  ASN A C   
765 O  O   . ASN A 97  ? 0.4657 0.5114 0.2850 0.0095  -0.1023 0.0778  458  ASN A O   
766 C  CB  . ASN A 97  ? 0.5363 0.6234 0.3080 -0.0843 -0.1380 0.1167  458  ASN A CB  
767 C  CG  . ASN A 97  ? 0.6932 0.7397 0.3035 -0.2055 -0.1490 0.1152  458  ASN A CG  
768 O  OD1 . ASN A 97  ? 0.7664 0.7993 0.2919 -0.2446 -0.0973 0.0650  458  ASN A OD1 
769 N  ND2 . ASN A 97  ? 0.8404 0.8641 0.3991 -0.2839 -0.2121 0.1700  458  ASN A ND2 
770 N  N   . GLU A 98  ? 0.3854 0.4793 0.3062 0.0831  -0.0564 0.0591  459  GLU A N   
771 C  CA  . GLU A 98  ? 0.4083 0.4604 0.3718 0.1242  -0.0332 0.0458  459  GLU A CA  
772 C  C   . GLU A 98  ? 0.4088 0.4210 0.2752 0.1112  -0.0182 0.0142  459  GLU A C   
773 O  O   . GLU A 98  ? 0.4615 0.4102 0.3039 0.1094  -0.0240 0.0104  459  GLU A O   
774 C  CB  . GLU A 98  ? 0.4114 0.4837 0.4463 0.1608  0.0204  0.0260  459  GLU A CB  
775 C  CG  . GLU A 98  ? 0.4387 0.5581 0.6480 0.1837  0.0070  0.0686  459  GLU A CG  
776 C  CD  . GLU A 98  ? 0.5435 0.6208 0.9100 0.2217  0.0088  0.0801  459  GLU A CD  
777 O  OE1 . GLU A 98  ? 0.6208 0.6446 0.9648 0.2034  -0.0543 0.1103  459  GLU A OE1 
778 O  OE2 . GLU A 98  ? 0.6052 0.7006 1.1370 0.2663  0.0785  0.0575  459  GLU A OE2 
779 N  N   . ILE A 99  ? 0.3558 0.4010 0.1880 0.0961  -0.0112 0.0014  460  ILE A N   
780 C  CA  . ILE A 99  ? 0.3760 0.3995 0.1629 0.0738  -0.0195 -0.0043 460  ILE A CA  
781 C  C   . ILE A 99  ? 0.3934 0.4175 0.1664 0.0462  -0.0384 0.0051  460  ILE A C   
782 O  O   . ILE A 99  ? 0.4421 0.4214 0.1701 0.0257  -0.0563 0.0123  460  ILE A O   
783 C  CB  . ILE A 99  ? 0.3351 0.4008 0.1655 0.0655  -0.0276 -0.0009 460  ILE A CB  
784 C  CG1 . ILE A 99  ? 0.3724 0.4050 0.1571 0.0548  -0.0305 0.0044  460  ILE A CG1 
785 C  CG2 . ILE A 99  ? 0.3157 0.3974 0.1874 0.0401  -0.0513 0.0135  460  ILE A CG2 
786 C  CD1 . ILE A 99  ? 0.3456 0.4154 0.1948 0.0541  -0.0495 0.0184  460  ILE A CD1 
787 N  N   . ALA A 100 ? 0.3807 0.4446 0.1659 0.0255  -0.0338 0.0055  461  ALA A N   
788 C  CA  . ALA A 100 ? 0.4342 0.5009 0.1792 -0.0277 -0.0416 0.0123  461  ALA A CA  
789 C  C   . ALA A 100 ? 0.5058 0.4999 0.2076 -0.0346 -0.0898 0.0449  461  ALA A C   
790 O  O   . ALA A 100 ? 0.5482 0.5153 0.2109 -0.0647 -0.1088 0.0553  461  ALA A O   
791 C  CB  . ALA A 100 ? 0.4739 0.5661 0.1790 -0.0853 -0.0199 0.0005  461  ALA A CB  
792 N  N   . ARG A 101 ? 0.4399 0.3857 0.3087 -0.0241 -0.0643 0.0324  462  ARG A N   
793 C  CA  . ARG A 101 ? 0.4583 0.4106 0.3252 -0.0184 -0.1218 0.0653  462  ARG A CA  
794 C  C   . ARG A 101 ? 0.3659 0.3637 0.3141 0.0226  -0.0973 0.0680  462  ARG A C   
795 O  O   . ARG A 101 ? 0.4025 0.3713 0.3347 0.0199  -0.1050 0.0768  462  ARG A O   
796 C  CB  . ARG A 101 ? 0.4951 0.4735 0.4187 -0.0215 -0.1996 0.0853  462  ARG A CB  
797 C  CG  . ARG A 101 ? 0.6914 0.6306 0.4864 -0.0813 -0.2689 0.0979  462  ARG A CG  
798 C  CD  . ARG A 101 ? 0.7687 0.7788 0.6701 -0.0761 -0.3737 0.1350  462  ARG A CD  
799 N  NE  . ARG A 101 ? 0.7499 0.8353 0.7701 -0.0936 -0.3696 0.0951  462  ARG A NE  
800 C  CZ  . ARG A 101 ? 0.8824 0.9565 0.8274 -0.1698 -0.3856 0.0504  462  ARG A CZ  
801 N  NH1 . ARG A 101 ? 1.0677 1.0642 0.7962 -0.2335 -0.3998 0.0297  462  ARG A NH1 
802 N  NH2 . ARG A 101 ? 0.8624 0.9947 0.9401 -0.1950 -0.3750 0.0174  462  ARG A NH2 
803 N  N   . ILE A 102 ? 0.2913 0.3506 0.3103 0.0483  -0.0663 0.0604  463  ILE A N   
804 C  CA  . ILE A 102 ? 0.2442 0.3593 0.2930 0.0679  -0.0450 0.0517  463  ILE A CA  
805 C  C   . ILE A 102 ? 0.2641 0.3882 0.2752 0.0530  -0.0288 0.0463  463  ILE A C   
806 O  O   . ILE A 102 ? 0.2857 0.4125 0.2921 0.0362  -0.0311 0.0267  463  ILE A O   
807 C  CB  . ILE A 102 ? 0.2162 0.3984 0.2957 0.0842  -0.0161 0.0648  463  ILE A CB  
808 C  CG1 . ILE A 102 ? 0.2269 0.4354 0.3702 0.0890  -0.0088 0.0573  463  ILE A CG1 
809 C  CG2 . ILE A 102 ? 0.1768 0.4320 0.2283 0.0848  -0.0071 0.0603  463  ILE A CG2 
810 C  CD1 . ILE A 102 ? 0.2172 0.4609 0.3787 0.0843  0.0285  0.0892  463  ILE A CD1 
811 N  N   . LYS A 103 ? 0.2732 0.4038 0.2823 0.0552  -0.0032 0.0555  464  LYS A N   
812 C  CA  . LYS A 103 ? 0.3000 0.4775 0.3251 0.0435  0.0203  0.0486  464  LYS A CA  
813 C  C   . LYS A 103 ? 0.3635 0.4848 0.3321 -0.0046 0.0193  0.0342  464  LYS A C   
814 O  O   . LYS A 103 ? 0.3704 0.5398 0.3688 -0.0317 0.0264  0.0207  464  LYS A O   
815 C  CB  . LYS A 103 ? 0.3296 0.5081 0.3928 0.0615  0.0690  0.0493  464  LYS A CB  
816 C  CG  . LYS A 103 ? 0.3211 0.5929 0.4966 0.1159  0.0712  0.0885  464  LYS A CG  
817 C  CD  . LYS A 103 ? 0.3949 0.5928 0.6188 0.1516  0.1197  0.0941  464  LYS A CD  
818 C  CE  . LYS A 103 ? 0.4236 0.6973 0.8056 0.2094  0.1576  0.1187  464  LYS A CE  
819 N  NZ  . LYS A 103 ? 0.5115 0.6847 0.9285 0.2189  0.2492  0.0638  464  LYS A NZ  
820 N  N   . LYS A 104 ? 0.4462 0.4669 0.3321 -0.0239 0.0038  0.0451  465  LYS A N   
821 C  CA  . LYS A 104 ? 0.5676 0.5064 0.3750 -0.0716 -0.0003 0.0626  465  LYS A CA  
822 C  C   . LYS A 104 ? 0.5852 0.4942 0.4418 -0.0699 -0.0260 0.0632  465  LYS A C   
823 O  O   . LYS A 104 ? 0.6712 0.5332 0.5124 -0.1160 -0.0064 0.0663  465  LYS A O   
824 C  CB  . LYS A 104 ? 0.6788 0.5297 0.3737 -0.0897 -0.0412 0.0955  465  LYS A CB  
825 C  CG  . LYS A 104 ? 0.8741 0.6275 0.4375 -0.1482 -0.0457 0.1419  465  LYS A CG  
826 C  CD  . LYS A 104 ? 1.0200 0.7034 0.5009 -0.1501 -0.1397 0.2061  465  LYS A CD  
827 C  CE  . LYS A 104 ? 1.2757 0.8681 0.5354 -0.2301 -0.1428 0.2636  465  LYS A CE  
828 N  NZ  . LYS A 104 ? 1.4235 0.9905 0.5646 -0.2474 -0.2510 0.3232  465  LYS A NZ  
829 N  N   . LEU A 105 ? 0.5402 0.4669 0.4627 -0.0246 -0.0543 0.0511  466  LEU A N   
830 C  CA  . LEU A 105 ? 0.5992 0.4803 0.5765 -0.0199 -0.0565 0.0255  466  LEU A CA  
831 C  C   . LEU A 105 ? 0.6038 0.5494 0.5969 -0.0589 -0.0245 -0.0298 466  LEU A C   
832 O  O   . LEU A 105 ? 0.7066 0.5786 0.7103 -0.0996 -0.0112 -0.0567 466  LEU A O   
833 C  CB  . LEU A 105 ? 0.5590 0.4691 0.6156 0.0345  -0.0668 0.0063  466  LEU A CB  
834 C  CG  . LEU A 105 ? 0.5988 0.4730 0.6916 0.0694  -0.1180 0.0602  466  LEU A CG  
835 C  CD1 . LEU A 105 ? 0.5641 0.5011 0.7883 0.1199  -0.1069 0.0292  466  LEU A CD1 
836 C  CD2 . LEU A 105 ? 0.7353 0.4761 0.8155 0.0663  -0.1611 0.1216  466  LEU A CD2 
837 N  N   . ILE A 106 ? 0.5324 0.6135 0.5347 -0.0511 -0.0196 -0.0406 467  ILE A N   
838 C  CA  . ILE A 106 ? 0.5594 0.7529 0.5838 -0.0908 -0.0167 -0.0810 467  ILE A CA  
839 C  C   . ILE A 106 ? 0.6241 0.8228 0.6711 -0.1511 0.0026  -0.0803 467  ILE A C   
840 O  O   . ILE A 106 ? 0.7030 0.9102 0.7722 -0.2148 0.0058  -0.1286 467  ILE A O   
841 C  CB  . ILE A 106 ? 0.4894 0.8315 0.5322 -0.0568 -0.0324 -0.0540 467  ILE A CB  
842 C  CG1 . ILE A 106 ? 0.4922 0.8264 0.5026 -0.0146 -0.0342 -0.0473 467  ILE A CG1 
843 C  CG2 . ILE A 106 ? 0.5018 0.9972 0.5728 -0.1000 -0.0596 -0.0793 467  ILE A CG2 
844 C  CD1 . ILE A 106 ? 0.4802 0.9074 0.4982 0.0230  -0.0442 0.0120  467  ILE A CD1 
845 N  N   . LYS A 107 ? 0.6314 0.8228 0.6713 -0.1429 0.0274  -0.0371 468  LYS A N   
846 C  CA  . LYS A 107 ? 0.7143 0.9147 0.7728 -0.2062 0.0735  -0.0344 468  LYS A CA  
847 C  C   . LYS A 107 ? 0.8729 0.9169 0.8807 -0.2741 0.0859  -0.0334 468  LYS A C   
848 O  O   . LYS A 107 ? 0.9441 1.0144 0.9999 -0.3532 0.1179  -0.0555 468  LYS A O   
849 C  CB  . LYS A 107 ? 0.7259 0.9080 0.7411 -0.1884 0.1196  -0.0040 468  LYS A CB  
850 C  CG  . LYS A 107 ? 0.7979 1.0463 0.8600 -0.2486 0.2001  -0.0139 468  LYS A CG  
851 C  CD  . LYS A 107 ? 0.7993 1.0857 0.8699 -0.2132 0.2667  -0.0213 468  LYS A CD  
852 N  N   . LEU A 108 ? 0.9513 0.8352 0.8876 -0.2437 0.0588  -0.0013 469  LEU A N   
853 C  CA  . LEU A 108 ? 1.1412 0.8458 1.0489 -0.2902 0.0656  0.0229  469  LEU A CA  
854 C  C   . LEU A 108 ? 1.2075 0.8926 1.1964 -0.3247 0.0707  -0.0566 469  LEU A C   
855 O  O   . LEU A 108 ? 1.3709 0.9467 1.3730 -0.4028 0.1025  -0.0632 469  LEU A O   
856 C  CB  . LEU A 108 ? 1.2111 0.7703 1.0616 -0.2320 0.0187  0.0940  469  LEU A CB  
857 C  CG  . LEU A 108 ? 1.2597 0.8015 0.9777 -0.2379 0.0079  0.1703  469  LEU A CG  
858 C  CD1 . LEU A 108 ? 1.3344 0.7747 1.0199 -0.1830 -0.0707 0.2457  469  LEU A CD1 
859 C  CD2 . LEU A 108 ? 1.4207 0.8994 1.0403 -0.3342 0.0670  0.2115  469  LEU A CD2 
860 N  N   . HIS A 109 ? 1.1299 0.9129 1.1575 -0.2811 0.0478  -0.1218 470  HIS A N   
861 C  CA  . HIS A 109 ? 1.2265 0.9999 1.2928 -0.3253 0.0577  -0.2252 470  HIS A CA  
862 C  C   . HIS A 109 ? 1.1698 1.1644 1.2611 -0.3896 0.0424  -0.2846 470  HIS A C   
863 O  O   . HIS A 109 ? 1.2191 1.2649 1.3585 -0.4772 0.0556  -0.2977 470  HIS A O   
864 C  CB  . HIS A 109 ? 1.2234 0.9700 1.2930 -0.2510 0.0537  -0.2706 470  HIS A CB  
865 C  CG  . HIS A 109 ? 1.2697 0.8619 1.3710 -0.1691 0.0489  -0.2047 470  HIS A CG  
866 N  ND1 . HIS A 109 ? 1.1764 0.8370 1.2853 -0.0872 0.0227  -0.1596 470  HIS A ND1 
867 C  CD2 . HIS A 109 ? 1.4270 0.8101 1.5752 -0.1573 0.0574  -0.1687 470  HIS A CD2 
868 C  CE1 . HIS A 109 ? 1.2494 0.7819 1.4180 -0.0302 0.0049  -0.1028 470  HIS A CE1 
869 N  NE2 . HIS A 109 ? 1.4076 0.7653 1.5998 -0.0627 0.0218  -0.0970 470  HIS A NE2 
870 CL CL  . CL  B .   ? 1.0064 0.5887 0.8366 -0.3781 -0.1158 0.0651  1001 CL  A CL  
871 CL CL  . CL  C .   ? 0.5033 0.3905 0.7348 -0.0996 0.0871  0.0106  1002 CL  A CL  
872 CL CL  . CL  D .   ? 0.4793 0.7261 0.4908 -0.1510 0.1529  -0.1290 1003 CL  A CL  
873 CL CL  . CL  E .   ? 0.2341 0.4656 0.6243 -0.0002 0.0571  -0.0538 1004 CL  A CL  
874 O  O   . HOH F .   ? 0.7735 0.5772 1.0271 -0.1527 -0.1547 -0.2724 2001 HOH A O   
875 O  O   . HOH F .   ? 0.6905 0.5814 1.2370 -0.0039 -0.1465 -0.0463 2002 HOH A O   
876 O  O   . HOH F .   ? 0.8675 0.5003 0.4821 0.0290  -0.2244 0.0233  2003 HOH A O   
877 O  O   . HOH F .   ? 0.4079 0.7286 0.7954 -0.1377 -0.0005 -0.0059 2004 HOH A O   
878 O  O   . HOH F .   ? 0.3503 0.6047 0.4645 -0.0523 0.0302  -0.0188 2005 HOH A O   
879 O  O   . HOH F .   ? 1.0424 0.9580 0.1313 -0.5698 -0.0079 -0.0158 2006 HOH A O   
# 
loop_
_pdbx_poly_seq_scheme.asym_id 
_pdbx_poly_seq_scheme.entity_id 
_pdbx_poly_seq_scheme.seq_id 
_pdbx_poly_seq_scheme.mon_id 
_pdbx_poly_seq_scheme.ndb_seq_num 
_pdbx_poly_seq_scheme.pdb_seq_num 
_pdbx_poly_seq_scheme.auth_seq_num 
_pdbx_poly_seq_scheme.pdb_mon_id 
_pdbx_poly_seq_scheme.auth_mon_id 
_pdbx_poly_seq_scheme.pdb_strand_id 
_pdbx_poly_seq_scheme.pdb_ins_code 
_pdbx_poly_seq_scheme.hetero 
A 1 1   MET 1   362 ?   ?   ?   A . n 
A 1 2   LYS 2   363 363 LYS LYS A . n 
A 1 3   GLN 3   364 364 GLN GLN A . n 
A 1 4   ILE 4   365 365 ILE ILE A . n 
A 1 5   GLU 5   366 366 GLU GLU A . n 
A 1 6   ASP 6   367 367 ASP ASP A . n 
A 1 7   LYS 7   368 368 LYS LYS A . n 
A 1 8   ILE 8   369 369 ILE ILE A . n 
A 1 9   GLU 9   370 370 GLU GLU A . n 
A 1 10  GLU 10  371 371 GLU GLU A . n 
A 1 11  ILE 11  372 372 ILE ILE A . n 
A 1 12  LEU 12  373 373 LEU LEU A . n 
A 1 13  SER 13  374 374 SER SER A . n 
A 1 14  LYS 14  375 375 LYS LYS A . n 
A 1 15  ILE 15  376 376 ILE ILE A . n 
A 1 16  TYR 16  377 377 TYR TYR A . n 
A 1 17  HIS 17  378 378 HIS HIS A . n 
A 1 18  ILE 18  379 379 ILE ILE A . n 
A 1 19  GLU 19  380 380 GLU GLU A . n 
A 1 20  ASN 20  381 381 ASN ASN A . n 
A 1 21  GLU 21  382 382 GLU GLU A . n 
A 1 22  ILE 22  383 383 ILE ILE A . n 
A 1 23  ALA 23  384 384 ALA ALA A . n 
A 1 24  ARG 24  385 385 ARG ARG A . n 
A 1 25  ILE 25  386 386 ILE ILE A . n 
A 1 26  LYS 26  387 387 LYS LYS A . n 
A 1 27  LYS 27  388 388 LYS LYS A . n 
A 1 28  LEU 28  389 389 LEU LEU A . n 
A 1 29  ILE 29  390 390 ILE ILE A . n 
A 1 30  GLY 30  391 391 GLY GLY A . n 
A 1 31  ALA 31  392 392 ALA ALA A . n 
A 1 32  ILE 32  393 393 ILE ILE A . n 
A 1 33  ASP 33  394 394 ASP ASP A . n 
A 1 34  GLY 34  395 395 GLY GLY A . n 
A 1 35  ARG 35  396 396 ARG ARG A . n 
A 1 36  VAL 36  397 397 VAL VAL A . n 
A 1 37  THR 37  398 398 THR THR A . n 
A 1 38  ARG 38  399 399 ARG ARG A . n 
A 1 39  ASN 39  400 400 ASN ASN A . n 
A 1 40  THR 40  401 401 THR THR A . n 
A 1 41  GLN 41  402 402 GLN GLN A . n 
A 1 42  SER 42  403 403 SER SER A . n 
A 1 43  ILE 43  404 404 ILE ILE A . n 
A 1 44  GLU 44  405 405 GLU GLU A . n 
A 1 45  LYS 45  406 406 LYS LYS A . n 
A 1 46  ASN 46  407 407 ASN ASN A . n 
A 1 47  SER 47  408 408 SER SER A . n 
A 1 48  LYS 48  409 409 LYS LYS A . n 
A 1 49  ALA 49  410 410 ALA ALA A . n 
A 1 50  ILE 50  411 411 ILE ILE A . n 
A 1 51  ALA 51  412 412 ALA ALA A . n 
A 1 52  ALA 52  413 413 ALA ALA A . n 
A 1 53  ASN 53  414 414 ASN ASN A . n 
A 1 54  THR 54  415 415 THR THR A . n 
A 1 55  ARG 55  416 416 ARG ARG A . n 
A 1 56  THR 56  417 417 THR THR A . n 
A 1 57  LEU 57  418 418 LEU LEU A . n 
A 1 58  GLN 58  419 419 GLN GLN A . n 
A 1 59  GLN 59  420 420 GLN GLN A . n 
A 1 60  HIS 60  421 421 HIS HIS A . n 
A 1 61  SER 61  422 422 SER SER A . n 
A 1 62  ALA 62  423 423 ALA ALA A . n 
A 1 63  ARG 63  424 424 ARG ARG A . n 
A 1 64  LEU 64  425 425 LEU LEU A . n 
A 1 65  ASP 65  426 426 ASP ASP A . n 
A 1 66  SER 66  427 427 SER SER A . n 
A 1 67  GLN 67  428 428 GLN GLN A . n 
A 1 68  GLN 68  429 429 GLN GLN A . n 
A 1 69  ARG 69  430 430 ARG ARG A . n 
A 1 70  GLN 70  431 431 GLN GLN A . n 
A 1 71  ILE 71  432 432 ILE ILE A . n 
A 1 72  ASN 72  433 433 ASN ASN A . n 
A 1 73  GLU 73  434 434 GLU GLU A . n 
A 1 74  ASN 74  435 435 ASN ASN A . n 
A 1 75  HIS 75  436 436 HIS HIS A . n 
A 1 76  LYS 76  437 437 LYS LYS A . n 
A 1 77  GLU 77  438 438 GLU GLU A . n 
A 1 78  MET 78  439 439 MET MET A . n 
A 1 79  LYS 79  440 440 LYS LYS A . n 
A 1 80  GLN 80  441 441 GLN GLN A . n 
A 1 81  ILE 81  442 442 ILE ILE A . n 
A 1 82  GLU 82  443 443 GLU GLU A . n 
A 1 83  ASP 83  444 444 ASP ASP A . n 
A 1 84  LYS 84  445 445 LYS LYS A . n 
A 1 85  ILE 85  446 446 ILE ILE A . n 
A 1 86  GLU 86  447 447 GLU GLU A . n 
A 1 87  GLU 87  448 448 GLU GLU A . n 
A 1 88  ILE 88  449 449 ILE ILE A . n 
A 1 89  LEU 89  450 450 LEU LEU A . n 
A 1 90  SER 90  451 451 SER SER A . n 
A 1 91  LYS 91  452 452 LYS LYS A . n 
A 1 92  ILE 92  453 453 ILE ILE A . n 
A 1 93  TYR 93  454 454 TYR TYR A . n 
A 1 94  HIS 94  455 455 HIS HIS A . n 
A 1 95  ILE 95  456 456 ILE ILE A . n 
A 1 96  GLU 96  457 457 GLU GLU A . n 
A 1 97  ASN 97  458 458 ASN ASN A . n 
A 1 98  GLU 98  459 459 GLU GLU A . n 
A 1 99  ILE 99  460 460 ILE ILE A . n 
A 1 100 ALA 100 461 461 ALA ALA A . n 
A 1 101 ARG 101 462 462 ARG ARG A . n 
A 1 102 ILE 102 463 463 ILE ILE A . n 
A 1 103 LYS 103 464 464 LYS LYS A . n 
A 1 104 LYS 104 465 465 LYS LYS A . n 
A 1 105 LEU 105 466 466 LEU LEU A . n 
A 1 106 ILE 106 467 467 ILE ILE A . n 
A 1 107 LYS 107 468 468 LYS LYS A . n 
A 1 108 LEU 108 469 469 LEU LEU A . n 
A 1 109 HIS 109 470 470 HIS HIS A . n 
A 1 110 HIS 110 471 ?   ?   ?   A . n 
A 1 111 HIS 111 472 ?   ?   ?   A . n 
A 1 112 HIS 112 473 ?   ?   ?   A . n 
A 1 113 HIS 113 474 ?   ?   ?   A . n 
A 1 114 HIS 114 475 ?   ?   ?   A . n 
# 
loop_
_pdbx_nonpoly_scheme.asym_id 
_pdbx_nonpoly_scheme.entity_id 
_pdbx_nonpoly_scheme.mon_id 
_pdbx_nonpoly_scheme.ndb_seq_num 
_pdbx_nonpoly_scheme.pdb_seq_num 
_pdbx_nonpoly_scheme.auth_seq_num 
_pdbx_nonpoly_scheme.pdb_mon_id 
_pdbx_nonpoly_scheme.auth_mon_id 
_pdbx_nonpoly_scheme.pdb_strand_id 
_pdbx_nonpoly_scheme.pdb_ins_code 
B 2 CL  1 1001 1001 CL  CL  A . 
C 2 CL  1 1002 1002 CL  CL  A . 
D 2 CL  1 1003 1003 CL  CL  A . 
E 2 CL  1 1004 1004 CL  CL  A . 
F 3 HOH 1 2001 2001 HOH HOH A . 
F 3 HOH 2 2002 2002 HOH HOH A . 
F 3 HOH 3 2003 2003 HOH HOH A . 
F 3 HOH 4 2004 2004 HOH HOH A . 
F 3 HOH 5 2005 2005 HOH HOH A . 
F 3 HOH 6 2006 2006 HOH HOH A . 
# 
_pdbx_struct_assembly.id                   1 
_pdbx_struct_assembly.details              author_and_software_defined_assembly 
_pdbx_struct_assembly.method_details       PISA 
_pdbx_struct_assembly.oligomeric_details   trimeric 
_pdbx_struct_assembly.oligomeric_count     3 
# 
_pdbx_struct_assembly_gen.assembly_id       1 
_pdbx_struct_assembly_gen.oper_expression   1,2,3 
_pdbx_struct_assembly_gen.asym_id_list      A,B,C,D,E,F 
# 
loop_
_pdbx_struct_assembly_prop.biol_id 
_pdbx_struct_assembly_prop.type 
_pdbx_struct_assembly_prop.value 
_pdbx_struct_assembly_prop.details 
1 'ABSA (A^2)' 12850  ? 
1 MORE         -188.9 ? 
1 'SSA (A^2)'  18830  ? 
# 
loop_
_pdbx_struct_oper_list.id 
_pdbx_struct_oper_list.type 
_pdbx_struct_oper_list.name 
_pdbx_struct_oper_list.symmetry_operation 
_pdbx_struct_oper_list.matrix[1][1] 
_pdbx_struct_oper_list.matrix[1][2] 
_pdbx_struct_oper_list.matrix[1][3] 
_pdbx_struct_oper_list.vector[1] 
_pdbx_struct_oper_list.matrix[2][1] 
_pdbx_struct_oper_list.matrix[2][2] 
_pdbx_struct_oper_list.matrix[2][3] 
_pdbx_struct_oper_list.vector[2] 
_pdbx_struct_oper_list.matrix[3][1] 
_pdbx_struct_oper_list.matrix[3][2] 
_pdbx_struct_oper_list.matrix[3][3] 
_pdbx_struct_oper_list.vector[3] 
1 'identity operation'         1_555 x,y,z       1.0000000000  0.0000000000 0.0000000000  0.0000000000 0.0000000000 1.0000000000 0.0000000000  0.0000000000  0.0000000000  0.0000000000  1.0000000000  0.0000000000  
2 'crystal symmetry operation' 2_545 -y,x-y-1,z  -0.3306566539 0.3225478676 0.8869211072  0.3175200637 0.6118041814 0.7888220464 -0.0587828445 -0.1989280060 -0.7185832039 0.5231851032  -0.4581653925 0.4653079813  
3 'crystal symmetry operation' 3_655 -x+y+1,-x,z -0.3306566539 0.6118041814 -0.7185832039 0.5610576077 0.3225478676 0.7888220464 0.5231851032  -0.1889388270 0.8869211072  -0.0587828445 -0.4581653925 -0.0801207861 
# 
loop_
_pdbx_struct_special_symmetry.id 
_pdbx_struct_special_symmetry.PDB_model_num 
_pdbx_struct_special_symmetry.auth_asym_id 
_pdbx_struct_special_symmetry.auth_comp_id 
_pdbx_struct_special_symmetry.auth_seq_id 
_pdbx_struct_special_symmetry.PDB_ins_code 
_pdbx_struct_special_symmetry.label_asym_id 
_pdbx_struct_special_symmetry.label_comp_id 
_pdbx_struct_special_symmetry.label_seq_id 
1 1 A CL  1001 ? B CL  . 
2 1 A CL  1002 ? C CL  . 
3 1 A CL  1003 ? D CL  . 
4 1 A CL  1004 ? E CL  . 
5 1 A HOH 2005 ? F HOH . 
# 
loop_
_pdbx_audit_revision_history.ordinal 
_pdbx_audit_revision_history.data_content_type 
_pdbx_audit_revision_history.major_revision 
_pdbx_audit_revision_history.minor_revision 
_pdbx_audit_revision_history.revision_date 
1 'Structure model' 1 0 2011-07-20 
2 'Structure model' 1 1 2023-12-20 
# 
_pdbx_audit_revision_details.ordinal             1 
_pdbx_audit_revision_details.revision_ordinal    1 
_pdbx_audit_revision_details.data_content_type   'Structure model' 
_pdbx_audit_revision_details.provider            repository 
_pdbx_audit_revision_details.type                'Initial release' 
_pdbx_audit_revision_details.description         ? 
_pdbx_audit_revision_details.details             ? 
# 
loop_
_pdbx_audit_revision_group.ordinal 
_pdbx_audit_revision_group.revision_ordinal 
_pdbx_audit_revision_group.data_content_type 
_pdbx_audit_revision_group.group 
1 2 'Structure model' 'Data collection'        
2 2 'Structure model' 'Database references'    
3 2 'Structure model' 'Derived calculations'   
4 2 'Structure model' Other                    
5 2 'Structure model' 'Refinement description' 
# 
loop_
_pdbx_audit_revision_category.ordinal 
_pdbx_audit_revision_category.revision_ordinal 
_pdbx_audit_revision_category.data_content_type 
_pdbx_audit_revision_category.category 
1 2 'Structure model' chem_comp_atom                
2 2 'Structure model' chem_comp_bond                
3 2 'Structure model' database_2                    
4 2 'Structure model' pdbx_database_status          
5 2 'Structure model' pdbx_initial_refinement_model 
6 2 'Structure model' pdbx_struct_special_symmetry  
7 2 'Structure model' struct_site                   
# 
loop_
_pdbx_audit_revision_item.ordinal 
_pdbx_audit_revision_item.revision_ordinal 
_pdbx_audit_revision_item.data_content_type 
_pdbx_audit_revision_item.item 
1 2 'Structure model' '_database_2.pdbx_DOI'                 
2 2 'Structure model' '_database_2.pdbx_database_accession'  
3 2 'Structure model' '_pdbx_database_status.status_code_sf' 
4 2 'Structure model' '_struct_site.pdbx_auth_asym_id'       
5 2 'Structure model' '_struct_site.pdbx_auth_comp_id'       
6 2 'Structure model' '_struct_site.pdbx_auth_seq_id'        
# 
loop_
_pdbx_refine_tls.pdbx_refine_id 
_pdbx_refine_tls.id 
_pdbx_refine_tls.details 
_pdbx_refine_tls.method 
_pdbx_refine_tls.origin_x 
_pdbx_refine_tls.origin_y 
_pdbx_refine_tls.origin_z 
_pdbx_refine_tls.T[1][1] 
_pdbx_refine_tls.T[2][2] 
_pdbx_refine_tls.T[3][3] 
_pdbx_refine_tls.T[1][2] 
_pdbx_refine_tls.T[1][3] 
_pdbx_refine_tls.T[2][3] 
_pdbx_refine_tls.L[1][1] 
_pdbx_refine_tls.L[2][2] 
_pdbx_refine_tls.L[3][3] 
_pdbx_refine_tls.L[1][2] 
_pdbx_refine_tls.L[1][3] 
_pdbx_refine_tls.L[2][3] 
_pdbx_refine_tls.S[1][1] 
_pdbx_refine_tls.S[1][2] 
_pdbx_refine_tls.S[1][3] 
_pdbx_refine_tls.S[2][1] 
_pdbx_refine_tls.S[2][2] 
_pdbx_refine_tls.S[2][3] 
_pdbx_refine_tls.S[3][1] 
_pdbx_refine_tls.S[3][2] 
_pdbx_refine_tls.S[3][3] 
'X-RAY DIFFRACTION' 1  ? refined -18.2778 -68.6888 -15.8718 0.5362 0.4396 0.3998 -0.0611 -0.0679 -0.0387 50.3828 47.1310 20.4434 8.9304  9.9478   16.7850 -0.1359 2.9977  -2.1376 -1.7651 0.9142  0.0954  0.9699  0.1950  -0.7783 
'X-RAY DIFFRACTION' 2  ? refined -13.3780 -57.1066 -9.5925  0.1912 0.3296 0.2969 -0.0193 0.0996  -0.0250 25.4774 33.4364 10.5084 8.1858  16.3611  5.0496  -0.0120 0.9592  -0.7623 -0.2849 0.4409  -2.3182 -0.0353 0.6189  -0.4288 
'X-RAY DIFFRACTION' 3  ? refined -9.6505  -44.3182 -4.2839  0.1815 0.5236 0.4665 0.0314  -0.0456 0.1282  16.5166 34.4849 7.9600  11.0475 10.7481  2.3281  -0.3465 0.3780  -1.2983 1.0457  0.7423  -2.5921 -0.4793 0.3802  -0.3958 
'X-RAY DIFFRACTION' 4  ? refined -6.7287  -29.2753 0.1016   0.6507 0.2198 0.6134 -0.0777 -0.0524 -0.0444 15.2458 37.6937 8.8625  8.5559  6.5966   17.7522 -0.8180 0.4475  -1.0805 2.0208  1.6872  -1.2087 0.6863  0.8732  -0.8694 
'X-RAY DIFFRACTION' 5  ? refined -6.1166  -15.2296 3.3640   0.4705 0.3258 0.6477 -0.1154 0.0841  0.0283  2.7285  50.4075 17.0933 11.0843 3.8734   8.0148  0.8952  -0.1872 0.0363  2.9547  -0.3513 0.2555  1.5373  -0.8513 -0.5440 
'X-RAY DIFFRACTION' 6  ? refined -3.9905  1.0523   4.1925   0.4079 0.5144 0.4107 -0.0096 0.0962  0.0237  13.4142 53.6815 4.0371  19.5737 1.7325   12.2569 0.0456  0.2584  1.1594  2.2933  -0.3464 2.3309  0.7872  -0.3499 0.3007  
'X-RAY DIFFRACTION' 7  ? refined -0.6517  15.1677  4.1209   0.2822 0.2817 0.4934 -0.0479 0.0936  -0.0745 24.9301 21.3770 10.5747 22.9809 -10.2444 -8.3373 0.9991  -0.0424 2.2538  1.2141  -0.1874 2.1259  0.7534  -0.2314 -0.8116 
'X-RAY DIFFRACTION' 8  ? refined 4.1375   29.4271  2.5714   0.2385 0.4487 0.3162 -0.0421 0.0314  0.0543  13.5828 57.3121 5.0893  11.9959 5.0561   -7.7737 -0.7813 0.4678  0.5854  -0.9501 1.0783  2.1912  -0.1820 -0.0038 -0.2970 
'X-RAY DIFFRACTION' 9  ? refined 10.6593  42.4627  3.2151   0.3526 0.3845 0.1726 0.0107  -0.0183 -0.0611 16.6556 34.3373 4.4519  16.7884 3.9205   -3.8838 -0.4735 -0.1267 0.6382  -0.4655 0.6164  1.3500  -0.1637 -0.3709 -0.1428 
'X-RAY DIFFRACTION' 10 ? refined 18.1032  55.2628  3.9216   0.2412 0.4105 0.1503 0.0563  -0.0366 0.0433  18.4510 30.8316 11.3962 20.9715 3.1282   -5.1573 -0.7818 0.6534  0.4596  -0.9916 1.2657  1.0074  -0.0449 -0.5714 -0.4839 
'X-RAY DIFFRACTION' 11 ? refined 25.2419  67.2926  5.1639   0.3085 0.2916 0.2254 -0.0209 -0.0379 0.0468  28.6391 26.6106 19.9192 8.9748  -5.2581  0.2405  -0.5286 0.0151  1.2461  -1.6360 0.5687  0.1974  -1.3051 0.8433  -0.0400 
# 
loop_
_pdbx_refine_tls_group.pdbx_refine_id 
_pdbx_refine_tls_group.id 
_pdbx_refine_tls_group.refine_tls_id 
_pdbx_refine_tls_group.beg_auth_asym_id 
_pdbx_refine_tls_group.beg_auth_seq_id 
_pdbx_refine_tls_group.beg_label_asym_id 
_pdbx_refine_tls_group.beg_label_seq_id 
_pdbx_refine_tls_group.end_auth_asym_id 
_pdbx_refine_tls_group.end_auth_seq_id 
_pdbx_refine_tls_group.end_label_asym_id 
_pdbx_refine_tls_group.end_label_seq_id 
_pdbx_refine_tls_group.selection 
_pdbx_refine_tls_group.selection_details 
'X-RAY DIFFRACTION' 1  1  A 360 ? ? A 371 ? ? ? ? 
'X-RAY DIFFRACTION' 2  2  A 372 ? ? A 381 ? ? ? ? 
'X-RAY DIFFRACTION' 3  3  A 382 ? ? A 391 ? ? ? ? 
'X-RAY DIFFRACTION' 4  4  A 392 ? ? A 401 ? ? ? ? 
'X-RAY DIFFRACTION' 5  5  A 402 ? ? A 411 ? ? ? ? 
'X-RAY DIFFRACTION' 6  6  A 412 ? ? A 421 ? ? ? ? 
'X-RAY DIFFRACTION' 7  7  A 422 ? ? A 431 ? ? ? ? 
'X-RAY DIFFRACTION' 8  8  A 432 ? ? A 441 ? ? ? ? 
'X-RAY DIFFRACTION' 9  9  A 442 ? ? A 451 ? ? ? ? 
'X-RAY DIFFRACTION' 10 10 A 452 ? ? A 461 ? ? ? ? 
'X-RAY DIFFRACTION' 11 11 A 462 ? ? A 471 ? ? ? ? 
# 
loop_
_software.name 
_software.classification 
_software.version 
_software.citation_id 
_software.pdbx_ordinal 
REFMAC refinement       5.5.0109 ? 1 
XDS    'data reduction' .        ? 2 
XDS    'data scaling'   .        ? 3 
MOLREP phasing          .        ? 4 
# 
_pdbx_entry_details.entry_id                 2XZR 
_pdbx_entry_details.compound_details         ? 
_pdbx_entry_details.source_details           ? 
_pdbx_entry_details.nonpolymer_details       ? 
_pdbx_entry_details.sequence_details         
;MKQIEDKIEEILSKIYHIENEIARIKKLI IS AN N-TERMINAL TAG BASED ON
THE SEQUENCE OF A GCN4 ADAPTOR DOMAIN.
QIEDKIEEILSKIYHIENEIARIKKLIKL IS A C-TERMINAL TAG BASED ON THE
SEQUENCE OF A GCN4 ADAPTOR DOMAIN.
THERE IS AN ADDITIONAL ENGINEED HEXAHISTIDINE C-TERMINAL TAG.
;
_pdbx_entry_details.has_ligand_of_interest   ? 
# 
loop_
_pdbx_unobs_or_zero_occ_atoms.id 
_pdbx_unobs_or_zero_occ_atoms.PDB_model_num 
_pdbx_unobs_or_zero_occ_atoms.polymer_flag 
_pdbx_unobs_or_zero_occ_atoms.occupancy_flag 
_pdbx_unobs_or_zero_occ_atoms.auth_asym_id 
_pdbx_unobs_or_zero_occ_atoms.auth_comp_id 
_pdbx_unobs_or_zero_occ_atoms.auth_seq_id 
_pdbx_unobs_or_zero_occ_atoms.PDB_ins_code 
_pdbx_unobs_or_zero_occ_atoms.auth_atom_id 
_pdbx_unobs_or_zero_occ_atoms.label_alt_id 
_pdbx_unobs_or_zero_occ_atoms.label_asym_id 
_pdbx_unobs_or_zero_occ_atoms.label_comp_id 
_pdbx_unobs_or_zero_occ_atoms.label_seq_id 
_pdbx_unobs_or_zero_occ_atoms.label_atom_id 
1  1 Y 1 A LYS 363 ? CG  ? A LYS 2   CG  
2  1 Y 1 A LYS 363 ? CD  ? A LYS 2   CD  
3  1 Y 1 A LYS 363 ? CE  ? A LYS 2   CE  
4  1 Y 1 A LYS 363 ? NZ  ? A LYS 2   NZ  
5  1 Y 1 A GLN 364 ? CG  ? A GLN 3   CG  
6  1 Y 1 A GLN 364 ? CD  ? A GLN 3   CD  
7  1 Y 1 A GLN 364 ? OE1 ? A GLN 3   OE1 
8  1 Y 1 A GLN 364 ? NE2 ? A GLN 3   NE2 
9  1 Y 1 A LYS 406 ? CE  ? A LYS 45  CE  
10 1 Y 1 A LYS 406 ? NZ  ? A LYS 45  NZ  
11 1 Y 1 A LYS 409 ? CG  ? A LYS 48  CG  
12 1 Y 1 A LYS 409 ? CD  ? A LYS 48  CD  
13 1 Y 1 A LYS 409 ? CE  ? A LYS 48  CE  
14 1 Y 1 A LYS 409 ? NZ  ? A LYS 48  NZ  
15 1 Y 1 A ARG 416 ? CD  ? A ARG 55  CD  
16 1 Y 1 A ARG 416 ? NE  ? A ARG 55  NE  
17 1 Y 1 A ARG 416 ? CZ  ? A ARG 55  CZ  
18 1 Y 1 A ARG 416 ? NH1 ? A ARG 55  NH1 
19 1 Y 1 A ARG 416 ? NH2 ? A ARG 55  NH2 
20 1 Y 1 A LYS 445 ? CE  ? A LYS 84  CE  
21 1 Y 1 A LYS 445 ? NZ  ? A LYS 84  NZ  
22 1 Y 1 A LYS 468 ? CE  ? A LYS 107 CE  
23 1 Y 1 A LYS 468 ? NZ  ? A LYS 107 NZ  
# 
loop_
_pdbx_unobs_or_zero_occ_residues.id 
_pdbx_unobs_or_zero_occ_residues.PDB_model_num 
_pdbx_unobs_or_zero_occ_residues.polymer_flag 
_pdbx_unobs_or_zero_occ_residues.occupancy_flag 
_pdbx_unobs_or_zero_occ_residues.auth_asym_id 
_pdbx_unobs_or_zero_occ_residues.auth_comp_id 
_pdbx_unobs_or_zero_occ_residues.auth_seq_id 
_pdbx_unobs_or_zero_occ_residues.PDB_ins_code 
_pdbx_unobs_or_zero_occ_residues.label_asym_id 
_pdbx_unobs_or_zero_occ_residues.label_comp_id 
_pdbx_unobs_or_zero_occ_residues.label_seq_id 
1 1 Y 1 A MET 362 ? A MET 1   
2 1 Y 1 A HIS 471 ? A HIS 110 
3 1 Y 1 A HIS 472 ? A HIS 111 
4 1 Y 1 A HIS 473 ? A HIS 112 
5 1 Y 1 A HIS 474 ? A HIS 113 
6 1 Y 1 A HIS 475 ? A HIS 114 
# 
loop_
_chem_comp_atom.comp_id 
_chem_comp_atom.atom_id 
_chem_comp_atom.type_symbol 
_chem_comp_atom.pdbx_aromatic_flag 
_chem_comp_atom.pdbx_stereo_config 
_chem_comp_atom.pdbx_ordinal 
ALA N    N  N N 1   
ALA CA   C  N S 2   
ALA C    C  N N 3   
ALA O    O  N N 4   
ALA CB   C  N N 5   
ALA OXT  O  N N 6   
ALA H    H  N N 7   
ALA H2   H  N N 8   
ALA HA   H  N N 9   
ALA HB1  H  N N 10  
ALA HB2  H  N N 11  
ALA HB3  H  N N 12  
ALA HXT  H  N N 13  
ARG N    N  N N 14  
ARG CA   C  N S 15  
ARG C    C  N N 16  
ARG O    O  N N 17  
ARG CB   C  N N 18  
ARG CG   C  N N 19  
ARG CD   C  N N 20  
ARG NE   N  N N 21  
ARG CZ   C  N N 22  
ARG NH1  N  N N 23  
ARG NH2  N  N N 24  
ARG OXT  O  N N 25  
ARG H    H  N N 26  
ARG H2   H  N N 27  
ARG HA   H  N N 28  
ARG HB2  H  N N 29  
ARG HB3  H  N N 30  
ARG HG2  H  N N 31  
ARG HG3  H  N N 32  
ARG HD2  H  N N 33  
ARG HD3  H  N N 34  
ARG HE   H  N N 35  
ARG HH11 H  N N 36  
ARG HH12 H  N N 37  
ARG HH21 H  N N 38  
ARG HH22 H  N N 39  
ARG HXT  H  N N 40  
ASN N    N  N N 41  
ASN CA   C  N S 42  
ASN C    C  N N 43  
ASN O    O  N N 44  
ASN CB   C  N N 45  
ASN CG   C  N N 46  
ASN OD1  O  N N 47  
ASN ND2  N  N N 48  
ASN OXT  O  N N 49  
ASN H    H  N N 50  
ASN H2   H  N N 51  
ASN HA   H  N N 52  
ASN HB2  H  N N 53  
ASN HB3  H  N N 54  
ASN HD21 H  N N 55  
ASN HD22 H  N N 56  
ASN HXT  H  N N 57  
ASP N    N  N N 58  
ASP CA   C  N S 59  
ASP C    C  N N 60  
ASP O    O  N N 61  
ASP CB   C  N N 62  
ASP CG   C  N N 63  
ASP OD1  O  N N 64  
ASP OD2  O  N N 65  
ASP OXT  O  N N 66  
ASP H    H  N N 67  
ASP H2   H  N N 68  
ASP HA   H  N N 69  
ASP HB2  H  N N 70  
ASP HB3  H  N N 71  
ASP HD2  H  N N 72  
ASP HXT  H  N N 73  
CL  CL   CL N N 74  
GLN N    N  N N 75  
GLN CA   C  N S 76  
GLN C    C  N N 77  
GLN O    O  N N 78  
GLN CB   C  N N 79  
GLN CG   C  N N 80  
GLN CD   C  N N 81  
GLN OE1  O  N N 82  
GLN NE2  N  N N 83  
GLN OXT  O  N N 84  
GLN H    H  N N 85  
GLN H2   H  N N 86  
GLN HA   H  N N 87  
GLN HB2  H  N N 88  
GLN HB3  H  N N 89  
GLN HG2  H  N N 90  
GLN HG3  H  N N 91  
GLN HE21 H  N N 92  
GLN HE22 H  N N 93  
GLN HXT  H  N N 94  
GLU N    N  N N 95  
GLU CA   C  N S 96  
GLU C    C  N N 97  
GLU O    O  N N 98  
GLU CB   C  N N 99  
GLU CG   C  N N 100 
GLU CD   C  N N 101 
GLU OE1  O  N N 102 
GLU OE2  O  N N 103 
GLU OXT  O  N N 104 
GLU H    H  N N 105 
GLU H2   H  N N 106 
GLU HA   H  N N 107 
GLU HB2  H  N N 108 
GLU HB3  H  N N 109 
GLU HG2  H  N N 110 
GLU HG3  H  N N 111 
GLU HE2  H  N N 112 
GLU HXT  H  N N 113 
GLY N    N  N N 114 
GLY CA   C  N N 115 
GLY C    C  N N 116 
GLY O    O  N N 117 
GLY OXT  O  N N 118 
GLY H    H  N N 119 
GLY H2   H  N N 120 
GLY HA2  H  N N 121 
GLY HA3  H  N N 122 
GLY HXT  H  N N 123 
HIS N    N  N N 124 
HIS CA   C  N S 125 
HIS C    C  N N 126 
HIS O    O  N N 127 
HIS CB   C  N N 128 
HIS CG   C  Y N 129 
HIS ND1  N  Y N 130 
HIS CD2  C  Y N 131 
HIS CE1  C  Y N 132 
HIS NE2  N  Y N 133 
HIS OXT  O  N N 134 
HIS H    H  N N 135 
HIS H2   H  N N 136 
HIS HA   H  N N 137 
HIS HB2  H  N N 138 
HIS HB3  H  N N 139 
HIS HD1  H  N N 140 
HIS HD2  H  N N 141 
HIS HE1  H  N N 142 
HIS HE2  H  N N 143 
HIS HXT  H  N N 144 
HOH O    O  N N 145 
HOH H1   H  N N 146 
HOH H2   H  N N 147 
ILE N    N  N N 148 
ILE CA   C  N S 149 
ILE C    C  N N 150 
ILE O    O  N N 151 
ILE CB   C  N S 152 
ILE CG1  C  N N 153 
ILE CG2  C  N N 154 
ILE CD1  C  N N 155 
ILE OXT  O  N N 156 
ILE H    H  N N 157 
ILE H2   H  N N 158 
ILE HA   H  N N 159 
ILE HB   H  N N 160 
ILE HG12 H  N N 161 
ILE HG13 H  N N 162 
ILE HG21 H  N N 163 
ILE HG22 H  N N 164 
ILE HG23 H  N N 165 
ILE HD11 H  N N 166 
ILE HD12 H  N N 167 
ILE HD13 H  N N 168 
ILE HXT  H  N N 169 
LEU N    N  N N 170 
LEU CA   C  N S 171 
LEU C    C  N N 172 
LEU O    O  N N 173 
LEU CB   C  N N 174 
LEU CG   C  N N 175 
LEU CD1  C  N N 176 
LEU CD2  C  N N 177 
LEU OXT  O  N N 178 
LEU H    H  N N 179 
LEU H2   H  N N 180 
LEU HA   H  N N 181 
LEU HB2  H  N N 182 
LEU HB3  H  N N 183 
LEU HG   H  N N 184 
LEU HD11 H  N N 185 
LEU HD12 H  N N 186 
LEU HD13 H  N N 187 
LEU HD21 H  N N 188 
LEU HD22 H  N N 189 
LEU HD23 H  N N 190 
LEU HXT  H  N N 191 
LYS N    N  N N 192 
LYS CA   C  N S 193 
LYS C    C  N N 194 
LYS O    O  N N 195 
LYS CB   C  N N 196 
LYS CG   C  N N 197 
LYS CD   C  N N 198 
LYS CE   C  N N 199 
LYS NZ   N  N N 200 
LYS OXT  O  N N 201 
LYS H    H  N N 202 
LYS H2   H  N N 203 
LYS HA   H  N N 204 
LYS HB2  H  N N 205 
LYS HB3  H  N N 206 
LYS HG2  H  N N 207 
LYS HG3  H  N N 208 
LYS HD2  H  N N 209 
LYS HD3  H  N N 210 
LYS HE2  H  N N 211 
LYS HE3  H  N N 212 
LYS HZ1  H  N N 213 
LYS HZ2  H  N N 214 
LYS HZ3  H  N N 215 
LYS HXT  H  N N 216 
MET N    N  N N 217 
MET CA   C  N S 218 
MET C    C  N N 219 
MET O    O  N N 220 
MET CB   C  N N 221 
MET CG   C  N N 222 
MET SD   S  N N 223 
MET CE   C  N N 224 
MET OXT  O  N N 225 
MET H    H  N N 226 
MET H2   H  N N 227 
MET HA   H  N N 228 
MET HB2  H  N N 229 
MET HB3  H  N N 230 
MET HG2  H  N N 231 
MET HG3  H  N N 232 
MET HE1  H  N N 233 
MET HE2  H  N N 234 
MET HE3  H  N N 235 
MET HXT  H  N N 236 
SER N    N  N N 237 
SER CA   C  N S 238 
SER C    C  N N 239 
SER O    O  N N 240 
SER CB   C  N N 241 
SER OG   O  N N 242 
SER OXT  O  N N 243 
SER H    H  N N 244 
SER H2   H  N N 245 
SER HA   H  N N 246 
SER HB2  H  N N 247 
SER HB3  H  N N 248 
SER HG   H  N N 249 
SER HXT  H  N N 250 
THR N    N  N N 251 
THR CA   C  N S 252 
THR C    C  N N 253 
THR O    O  N N 254 
THR CB   C  N R 255 
THR OG1  O  N N 256 
THR CG2  C  N N 257 
THR OXT  O  N N 258 
THR H    H  N N 259 
THR H2   H  N N 260 
THR HA   H  N N 261 
THR HB   H  N N 262 
THR HG1  H  N N 263 
THR HG21 H  N N 264 
THR HG22 H  N N 265 
THR HG23 H  N N 266 
THR HXT  H  N N 267 
TYR N    N  N N 268 
TYR CA   C  N S 269 
TYR C    C  N N 270 
TYR O    O  N N 271 
TYR CB   C  N N 272 
TYR CG   C  Y N 273 
TYR CD1  C  Y N 274 
TYR CD2  C  Y N 275 
TYR CE1  C  Y N 276 
TYR CE2  C  Y N 277 
TYR CZ   C  Y N 278 
TYR OH   O  N N 279 
TYR OXT  O  N N 280 
TYR H    H  N N 281 
TYR H2   H  N N 282 
TYR HA   H  N N 283 
TYR HB2  H  N N 284 
TYR HB3  H  N N 285 
TYR HD1  H  N N 286 
TYR HD2  H  N N 287 
TYR HE1  H  N N 288 
TYR HE2  H  N N 289 
TYR HH   H  N N 290 
TYR HXT  H  N N 291 
VAL N    N  N N 292 
VAL CA   C  N S 293 
VAL C    C  N N 294 
VAL O    O  N N 295 
VAL CB   C  N N 296 
VAL CG1  C  N N 297 
VAL CG2  C  N N 298 
VAL OXT  O  N N 299 
VAL H    H  N N 300 
VAL H2   H  N N 301 
VAL HA   H  N N 302 
VAL HB   H  N N 303 
VAL HG11 H  N N 304 
VAL HG12 H  N N 305 
VAL HG13 H  N N 306 
VAL HG21 H  N N 307 
VAL HG22 H  N N 308 
VAL HG23 H  N N 309 
VAL HXT  H  N N 310 
# 
loop_
_chem_comp_bond.comp_id 
_chem_comp_bond.atom_id_1 
_chem_comp_bond.atom_id_2 
_chem_comp_bond.value_order 
_chem_comp_bond.pdbx_aromatic_flag 
_chem_comp_bond.pdbx_stereo_config 
_chem_comp_bond.pdbx_ordinal 
ALA N   CA   sing N N 1   
ALA N   H    sing N N 2   
ALA N   H2   sing N N 3   
ALA CA  C    sing N N 4   
ALA CA  CB   sing N N 5   
ALA CA  HA   sing N N 6   
ALA C   O    doub N N 7   
ALA C   OXT  sing N N 8   
ALA CB  HB1  sing N N 9   
ALA CB  HB2  sing N N 10  
ALA CB  HB3  sing N N 11  
ALA OXT HXT  sing N N 12  
ARG N   CA   sing N N 13  
ARG N   H    sing N N 14  
ARG N   H2   sing N N 15  
ARG CA  C    sing N N 16  
ARG CA  CB   sing N N 17  
ARG CA  HA   sing N N 18  
ARG C   O    doub N N 19  
ARG C   OXT  sing N N 20  
ARG CB  CG   sing N N 21  
ARG CB  HB2  sing N N 22  
ARG CB  HB3  sing N N 23  
ARG CG  CD   sing N N 24  
ARG CG  HG2  sing N N 25  
ARG CG  HG3  sing N N 26  
ARG CD  NE   sing N N 27  
ARG CD  HD2  sing N N 28  
ARG CD  HD3  sing N N 29  
ARG NE  CZ   sing N N 30  
ARG NE  HE   sing N N 31  
ARG CZ  NH1  sing N N 32  
ARG CZ  NH2  doub N N 33  
ARG NH1 HH11 sing N N 34  
ARG NH1 HH12 sing N N 35  
ARG NH2 HH21 sing N N 36  
ARG NH2 HH22 sing N N 37  
ARG OXT HXT  sing N N 38  
ASN N   CA   sing N N 39  
ASN N   H    sing N N 40  
ASN N   H2   sing N N 41  
ASN CA  C    sing N N 42  
ASN CA  CB   sing N N 43  
ASN CA  HA   sing N N 44  
ASN C   O    doub N N 45  
ASN C   OXT  sing N N 46  
ASN CB  CG   sing N N 47  
ASN CB  HB2  sing N N 48  
ASN CB  HB3  sing N N 49  
ASN CG  OD1  doub N N 50  
ASN CG  ND2  sing N N 51  
ASN ND2 HD21 sing N N 52  
ASN ND2 HD22 sing N N 53  
ASN OXT HXT  sing N N 54  
ASP N   CA   sing N N 55  
ASP N   H    sing N N 56  
ASP N   H2   sing N N 57  
ASP CA  C    sing N N 58  
ASP CA  CB   sing N N 59  
ASP CA  HA   sing N N 60  
ASP C   O    doub N N 61  
ASP C   OXT  sing N N 62  
ASP CB  CG   sing N N 63  
ASP CB  HB2  sing N N 64  
ASP CB  HB3  sing N N 65  
ASP CG  OD1  doub N N 66  
ASP CG  OD2  sing N N 67  
ASP OD2 HD2  sing N N 68  
ASP OXT HXT  sing N N 69  
GLN N   CA   sing N N 70  
GLN N   H    sing N N 71  
GLN N   H2   sing N N 72  
GLN CA  C    sing N N 73  
GLN CA  CB   sing N N 74  
GLN CA  HA   sing N N 75  
GLN C   O    doub N N 76  
GLN C   OXT  sing N N 77  
GLN CB  CG   sing N N 78  
GLN CB  HB2  sing N N 79  
GLN CB  HB3  sing N N 80  
GLN CG  CD   sing N N 81  
GLN CG  HG2  sing N N 82  
GLN CG  HG3  sing N N 83  
GLN CD  OE1  doub N N 84  
GLN CD  NE2  sing N N 85  
GLN NE2 HE21 sing N N 86  
GLN NE2 HE22 sing N N 87  
GLN OXT HXT  sing N N 88  
GLU N   CA   sing N N 89  
GLU N   H    sing N N 90  
GLU N   H2   sing N N 91  
GLU CA  C    sing N N 92  
GLU CA  CB   sing N N 93  
GLU CA  HA   sing N N 94  
GLU C   O    doub N N 95  
GLU C   OXT  sing N N 96  
GLU CB  CG   sing N N 97  
GLU CB  HB2  sing N N 98  
GLU CB  HB3  sing N N 99  
GLU CG  CD   sing N N 100 
GLU CG  HG2  sing N N 101 
GLU CG  HG3  sing N N 102 
GLU CD  OE1  doub N N 103 
GLU CD  OE2  sing N N 104 
GLU OE2 HE2  sing N N 105 
GLU OXT HXT  sing N N 106 
GLY N   CA   sing N N 107 
GLY N   H    sing N N 108 
GLY N   H2   sing N N 109 
GLY CA  C    sing N N 110 
GLY CA  HA2  sing N N 111 
GLY CA  HA3  sing N N 112 
GLY C   O    doub N N 113 
GLY C   OXT  sing N N 114 
GLY OXT HXT  sing N N 115 
HIS N   CA   sing N N 116 
HIS N   H    sing N N 117 
HIS N   H2   sing N N 118 
HIS CA  C    sing N N 119 
HIS CA  CB   sing N N 120 
HIS CA  HA   sing N N 121 
HIS C   O    doub N N 122 
HIS C   OXT  sing N N 123 
HIS CB  CG   sing N N 124 
HIS CB  HB2  sing N N 125 
HIS CB  HB3  sing N N 126 
HIS CG  ND1  sing Y N 127 
HIS CG  CD2  doub Y N 128 
HIS ND1 CE1  doub Y N 129 
HIS ND1 HD1  sing N N 130 
HIS CD2 NE2  sing Y N 131 
HIS CD2 HD2  sing N N 132 
HIS CE1 NE2  sing Y N 133 
HIS CE1 HE1  sing N N 134 
HIS NE2 HE2  sing N N 135 
HIS OXT HXT  sing N N 136 
HOH O   H1   sing N N 137 
HOH O   H2   sing N N 138 
ILE N   CA   sing N N 139 
ILE N   H    sing N N 140 
ILE N   H2   sing N N 141 
ILE CA  C    sing N N 142 
ILE CA  CB   sing N N 143 
ILE CA  HA   sing N N 144 
ILE C   O    doub N N 145 
ILE C   OXT  sing N N 146 
ILE CB  CG1  sing N N 147 
ILE CB  CG2  sing N N 148 
ILE CB  HB   sing N N 149 
ILE CG1 CD1  sing N N 150 
ILE CG1 HG12 sing N N 151 
ILE CG1 HG13 sing N N 152 
ILE CG2 HG21 sing N N 153 
ILE CG2 HG22 sing N N 154 
ILE CG2 HG23 sing N N 155 
ILE CD1 HD11 sing N N 156 
ILE CD1 HD12 sing N N 157 
ILE CD1 HD13 sing N N 158 
ILE OXT HXT  sing N N 159 
LEU N   CA   sing N N 160 
LEU N   H    sing N N 161 
LEU N   H2   sing N N 162 
LEU CA  C    sing N N 163 
LEU CA  CB   sing N N 164 
LEU CA  HA   sing N N 165 
LEU C   O    doub N N 166 
LEU C   OXT  sing N N 167 
LEU CB  CG   sing N N 168 
LEU CB  HB2  sing N N 169 
LEU CB  HB3  sing N N 170 
LEU CG  CD1  sing N N 171 
LEU CG  CD2  sing N N 172 
LEU CG  HG   sing N N 173 
LEU CD1 HD11 sing N N 174 
LEU CD1 HD12 sing N N 175 
LEU CD1 HD13 sing N N 176 
LEU CD2 HD21 sing N N 177 
LEU CD2 HD22 sing N N 178 
LEU CD2 HD23 sing N N 179 
LEU OXT HXT  sing N N 180 
LYS N   CA   sing N N 181 
LYS N   H    sing N N 182 
LYS N   H2   sing N N 183 
LYS CA  C    sing N N 184 
LYS CA  CB   sing N N 185 
LYS CA  HA   sing N N 186 
LYS C   O    doub N N 187 
LYS C   OXT  sing N N 188 
LYS CB  CG   sing N N 189 
LYS CB  HB2  sing N N 190 
LYS CB  HB3  sing N N 191 
LYS CG  CD   sing N N 192 
LYS CG  HG2  sing N N 193 
LYS CG  HG3  sing N N 194 
LYS CD  CE   sing N N 195 
LYS CD  HD2  sing N N 196 
LYS CD  HD3  sing N N 197 
LYS CE  NZ   sing N N 198 
LYS CE  HE2  sing N N 199 
LYS CE  HE3  sing N N 200 
LYS NZ  HZ1  sing N N 201 
LYS NZ  HZ2  sing N N 202 
LYS NZ  HZ3  sing N N 203 
LYS OXT HXT  sing N N 204 
MET N   CA   sing N N 205 
MET N   H    sing N N 206 
MET N   H2   sing N N 207 
MET CA  C    sing N N 208 
MET CA  CB   sing N N 209 
MET CA  HA   sing N N 210 
MET C   O    doub N N 211 
MET C   OXT  sing N N 212 
MET CB  CG   sing N N 213 
MET CB  HB2  sing N N 214 
MET CB  HB3  sing N N 215 
MET CG  SD   sing N N 216 
MET CG  HG2  sing N N 217 
MET CG  HG3  sing N N 218 
MET SD  CE   sing N N 219 
MET CE  HE1  sing N N 220 
MET CE  HE2  sing N N 221 
MET CE  HE3  sing N N 222 
MET OXT HXT  sing N N 223 
SER N   CA   sing N N 224 
SER N   H    sing N N 225 
SER N   H2   sing N N 226 
SER CA  C    sing N N 227 
SER CA  CB   sing N N 228 
SER CA  HA   sing N N 229 
SER C   O    doub N N 230 
SER C   OXT  sing N N 231 
SER CB  OG   sing N N 232 
SER CB  HB2  sing N N 233 
SER CB  HB3  sing N N 234 
SER OG  HG   sing N N 235 
SER OXT HXT  sing N N 236 
THR N   CA   sing N N 237 
THR N   H    sing N N 238 
THR N   H2   sing N N 239 
THR CA  C    sing N N 240 
THR CA  CB   sing N N 241 
THR CA  HA   sing N N 242 
THR C   O    doub N N 243 
THR C   OXT  sing N N 244 
THR CB  OG1  sing N N 245 
THR CB  CG2  sing N N 246 
THR CB  HB   sing N N 247 
THR OG1 HG1  sing N N 248 
THR CG2 HG21 sing N N 249 
THR CG2 HG22 sing N N 250 
THR CG2 HG23 sing N N 251 
THR OXT HXT  sing N N 252 
TYR N   CA   sing N N 253 
TYR N   H    sing N N 254 
TYR N   H2   sing N N 255 
TYR CA  C    sing N N 256 
TYR CA  CB   sing N N 257 
TYR CA  HA   sing N N 258 
TYR C   O    doub N N 259 
TYR C   OXT  sing N N 260 
TYR CB  CG   sing N N 261 
TYR CB  HB2  sing N N 262 
TYR CB  HB3  sing N N 263 
TYR CG  CD1  doub Y N 264 
TYR CG  CD2  sing Y N 265 
TYR CD1 CE1  sing Y N 266 
TYR CD1 HD1  sing N N 267 
TYR CD2 CE2  doub Y N 268 
TYR CD2 HD2  sing N N 269 
TYR CE1 CZ   doub Y N 270 
TYR CE1 HE1  sing N N 271 
TYR CE2 CZ   sing Y N 272 
TYR CE2 HE2  sing N N 273 
TYR CZ  OH   sing N N 274 
TYR OH  HH   sing N N 275 
TYR OXT HXT  sing N N 276 
VAL N   CA   sing N N 277 
VAL N   H    sing N N 278 
VAL N   H2   sing N N 279 
VAL CA  C    sing N N 280 
VAL CA  CB   sing N N 281 
VAL CA  HA   sing N N 282 
VAL C   O    doub N N 283 
VAL C   OXT  sing N N 284 
VAL CB  CG1  sing N N 285 
VAL CB  CG2  sing N N 286 
VAL CB  HB   sing N N 287 
VAL CG1 HG11 sing N N 288 
VAL CG1 HG12 sing N N 289 
VAL CG1 HG13 sing N N 290 
VAL CG2 HG21 sing N N 291 
VAL CG2 HG22 sing N N 292 
VAL CG2 HG23 sing N N 293 
VAL OXT HXT  sing N N 294 
# 
loop_
_pdbx_entity_nonpoly.entity_id 
_pdbx_entity_nonpoly.name 
_pdbx_entity_nonpoly.comp_id 
2 'CHLORIDE ION' CL  
3 water          HOH 
# 
_pdbx_initial_refinement_model.id               1 
_pdbx_initial_refinement_model.entity_id_list   ? 
_pdbx_initial_refinement_model.type             'experimental model' 
_pdbx_initial_refinement_model.source_name      PDB 
_pdbx_initial_refinement_model.accession_code   2WPQ 
_pdbx_initial_refinement_model.details          'PDB ENTRY 2WPQ' 
# 
